data_9O0J
#
_entry.id   9O0J
#
_cell.length_a   106.703
_cell.length_b   209.062
_cell.length_c   153.846
_cell.angle_alpha   90.000
_cell.angle_beta   90.028
_cell.angle_gamma   90.000
#
_symmetry.space_group_name_H-M   'C 1 2 1'
#
loop_
_entity.id
_entity.type
_entity.pdbx_description
1 polymer 'Membrane protein HtaACR1'
2 non-polymer 'PROTOPORPHYRIN IX CONTAINING FE'
3 non-polymer DI(HYDROXYETHYL)ETHER
4 non-polymer 1,2-ETHANEDIOL
5 non-polymer GLYCEROL
6 water water
#
_entity_poly.entity_id   1
_entity_poly.type   'polypeptide(L)'
_entity_poly.pdbx_seq_one_letter_code
;SFNWGIRQSYRHYILKGAAGKTGGQWATQGIGFSGDKTGIDGAFNFTPGKARIDGNSATIPFPGFIHFKGHDHGSGVYLL
DMTFSDWKVVTHGSTADILVDYVSYDSDMSNTKDRGPKITGDDVVLATINLNTPADPASGSIDLSGSTTLSPEGAKLFIA
YDVGSPLDPTSGTVALDG
;
_entity_poly.pdbx_strand_id   A,B,C,D,E,F,G,H,I,J
#
# COMPACT_ATOMS: atom_id res chain seq x y z
N SER A 1 12.08 -23.91 -13.88
CA SER A 1 11.42 -22.89 -13.06
C SER A 1 10.13 -22.37 -13.69
N PHE A 2 9.06 -22.39 -12.89
CA PHE A 2 7.76 -21.81 -13.25
C PHE A 2 7.63 -20.44 -12.59
N ASN A 3 7.28 -19.41 -13.38
CA ASN A 3 7.27 -18.03 -12.91
C ASN A 3 5.87 -17.44 -13.05
N TRP A 4 5.36 -16.84 -11.97
CA TRP A 4 4.04 -16.23 -11.92
C TRP A 4 3.99 -15.19 -10.80
N GLY A 5 3.50 -14.00 -11.11
CA GLY A 5 3.46 -12.94 -10.11
C GLY A 5 2.12 -12.73 -9.43
N ILE A 6 1.24 -13.73 -9.52
CA ILE A 6 -0.16 -13.71 -9.10
C ILE A 6 -0.89 -12.57 -9.79
N ARG A 7 -0.85 -11.37 -9.23
CA ARG A 7 -1.37 -10.21 -9.94
C ARG A 7 -0.57 -9.01 -9.48
N GLN A 8 -0.16 -8.18 -10.45
CA GLN A 8 0.71 -7.03 -10.20
C GLN A 8 0.05 -6.00 -9.30
N SER A 9 -1.23 -5.75 -9.55
CA SER A 9 -1.97 -4.78 -8.74
C SER A 9 -2.25 -5.31 -7.34
N TYR A 10 -2.28 -6.63 -7.16
CA TYR A 10 -2.40 -7.19 -5.82
C TYR A 10 -1.09 -7.09 -5.05
N ARG A 11 0.05 -7.31 -5.73
CA ARG A 11 1.35 -7.16 -5.08
C ARG A 11 1.63 -5.71 -4.76
N HIS A 12 1.15 -4.79 -5.62
CA HIS A 12 1.23 -3.38 -5.33
C HIS A 12 0.35 -2.97 -4.16
N TYR A 13 -0.79 -3.65 -4.00
CA TYR A 13 -1.70 -3.36 -2.90
C TYR A 13 -1.12 -3.80 -1.56
N ILE A 14 -0.46 -4.96 -1.54
CA ILE A 14 0.11 -5.53 -0.32
C ILE A 14 1.31 -4.69 0.14
N LEU A 15 2.11 -4.18 -0.81
CA LEU A 15 3.32 -3.48 -0.44
C LEU A 15 3.17 -1.96 -0.42
N LYS A 16 2.35 -1.37 -1.29
CA LYS A 16 2.22 0.09 -1.37
C LYS A 16 0.80 0.64 -1.25
N GLY A 17 -0.23 -0.18 -1.32
CA GLY A 17 -1.60 0.30 -1.22
C GLY A 17 -2.05 0.44 0.21
N ALA A 18 -3.35 0.22 0.43
CA ALA A 18 -3.93 0.36 1.76
C ALA A 18 -3.46 -0.75 2.70
N ALA A 19 -3.08 -1.91 2.16
CA ALA A 19 -2.44 -2.92 2.99
C ALA A 19 -1.03 -2.50 3.37
N GLY A 20 -0.30 -1.87 2.44
CA GLY A 20 1.08 -1.49 2.67
C GLY A 20 1.29 -0.33 3.61
N LYS A 21 0.30 0.54 3.73
CA LYS A 21 0.37 1.65 4.67
C LYS A 21 0.02 1.26 6.09
N THR A 22 -0.39 0.01 6.32
CA THR A 22 -0.82 -0.52 7.60
C THR A 22 -0.10 -1.82 7.93
N GLY A 23 1.20 -1.87 7.64
CA GLY A 23 2.02 -3.01 7.99
C GLY A 23 2.10 -4.09 6.94
N GLY A 24 1.92 -3.76 5.67
CA GLY A 24 1.87 -4.76 4.62
C GLY A 24 3.22 -5.29 4.26
N GLN A 25 3.26 -6.59 3.96
CA GLN A 25 4.48 -7.36 3.80
C GLN A 25 4.14 -8.66 3.10
N TRP A 26 5.17 -9.35 2.61
CA TRP A 26 5.01 -10.76 2.30
C TRP A 26 6.25 -11.54 2.75
N ALA A 27 6.07 -12.85 2.89
CA ALA A 27 7.16 -13.78 3.18
C ALA A 27 6.92 -15.09 2.43
N THR A 28 8.01 -15.73 1.99
CA THR A 28 7.95 -17.01 1.30
C THR A 28 8.90 -18.02 1.95
N GLN A 29 8.64 -19.30 1.69
CA GLN A 29 9.61 -20.40 1.89
C GLN A 29 9.61 -21.26 0.64
N GLY A 30 10.80 -21.64 0.14
CA GLY A 30 10.90 -22.52 -1.01
C GLY A 30 10.70 -21.87 -2.36
N ILE A 31 10.20 -20.62 -2.37
CA ILE A 31 9.82 -19.84 -3.54
C ILE A 31 10.63 -18.55 -3.52
N GLY A 32 11.23 -18.20 -4.67
CA GLY A 32 11.96 -16.97 -4.81
C GLY A 32 11.13 -15.86 -5.47
N PHE A 33 11.82 -14.78 -5.81
CA PHE A 33 11.19 -13.67 -6.50
C PHE A 33 12.23 -13.00 -7.37
N SER A 34 11.84 -12.65 -8.59
CA SER A 34 12.68 -11.89 -9.51
C SER A 34 11.88 -10.73 -10.09
N GLY A 35 12.54 -9.61 -10.33
CA GLY A 35 11.89 -8.49 -10.97
C GLY A 35 11.44 -7.41 -10.01
N ASP A 36 10.65 -6.48 -10.55
CA ASP A 36 10.08 -5.42 -9.73
C ASP A 36 8.96 -5.97 -8.86
N LYS A 37 9.03 -5.66 -7.55
CA LYS A 37 8.15 -6.20 -6.51
C LYS A 37 6.70 -5.78 -6.71
N THR A 38 6.50 -4.57 -7.23
CA THR A 38 5.18 -4.03 -7.58
C THR A 38 5.05 -3.81 -9.08
N GLY A 39 5.90 -4.44 -9.90
CA GLY A 39 5.93 -4.19 -11.31
C GLY A 39 5.39 -5.33 -12.17
N ILE A 40 5.38 -5.07 -13.48
CA ILE A 40 4.74 -5.98 -14.44
C ILE A 40 5.57 -7.24 -14.63
N ASP A 41 6.90 -7.10 -14.65
CA ASP A 41 7.77 -8.24 -14.85
C ASP A 41 8.05 -9.04 -13.58
N GLY A 42 7.53 -8.62 -12.43
CA GLY A 42 7.84 -9.31 -11.19
C GLY A 42 7.08 -10.61 -11.08
N ALA A 43 7.77 -11.65 -10.61
CA ALA A 43 7.19 -12.98 -10.55
C ALA A 43 7.82 -13.77 -9.43
N PHE A 44 6.98 -14.53 -8.73
CA PHE A 44 7.44 -15.56 -7.82
C PHE A 44 7.99 -16.72 -8.64
N ASN A 45 9.02 -17.38 -8.11
CA ASN A 45 9.74 -18.43 -8.83
C ASN A 45 9.52 -19.79 -8.16
N PHE A 46 8.85 -20.69 -8.86
CA PHE A 46 8.45 -21.98 -8.34
C PHE A 46 9.34 -23.06 -8.94
N THR A 47 9.90 -23.90 -8.06
CA THR A 47 10.80 -24.99 -8.44
C THR A 47 10.03 -26.30 -8.46
N PRO A 48 10.03 -27.04 -9.57
CA PRO A 48 9.18 -28.23 -9.67
C PRO A 48 9.69 -29.42 -8.88
N GLY A 49 8.73 -30.21 -8.39
CA GLY A 49 9.01 -31.50 -7.82
C GLY A 49 8.84 -32.61 -8.84
N LYS A 50 8.67 -33.82 -8.34
CA LYS A 50 8.49 -34.96 -9.22
C LYS A 50 7.07 -34.96 -9.75
N ALA A 51 6.93 -34.85 -11.07
CA ALA A 51 5.62 -34.80 -11.69
C ALA A 51 4.95 -36.19 -11.68
N ARG A 52 3.63 -36.18 -11.86
CA ARG A 52 2.84 -37.41 -11.91
C ARG A 52 1.99 -37.38 -13.17
N ILE A 53 2.05 -38.45 -13.96
CA ILE A 53 1.50 -38.50 -15.32
C ILE A 53 0.30 -39.44 -15.33
N ASP A 54 -0.80 -38.99 -15.93
CA ASP A 54 -2.01 -39.78 -16.14
C ASP A 54 -2.41 -39.58 -17.60
N GLY A 55 -1.79 -40.32 -18.51
CA GLY A 55 -2.12 -40.14 -19.90
C GLY A 55 -1.50 -38.90 -20.50
N ASN A 56 -2.34 -37.93 -20.88
CA ASN A 56 -1.91 -36.63 -21.37
C ASN A 56 -2.06 -35.53 -20.34
N SER A 57 -2.13 -35.89 -19.06
CA SER A 57 -2.35 -34.93 -17.98
C SER A 57 -1.20 -35.09 -17.00
N ALA A 58 -0.39 -34.03 -16.86
CA ALA A 58 0.68 -33.98 -15.88
C ALA A 58 0.26 -33.15 -14.67
N THR A 59 0.52 -33.65 -13.46
CA THR A 59 0.34 -32.90 -12.21
C THR A 59 1.73 -32.59 -11.66
N ILE A 60 2.15 -31.33 -11.74
CA ILE A 60 3.51 -30.94 -11.35
C ILE A 60 3.46 -30.23 -10.00
N PRO A 61 4.09 -30.76 -8.95
CA PRO A 61 4.13 -30.06 -7.67
C PRO A 61 5.27 -29.07 -7.56
N PHE A 62 5.02 -28.05 -6.74
CA PHE A 62 5.97 -26.98 -6.45
C PHE A 62 5.95 -26.76 -4.94
N PRO A 63 6.99 -27.14 -4.21
CA PRO A 63 6.95 -26.99 -2.75
C PRO A 63 7.08 -25.56 -2.26
N GLY A 64 6.47 -25.30 -1.13
CA GLY A 64 6.66 -24.07 -0.42
C GLY A 64 5.38 -23.30 -0.24
N PHE A 65 5.52 -22.12 0.37
CA PHE A 65 4.38 -21.26 0.56
C PHE A 65 4.71 -19.81 0.26
N ILE A 66 3.65 -19.03 0.06
CA ILE A 66 3.65 -17.58 -0.02
C ILE A 66 2.68 -17.06 1.04
N HIS A 67 3.15 -16.18 1.90
CA HIS A 67 2.37 -15.66 3.02
C HIS A 67 2.25 -14.15 2.86
N PHE A 68 1.05 -13.65 2.58
CA PHE A 68 0.77 -12.22 2.52
C PHE A 68 0.14 -11.74 3.80
N LYS A 69 0.57 -10.56 4.27
CA LYS A 69 -0.03 -9.95 5.45
C LYS A 69 -0.19 -8.45 5.24
N GLY A 70 -1.15 -7.89 5.97
CA GLY A 70 -1.43 -6.47 5.92
C GLY A 70 -2.53 -6.14 6.89
N HIS A 71 -2.81 -4.84 6.97
CA HIS A 71 -3.92 -4.23 7.72
C HIS A 71 -3.81 -4.48 9.23
N ASP A 72 -2.69 -4.04 9.80
CA ASP A 72 -2.61 -3.83 11.25
C ASP A 72 -3.07 -2.40 11.51
N HIS A 73 -4.25 -2.28 12.09
CA HIS A 73 -4.84 -0.99 12.44
C HIS A 73 -4.77 -0.72 13.94
N GLY A 74 -3.70 -1.18 14.59
CA GLY A 74 -3.45 -0.87 15.97
C GLY A 74 -3.99 -1.86 16.97
N SER A 75 -4.77 -2.84 16.54
CA SER A 75 -5.34 -3.79 17.48
C SER A 75 -4.38 -4.92 17.86
N GLY A 76 -3.19 -4.97 17.27
CA GLY A 76 -2.27 -6.06 17.54
C GLY A 76 -2.45 -7.27 16.66
N VAL A 77 -3.38 -7.22 15.72
CA VAL A 77 -3.77 -8.35 14.88
C VAL A 77 -3.72 -7.88 13.43
N TYR A 78 -3.16 -8.72 12.55
CA TYR A 78 -3.23 -8.48 11.11
C TYR A 78 -4.61 -8.92 10.64
N LEU A 79 -5.35 -7.97 10.06
CA LEU A 79 -6.67 -8.26 9.54
C LEU A 79 -6.61 -8.93 8.18
N LEU A 80 -5.56 -8.69 7.41
CA LEU A 80 -5.26 -9.45 6.20
C LEU A 80 -4.14 -10.41 6.54
N ASP A 81 -4.36 -11.69 6.26
CA ASP A 81 -3.44 -12.76 6.66
C ASP A 81 -3.74 -13.92 5.70
N MET A 82 -3.00 -13.99 4.61
CA MET A 82 -3.32 -14.88 3.49
C MET A 82 -2.14 -15.78 3.15
N THR A 83 -2.29 -17.09 3.37
CA THR A 83 -1.24 -18.06 3.13
C THR A 83 -1.60 -18.97 1.95
N PHE A 84 -0.67 -19.13 0.98
CA PHE A 84 -0.86 -19.98 -0.19
C PHE A 84 0.18 -21.10 -0.18
N SER A 85 -0.20 -22.37 0.07
CA SER A 85 0.74 -23.49 0.00
C SER A 85 0.16 -24.62 -0.85
N ASP A 86 0.94 -25.71 -0.98
CA ASP A 86 0.62 -26.90 -1.81
C ASP A 86 0.35 -26.52 -3.27
N TRP A 87 1.32 -25.83 -3.85
CA TRP A 87 1.21 -25.39 -5.23
C TRP A 87 1.34 -26.58 -6.16
N LYS A 88 0.39 -26.71 -7.07
CA LYS A 88 0.48 -27.74 -8.11
C LYS A 88 -0.18 -27.20 -9.37
N VAL A 89 0.28 -27.69 -10.52
CA VAL A 89 -0.29 -27.37 -11.82
C VAL A 89 -0.70 -28.66 -12.51
N VAL A 90 -2.00 -28.79 -12.84
CA VAL A 90 -2.54 -29.93 -13.58
C VAL A 90 -2.85 -29.50 -15.00
N THR A 91 -2.24 -30.17 -15.99
CA THR A 91 -2.43 -29.80 -17.38
C THR A 91 -3.63 -30.55 -17.95
N HIS A 92 -4.35 -29.89 -18.83
CA HIS A 92 -5.55 -30.41 -19.45
C HIS A 92 -5.50 -30.16 -20.95
N GLY A 93 -4.36 -30.43 -21.56
CA GLY A 93 -4.16 -30.20 -22.98
C GLY A 93 -3.70 -28.76 -23.26
N SER A 94 -4.61 -27.94 -23.78
CA SER A 94 -4.32 -26.55 -24.08
C SER A 94 -4.54 -25.61 -22.91
N THR A 95 -5.12 -26.08 -21.81
CA THR A 95 -5.23 -25.25 -20.61
C THR A 95 -4.53 -25.97 -19.47
N ALA A 96 -4.18 -25.21 -18.43
CA ALA A 96 -3.64 -25.78 -17.21
C ALA A 96 -4.24 -25.06 -16.00
N ASP A 97 -4.54 -25.81 -14.95
CA ASP A 97 -5.12 -25.21 -13.75
C ASP A 97 -4.05 -25.04 -12.68
N ILE A 98 -4.08 -23.92 -11.97
CA ILE A 98 -3.15 -23.71 -10.86
C ILE A 98 -3.89 -23.97 -9.56
N LEU A 99 -3.40 -24.94 -8.80
CA LEU A 99 -4.04 -25.42 -7.60
C LEU A 99 -3.24 -25.00 -6.38
N VAL A 100 -3.94 -24.61 -5.30
CA VAL A 100 -3.33 -24.19 -4.05
C VAL A 100 -4.11 -24.75 -2.87
N ASP A 101 -3.48 -24.71 -1.70
CA ASP A 101 -4.16 -24.79 -0.41
C ASP A 101 -4.08 -23.40 0.25
N TYR A 102 -5.22 -22.82 0.61
CA TYR A 102 -5.19 -21.49 1.19
C TYR A 102 -5.66 -21.47 2.65
N VAL A 103 -5.17 -20.48 3.38
CA VAL A 103 -5.72 -20.04 4.65
C VAL A 103 -5.83 -18.53 4.57
N SER A 104 -7.04 -18.00 4.74
CA SER A 104 -7.26 -16.56 4.68
C SER A 104 -8.39 -16.19 5.63
N TYR A 105 -8.78 -14.92 5.59
CA TYR A 105 -9.82 -14.38 6.46
C TYR A 105 -10.70 -13.42 5.64
N ASP A 106 -12.02 -13.53 5.80
CA ASP A 106 -12.96 -12.67 5.11
C ASP A 106 -13.00 -11.26 5.73
N SER A 107 -13.45 -10.28 4.95
CA SER A 107 -13.53 -8.90 5.44
C SER A 107 -14.55 -8.11 4.63
N ASP A 108 -15.21 -7.17 5.32
CA ASP A 108 -16.09 -6.20 4.68
C ASP A 108 -15.36 -4.92 4.31
N MET A 109 -14.04 -4.88 4.60
CA MET A 109 -13.11 -3.77 4.36
C MET A 109 -13.56 -2.49 5.07
N SER A 110 -14.11 -2.63 6.27
CA SER A 110 -14.56 -1.48 7.05
C SER A 110 -14.17 -1.56 8.52
N ASN A 111 -14.37 -2.74 9.11
CA ASN A 111 -14.05 -2.98 10.51
C ASN A 111 -12.54 -3.03 10.70
N THR A 112 -12.02 -2.08 11.47
CA THR A 112 -10.60 -1.98 11.76
C THR A 112 -10.22 -2.52 13.13
N LYS A 113 -11.12 -3.22 13.81
CA LYS A 113 -10.70 -3.89 15.04
C LYS A 113 -10.85 -5.39 14.93
N ASP A 114 -11.98 -5.87 14.42
CA ASP A 114 -12.28 -7.29 14.39
C ASP A 114 -11.81 -7.92 13.10
N ARG A 115 -10.98 -8.96 13.23
CA ARG A 115 -10.70 -9.85 12.11
C ARG A 115 -11.94 -10.67 11.80
N GLY A 116 -12.24 -10.79 10.50
CA GLY A 116 -13.34 -11.61 10.08
C GLY A 116 -13.04 -13.09 10.15
N PRO A 117 -14.01 -13.92 9.73
CA PRO A 117 -13.85 -15.37 9.89
C PRO A 117 -12.82 -16.00 8.95
N LYS A 118 -12.16 -17.04 9.48
CA LYS A 118 -11.17 -17.84 8.75
C LYS A 118 -11.85 -18.55 7.59
N ILE A 119 -11.20 -18.53 6.44
CA ILE A 119 -11.59 -19.36 5.31
C ILE A 119 -10.39 -20.21 4.91
N THR A 120 -10.63 -21.48 4.62
CA THR A 120 -9.59 -22.35 4.07
C THR A 120 -10.11 -22.95 2.77
N GLY A 121 -9.19 -23.47 1.98
CA GLY A 121 -9.58 -24.22 0.81
C GLY A 121 -8.46 -25.18 0.47
N ASP A 122 -8.75 -26.46 0.29
CA ASP A 122 -7.73 -27.45 -0.03
C ASP A 122 -7.96 -27.98 -1.44
N ASP A 123 -6.88 -28.00 -2.25
CA ASP A 123 -6.86 -28.40 -3.66
C ASP A 123 -7.84 -27.57 -4.49
N VAL A 124 -7.86 -26.30 -4.20
CA VAL A 124 -8.76 -25.34 -4.82
C VAL A 124 -8.07 -24.83 -6.06
N VAL A 125 -8.81 -24.72 -7.16
CA VAL A 125 -8.22 -24.13 -8.37
C VAL A 125 -8.20 -22.63 -8.13
N LEU A 126 -7.03 -22.03 -8.24
CA LEU A 126 -6.93 -20.59 -8.07
C LEU A 126 -7.06 -19.86 -9.40
N ALA A 127 -6.49 -20.44 -10.46
CA ALA A 127 -6.42 -19.79 -11.76
C ALA A 127 -6.29 -20.84 -12.86
N THR A 128 -6.54 -20.41 -14.09
CA THR A 128 -6.40 -21.26 -15.26
C THR A 128 -5.52 -20.57 -16.29
N ILE A 129 -4.49 -21.27 -16.75
CA ILE A 129 -3.60 -20.74 -17.78
C ILE A 129 -4.15 -21.13 -19.14
N ASN A 130 -4.38 -20.13 -19.99
CA ASN A 130 -4.55 -20.35 -21.43
C ASN A 130 -3.14 -20.46 -21.98
N LEU A 131 -2.71 -21.69 -22.25
CA LEU A 131 -1.32 -21.93 -22.60
C LEU A 131 -1.01 -21.46 -24.02
N ASN A 132 0.22 -20.96 -24.20
CA ASN A 132 0.68 -20.55 -25.53
C ASN A 132 0.87 -21.75 -26.44
N THR A 133 1.43 -22.84 -25.90
CA THR A 133 1.59 -24.13 -26.57
C THR A 133 0.91 -25.22 -25.74
N PRO A 134 0.28 -26.22 -26.37
CA PRO A 134 -0.42 -27.28 -25.59
C PRO A 134 0.55 -28.21 -24.87
N ALA A 135 0.14 -28.66 -23.70
CA ALA A 135 1.03 -29.42 -22.83
C ALA A 135 0.99 -30.90 -23.18
N ASP A 136 2.15 -31.46 -23.52
CA ASP A 136 2.32 -32.87 -23.84
C ASP A 136 3.27 -33.51 -22.85
N PRO A 137 2.80 -34.40 -21.97
CA PRO A 137 3.71 -35.05 -21.02
C PRO A 137 4.65 -36.06 -21.65
N ALA A 138 4.35 -36.57 -22.84
CA ALA A 138 5.22 -37.56 -23.49
C ALA A 138 6.50 -36.96 -24.07
N SER A 139 6.57 -35.63 -24.23
CA SER A 139 7.76 -34.97 -24.74
C SER A 139 8.82 -34.72 -23.66
N GLY A 140 8.50 -34.95 -22.39
CA GLY A 140 9.42 -34.78 -21.29
C GLY A 140 9.49 -33.38 -20.67
N SER A 141 8.93 -32.37 -21.31
CA SER A 141 8.97 -31.01 -20.80
C SER A 141 7.65 -30.33 -21.08
N ILE A 142 7.25 -29.41 -20.19
CA ILE A 142 6.00 -28.66 -20.37
C ILE A 142 6.31 -27.17 -20.24
N ASP A 143 6.01 -26.42 -21.30
CA ASP A 143 6.09 -24.97 -21.30
C ASP A 143 4.81 -24.45 -20.68
N LEU A 144 4.94 -23.62 -19.64
CA LEU A 144 3.80 -23.13 -18.91
C LEU A 144 3.52 -21.66 -19.20
N SER A 145 4.06 -21.10 -20.28
CA SER A 145 3.83 -19.69 -20.58
C SER A 145 2.42 -19.51 -21.13
N GLY A 146 1.80 -18.41 -20.77
CA GLY A 146 0.44 -18.16 -21.19
C GLY A 146 -0.18 -17.10 -20.32
N SER A 147 -1.45 -16.82 -20.60
CA SER A 147 -2.25 -15.85 -19.86
C SER A 147 -3.17 -16.53 -18.85
N THR A 148 -3.49 -15.82 -17.76
CA THR A 148 -4.23 -16.43 -16.66
C THR A 148 -5.51 -15.67 -16.35
N THR A 149 -6.53 -16.40 -15.89
CA THR A 149 -7.77 -15.81 -15.41
C THR A 149 -8.14 -16.38 -14.05
N LEU A 150 -8.82 -15.58 -13.24
CA LEU A 150 -9.14 -15.96 -11.88
C LEU A 150 -10.36 -16.88 -11.84
N SER A 151 -10.26 -17.92 -11.01
CA SER A 151 -11.26 -18.95 -10.87
C SER A 151 -12.43 -18.43 -10.03
N PRO A 152 -13.58 -19.14 -10.01
CA PRO A 152 -14.64 -18.79 -9.06
C PRO A 152 -14.27 -18.95 -7.59
N GLU A 153 -13.33 -19.84 -7.27
CA GLU A 153 -12.98 -20.10 -5.88
C GLU A 153 -11.92 -19.14 -5.37
N GLY A 154 -10.99 -18.75 -6.24
CA GLY A 154 -10.06 -17.69 -5.92
C GLY A 154 -10.70 -16.33 -5.84
N ALA A 155 -11.80 -16.13 -6.57
CA ALA A 155 -12.52 -14.88 -6.51
C ALA A 155 -13.24 -14.70 -5.17
N LYS A 156 -13.62 -15.79 -4.51
CA LYS A 156 -14.09 -15.68 -3.14
C LYS A 156 -12.94 -15.30 -2.22
N LEU A 157 -11.75 -15.81 -2.53
CA LEU A 157 -10.56 -15.60 -1.72
C LEU A 157 -10.04 -14.17 -1.84
N PHE A 158 -10.00 -13.61 -3.05
CA PHE A 158 -9.48 -12.28 -3.25
C PHE A 158 -10.51 -11.18 -3.05
N ILE A 159 -11.81 -11.52 -3.01
CA ILE A 159 -12.96 -10.67 -2.70
C ILE A 159 -13.20 -9.57 -3.74
N ALA A 160 -12.22 -8.69 -3.94
CA ALA A 160 -12.41 -7.49 -4.75
C ALA A 160 -12.44 -7.74 -6.26
N TYR A 161 -12.05 -8.92 -6.76
CA TYR A 161 -11.99 -9.12 -8.20
C TYR A 161 -13.16 -9.94 -8.72
N ASP A 162 -13.50 -9.72 -9.99
CA ASP A 162 -14.53 -10.49 -10.69
C ASP A 162 -14.04 -11.88 -11.07
N VAL A 163 -14.99 -12.78 -11.26
CA VAL A 163 -14.72 -14.11 -11.79
C VAL A 163 -14.30 -13.99 -13.25
N GLY A 164 -13.16 -14.55 -13.57
CA GLY A 164 -12.62 -14.43 -14.91
C GLY A 164 -11.81 -13.19 -15.13
N SER A 165 -11.42 -12.49 -14.05
CA SER A 165 -10.54 -11.33 -14.16
C SER A 165 -9.17 -11.81 -14.60
N PRO A 166 -8.45 -11.04 -15.42
CA PRO A 166 -7.10 -11.46 -15.82
C PRO A 166 -6.16 -11.31 -14.66
N LEU A 167 -5.21 -12.24 -14.58
CA LEU A 167 -4.16 -12.18 -13.58
C LEU A 167 -2.84 -11.98 -14.33
N ASP A 168 -1.72 -12.15 -13.63
CA ASP A 168 -0.41 -12.01 -14.28
C ASP A 168 -0.16 -13.17 -15.24
N PRO A 169 0.54 -12.94 -16.36
CA PRO A 169 0.89 -14.05 -17.23
C PRO A 169 2.02 -14.90 -16.65
N THR A 170 2.05 -16.18 -17.04
CA THR A 170 3.03 -17.14 -16.58
C THR A 170 4.16 -17.33 -17.58
N SER A 171 5.25 -17.96 -17.13
CA SER A 171 6.33 -18.34 -18.03
C SER A 171 7.07 -19.53 -17.46
N GLY A 172 7.97 -20.08 -18.25
CA GLY A 172 8.90 -21.10 -17.82
C GLY A 172 8.58 -22.51 -18.33
N THR A 173 9.63 -23.23 -18.69
CA THR A 173 9.53 -24.62 -19.12
C THR A 173 10.15 -25.48 -18.03
N VAL A 174 9.37 -26.39 -17.48
CA VAL A 174 9.84 -27.29 -16.45
C VAL A 174 9.94 -28.71 -17.01
N ALA A 175 10.90 -29.46 -16.47
CA ALA A 175 11.04 -30.87 -16.76
C ALA A 175 10.28 -31.66 -15.70
N LEU A 176 9.99 -32.92 -15.99
CA LEU A 176 9.07 -33.68 -15.17
C LEU A 176 9.76 -34.67 -14.24
N ASP A 177 11.10 -34.68 -14.22
CA ASP A 177 11.88 -35.73 -13.58
C ASP A 177 11.90 -35.63 -12.06
N GLY A 178 11.96 -34.41 -11.52
CA GLY A 178 12.05 -34.23 -10.08
C GLY A 178 12.75 -32.95 -9.64
N SER B 1 -11.67 -26.96 21.73
CA SER B 1 -11.77 -27.28 20.31
C SER B 1 -12.21 -28.73 20.10
N PHE B 2 -13.24 -28.94 19.28
CA PHE B 2 -13.71 -30.26 18.89
C PHE B 2 -13.06 -30.65 17.57
N ASN B 3 -12.46 -31.83 17.50
CA ASN B 3 -11.69 -32.23 16.33
C ASN B 3 -12.25 -33.53 15.75
N TRP B 4 -12.52 -33.53 14.45
CA TRP B 4 -13.07 -34.68 13.77
C TRP B 4 -12.68 -34.61 12.30
N GLY B 5 -12.14 -35.70 11.77
CA GLY B 5 -11.78 -35.69 10.37
C GLY B 5 -12.82 -36.33 9.47
N ILE B 6 -14.03 -36.53 10.01
CA ILE B 6 -15.18 -37.25 9.45
C ILE B 6 -14.82 -38.70 9.11
N ARG B 7 -14.16 -38.94 7.99
CA ARG B 7 -13.70 -40.26 7.60
C ARG B 7 -12.43 -40.09 6.81
N GLN B 8 -11.39 -40.87 7.14
CA GLN B 8 -10.08 -40.70 6.52
C GLN B 8 -10.10 -41.09 5.07
N SER B 9 -10.79 -42.20 4.76
CA SER B 9 -10.91 -42.68 3.39
C SER B 9 -11.80 -41.81 2.55
N TYR B 10 -12.71 -41.07 3.18
CA TYR B 10 -13.50 -40.09 2.43
C TYR B 10 -12.65 -38.88 2.08
N ARG B 11 -11.80 -38.43 3.02
CA ARG B 11 -10.89 -37.31 2.77
C ARG B 11 -9.84 -37.66 1.72
N HIS B 12 -9.42 -38.92 1.67
CA HIS B 12 -8.55 -39.37 0.60
C HIS B 12 -9.30 -39.44 -0.73
N TYR B 13 -10.59 -39.80 -0.70
CA TYR B 13 -11.39 -39.89 -1.93
C TYR B 13 -11.63 -38.53 -2.54
N ILE B 14 -11.89 -37.53 -1.69
CA ILE B 14 -12.19 -36.16 -2.10
C ILE B 14 -10.93 -35.46 -2.63
N LEU B 15 -9.78 -35.70 -2.03
CA LEU B 15 -8.56 -34.99 -2.41
C LEU B 15 -7.66 -35.78 -3.34
N LYS B 16 -7.62 -37.12 -3.26
CA LYS B 16 -6.70 -37.88 -4.10
C LYS B 16 -7.36 -38.94 -4.96
N GLY B 17 -8.58 -39.39 -4.64
CA GLY B 17 -9.24 -40.47 -5.34
C GLY B 17 -9.92 -40.00 -6.60
N ALA B 18 -11.03 -40.68 -6.95
CA ALA B 18 -11.73 -40.39 -8.20
C ALA B 18 -12.40 -39.02 -8.20
N ALA B 19 -12.81 -38.54 -7.03
CA ALA B 19 -13.27 -37.15 -6.96
C ALA B 19 -12.09 -36.20 -7.07
N GLY B 20 -10.97 -36.56 -6.46
CA GLY B 20 -9.78 -35.72 -6.47
C GLY B 20 -9.07 -35.65 -7.80
N LYS B 21 -9.28 -36.66 -8.65
CA LYS B 21 -8.79 -36.67 -10.03
C LYS B 21 -9.68 -35.88 -10.97
N THR B 22 -10.85 -35.42 -10.49
CA THR B 22 -11.85 -34.73 -11.30
C THR B 22 -12.28 -33.44 -10.64
N GLY B 23 -11.33 -32.70 -10.10
CA GLY B 23 -11.60 -31.40 -9.52
C GLY B 23 -11.97 -31.41 -8.06
N GLY B 24 -11.56 -32.44 -7.31
CA GLY B 24 -11.98 -32.57 -5.95
C GLY B 24 -11.24 -31.64 -5.01
N GLN B 25 -11.97 -31.16 -4.03
CA GLN B 25 -11.53 -30.08 -3.18
C GLN B 25 -12.42 -30.02 -1.96
N TRP B 26 -12.00 -29.23 -0.99
CA TRP B 26 -12.92 -28.74 -0.01
C TRP B 26 -12.63 -27.28 0.28
N ALA B 27 -13.59 -26.64 0.92
CA ALA B 27 -13.43 -25.30 1.42
C ALA B 27 -14.19 -25.20 2.73
N THR B 28 -13.65 -24.44 3.67
CA THR B 28 -14.32 -24.20 4.94
C THR B 28 -14.43 -22.70 5.21
N GLN B 29 -15.35 -22.35 6.10
CA GLN B 29 -15.40 -21.05 6.77
C GLN B 29 -15.59 -21.29 8.25
N GLY B 30 -14.82 -20.61 9.10
CA GLY B 30 -14.96 -20.72 10.54
C GLY B 30 -14.33 -21.95 11.16
N ILE B 31 -14.02 -22.97 10.36
CA ILE B 31 -13.52 -24.26 10.79
C ILE B 31 -12.14 -24.42 10.16
N GLY B 32 -11.15 -24.80 10.98
CA GLY B 32 -9.80 -24.98 10.50
C GLY B 32 -9.52 -26.42 10.14
N PHE B 33 -8.24 -26.70 9.90
CA PHE B 33 -7.81 -28.06 9.61
C PHE B 33 -6.39 -28.23 10.15
N SER B 34 -6.12 -29.37 10.78
CA SER B 34 -4.78 -29.68 11.28
C SER B 34 -4.42 -31.12 10.96
N GLY B 35 -3.16 -31.36 10.66
CA GLY B 35 -2.68 -32.70 10.42
C GLY B 35 -2.56 -33.00 8.95
N ASP B 36 -2.27 -34.27 8.66
CA ASP B 36 -2.22 -34.72 7.28
C ASP B 36 -3.63 -34.78 6.71
N LYS B 37 -3.80 -34.20 5.51
CA LYS B 37 -5.12 -34.00 4.92
C LYS B 37 -5.81 -35.30 4.57
N THR B 38 -5.04 -36.29 4.15
CA THR B 38 -5.55 -37.61 3.82
C THR B 38 -5.04 -38.67 4.80
N GLY B 39 -4.51 -38.24 5.94
CA GLY B 39 -3.88 -39.13 6.90
C GLY B 39 -4.72 -39.30 8.15
N ILE B 40 -4.20 -40.14 9.04
CA ILE B 40 -4.95 -40.54 10.23
C ILE B 40 -5.03 -39.40 11.25
N ASP B 41 -4.02 -38.51 11.29
CA ASP B 41 -3.99 -37.43 12.27
C ASP B 41 -4.82 -36.23 11.85
N GLY B 42 -5.39 -36.23 10.64
CA GLY B 42 -6.11 -35.08 10.16
C GLY B 42 -7.51 -34.95 10.75
N ALA B 43 -7.85 -33.72 11.10
CA ALA B 43 -9.11 -33.38 11.72
C ALA B 43 -9.46 -31.95 11.37
N PHE B 44 -10.73 -31.70 11.08
CA PHE B 44 -11.24 -30.35 11.03
C PHE B 44 -11.37 -29.79 12.44
N ASN B 45 -11.14 -28.48 12.58
CA ASN B 45 -11.04 -27.84 13.89
C ASN B 45 -12.25 -26.96 14.14
N PHE B 46 -13.10 -27.38 15.08
CA PHE B 46 -14.37 -26.72 15.37
C PHE B 46 -14.28 -25.91 16.66
N THR B 47 -14.64 -24.64 16.60
CA THR B 47 -14.58 -23.76 17.75
C THR B 47 -15.98 -23.63 18.33
N PRO B 48 -16.18 -23.93 19.61
CA PRO B 48 -17.53 -23.91 20.18
C PRO B 48 -18.03 -22.52 20.56
N GLY B 49 -19.35 -22.37 20.44
CA GLY B 49 -20.08 -21.28 21.06
C GLY B 49 -20.73 -21.76 22.36
N LYS B 50 -21.62 -20.93 22.90
CA LYS B 50 -22.26 -21.21 24.18
C LYS B 50 -23.32 -22.29 24.03
N ALA B 51 -23.35 -23.24 24.97
CA ALA B 51 -24.23 -24.39 24.90
C ALA B 51 -25.60 -24.13 25.54
N ARG B 52 -26.59 -24.93 25.12
CA ARG B 52 -27.91 -24.96 25.75
C ARG B 52 -27.99 -26.18 26.67
N ILE B 53 -28.33 -25.94 27.93
CA ILE B 53 -28.49 -27.01 28.91
C ILE B 53 -29.93 -27.47 28.91
N ASP B 54 -30.13 -28.81 28.84
CA ASP B 54 -31.44 -29.43 28.83
C ASP B 54 -31.39 -30.70 29.70
N GLY B 55 -31.21 -30.50 31.00
CA GLY B 55 -31.09 -31.60 31.96
C GLY B 55 -29.64 -32.07 32.07
N ASN B 56 -29.39 -33.31 31.69
CA ASN B 56 -28.04 -33.85 31.55
C ASN B 56 -27.60 -33.92 30.10
N SER B 57 -28.22 -33.11 29.24
CA SER B 57 -27.95 -33.12 27.81
C SER B 57 -27.54 -31.71 27.40
N ALA B 58 -26.29 -31.55 26.98
CA ALA B 58 -25.79 -30.28 26.48
C ALA B 58 -25.72 -30.27 24.95
N THR B 59 -26.23 -29.20 24.34
CA THR B 59 -26.15 -29.00 22.89
C THR B 59 -25.15 -27.90 22.59
N ILE B 60 -24.02 -28.25 22.00
CA ILE B 60 -22.90 -27.33 21.78
C ILE B 60 -22.85 -26.94 20.30
N PRO B 61 -23.03 -25.68 19.94
CA PRO B 61 -22.97 -25.30 18.53
C PRO B 61 -21.56 -25.04 18.06
N PHE B 62 -21.36 -25.20 16.77
CA PHE B 62 -20.06 -24.94 16.15
C PHE B 62 -20.35 -24.14 14.88
N PRO B 63 -19.99 -22.85 14.86
CA PRO B 63 -20.28 -22.05 13.68
C PRO B 63 -19.36 -22.40 12.52
N GLY B 64 -19.92 -22.28 11.34
CA GLY B 64 -19.18 -22.37 10.11
C GLY B 64 -19.67 -23.48 9.21
N PHE B 65 -19.01 -23.61 8.07
CA PHE B 65 -19.35 -24.69 7.17
C PHE B 65 -18.11 -25.37 6.61
N ILE B 66 -18.34 -26.57 6.08
CA ILE B 66 -17.39 -27.33 5.28
C ILE B 66 -18.10 -27.69 3.98
N HIS B 67 -17.50 -27.38 2.84
CA HIS B 67 -18.09 -27.63 1.54
C HIS B 67 -17.18 -28.57 0.76
N PHE B 68 -17.66 -29.78 0.44
CA PHE B 68 -16.94 -30.72 -0.42
C PHE B 68 -17.47 -30.66 -1.84
N LYS B 69 -16.56 -30.70 -2.80
CA LYS B 69 -16.93 -30.69 -4.21
C LYS B 69 -16.07 -31.68 -4.98
N GLY B 70 -16.59 -32.15 -6.10
CA GLY B 70 -15.84 -33.08 -6.91
C GLY B 70 -16.63 -33.47 -8.13
N HIS B 71 -15.96 -34.25 -8.98
CA HIS B 71 -16.48 -34.89 -10.19
C HIS B 71 -16.93 -33.83 -11.23
N ASP B 72 -16.00 -32.96 -11.57
CA ASP B 72 -16.15 -32.11 -12.75
C ASP B 72 -15.53 -32.85 -13.93
N HIS B 73 -16.38 -33.41 -14.79
CA HIS B 73 -15.95 -34.24 -15.91
C HIS B 73 -15.96 -33.48 -17.24
N GLY B 74 -15.65 -32.19 -17.20
CA GLY B 74 -15.58 -31.40 -18.40
C GLY B 74 -16.87 -30.73 -18.77
N SER B 75 -17.96 -31.06 -18.07
CA SER B 75 -19.28 -30.50 -18.29
C SER B 75 -19.52 -29.21 -17.51
N GLY B 76 -18.56 -28.79 -16.69
CA GLY B 76 -18.68 -27.56 -15.93
C GLY B 76 -19.45 -27.65 -14.63
N VAL B 77 -19.99 -28.81 -14.27
CA VAL B 77 -20.86 -28.97 -13.11
C VAL B 77 -20.22 -30.00 -12.19
N TYR B 78 -20.19 -29.70 -10.90
CA TYR B 78 -19.70 -30.67 -9.92
C TYR B 78 -20.83 -31.63 -9.58
N LEU B 79 -20.64 -32.91 -9.91
CA LEU B 79 -21.67 -33.90 -9.64
C LEU B 79 -21.66 -34.31 -8.17
N LEU B 80 -20.52 -34.18 -7.49
CA LEU B 80 -20.44 -34.24 -6.04
C LEU B 80 -20.36 -32.81 -5.53
N ASP B 81 -21.24 -32.47 -4.61
CA ASP B 81 -21.32 -31.12 -4.10
C ASP B 81 -22.00 -31.27 -2.74
N MET B 82 -21.22 -31.31 -1.68
CA MET B 82 -21.74 -31.66 -0.37
C MET B 82 -21.36 -30.58 0.65
N THR B 83 -22.36 -29.84 1.13
CA THR B 83 -22.18 -28.73 2.07
C THR B 83 -22.69 -29.14 3.44
N PHE B 84 -21.87 -28.93 4.46
CA PHE B 84 -22.22 -29.24 5.84
C PHE B 84 -22.20 -27.95 6.64
N SER B 85 -23.34 -27.51 7.14
CA SER B 85 -23.39 -26.35 8.03
C SER B 85 -24.23 -26.71 9.25
N ASP B 86 -24.37 -25.73 10.16
CA ASP B 86 -25.11 -25.81 11.43
C ASP B 86 -24.63 -26.97 12.30
N TRP B 87 -23.32 -26.98 12.54
CA TRP B 87 -22.71 -28.03 13.33
C TRP B 87 -23.13 -27.91 14.79
N LYS B 88 -23.61 -29.02 15.35
CA LYS B 88 -24.03 -29.12 16.74
C LYS B 88 -23.65 -30.49 17.27
N VAL B 89 -23.35 -30.57 18.56
CA VAL B 89 -23.16 -31.86 19.23
C VAL B 89 -24.11 -31.89 20.41
N VAL B 90 -25.02 -32.87 20.41
CA VAL B 90 -25.96 -33.09 21.52
C VAL B 90 -25.54 -34.31 22.31
N THR B 91 -25.25 -34.10 23.59
CA THR B 91 -24.75 -35.15 24.46
C THR B 91 -25.88 -35.92 25.10
N HIS B 92 -25.69 -37.22 25.25
CA HIS B 92 -26.70 -38.09 25.86
C HIS B 92 -26.04 -39.04 26.86
N GLY B 93 -25.13 -38.53 27.69
CA GLY B 93 -24.49 -39.40 28.67
C GLY B 93 -23.29 -40.15 28.12
N SER B 94 -23.49 -41.42 27.78
CA SER B 94 -22.43 -42.22 27.19
C SER B 94 -22.35 -42.07 25.68
N THR B 95 -23.33 -41.43 25.04
CA THR B 95 -23.24 -41.13 23.62
C THR B 95 -23.42 -39.62 23.39
N ALA B 96 -22.97 -39.16 22.23
CA ALA B 96 -23.26 -37.81 21.79
C ALA B 96 -23.54 -37.87 20.30
N ASP B 97 -24.54 -37.11 19.85
CA ASP B 97 -24.92 -37.08 18.44
C ASP B 97 -24.36 -35.84 17.76
N ILE B 98 -23.82 -36.04 16.56
CA ILE B 98 -23.29 -34.97 15.72
C ILE B 98 -24.39 -34.57 14.74
N LEU B 99 -24.85 -33.33 14.83
CA LEU B 99 -25.96 -32.81 14.03
C LEU B 99 -25.50 -31.74 13.07
N VAL B 100 -25.94 -31.83 11.81
CA VAL B 100 -25.59 -30.89 10.72
C VAL B 100 -26.83 -30.54 9.92
N ASP B 101 -26.68 -29.52 9.09
CA ASP B 101 -27.57 -29.27 7.96
C ASP B 101 -26.82 -29.57 6.68
N TYR B 102 -27.35 -30.45 5.84
CA TYR B 102 -26.68 -30.74 4.60
C TYR B 102 -27.51 -30.26 3.44
N VAL B 103 -26.82 -29.95 2.34
CA VAL B 103 -27.35 -29.81 1.00
C VAL B 103 -26.42 -30.64 0.12
N SER B 104 -26.95 -31.62 -0.58
CA SER B 104 -26.12 -32.49 -1.38
C SER B 104 -26.91 -32.91 -2.61
N TYR B 105 -26.36 -33.83 -3.40
CA TYR B 105 -27.04 -34.33 -4.58
C TYR B 105 -26.86 -35.85 -4.62
N ASP B 106 -27.95 -36.55 -4.95
CA ASP B 106 -27.93 -38.00 -5.06
C ASP B 106 -27.19 -38.43 -6.34
N SER B 107 -26.69 -39.66 -6.34
CA SER B 107 -25.97 -40.17 -7.50
C SER B 107 -25.96 -41.69 -7.49
N ASP B 108 -25.98 -42.25 -8.69
CA ASP B 108 -25.75 -43.67 -8.94
C ASP B 108 -24.30 -43.95 -9.25
N MET B 109 -23.48 -42.90 -9.23
CA MET B 109 -22.02 -42.91 -9.46
C MET B 109 -21.65 -43.50 -10.82
N SER B 110 -22.44 -43.16 -11.84
CA SER B 110 -22.17 -43.65 -13.18
C SER B 110 -22.29 -42.59 -14.26
N ASN B 111 -23.37 -41.81 -14.18
CA ASN B 111 -23.61 -40.75 -15.15
C ASN B 111 -22.62 -39.61 -14.91
N THR B 112 -21.75 -39.38 -15.89
CA THR B 112 -20.74 -38.33 -15.86
C THR B 112 -21.18 -37.12 -16.68
N LYS B 113 -22.47 -36.88 -16.75
CA LYS B 113 -22.99 -35.71 -17.44
C LYS B 113 -24.07 -35.01 -16.63
N ASP B 114 -24.94 -35.76 -15.98
CA ASP B 114 -26.16 -35.22 -15.37
C ASP B 114 -26.08 -35.30 -13.85
N ARG B 115 -26.23 -34.15 -13.20
CA ARG B 115 -26.28 -34.12 -11.74
C ARG B 115 -27.63 -34.64 -11.28
N GLY B 116 -27.62 -35.36 -10.16
CA GLY B 116 -28.81 -35.96 -9.63
C GLY B 116 -29.67 -34.95 -8.91
N PRO B 117 -30.76 -35.45 -8.32
CA PRO B 117 -31.66 -34.55 -7.59
C PRO B 117 -31.04 -34.10 -6.28
N LYS B 118 -31.37 -32.87 -5.92
CA LYS B 118 -30.92 -32.26 -4.66
C LYS B 118 -31.49 -33.02 -3.47
N ILE B 119 -30.68 -33.23 -2.45
CA ILE B 119 -31.19 -33.70 -1.17
C ILE B 119 -30.75 -32.69 -0.12
N THR B 120 -31.65 -32.36 0.79
CA THR B 120 -31.30 -31.51 1.93
C THR B 120 -31.69 -32.24 3.19
N GLY B 121 -31.13 -31.80 4.30
CA GLY B 121 -31.56 -32.30 5.59
C GLY B 121 -31.26 -31.23 6.62
N ASP B 122 -32.19 -30.85 7.48
CA ASP B 122 -31.95 -29.84 8.49
C ASP B 122 -32.02 -30.49 9.85
N ASP B 123 -31.01 -30.22 10.69
CA ASP B 123 -30.83 -30.78 12.05
C ASP B 123 -30.83 -32.30 12.08
N VAL B 124 -30.22 -32.91 11.10
CA VAL B 124 -30.19 -34.36 10.99
C VAL B 124 -28.97 -34.86 11.73
N VAL B 125 -29.07 -36.03 12.36
CA VAL B 125 -27.94 -36.66 13.02
C VAL B 125 -27.03 -37.25 11.94
N LEU B 126 -25.75 -36.87 11.96
CA LEU B 126 -24.79 -37.43 11.01
C LEU B 126 -24.05 -38.63 11.58
N ALA B 127 -23.70 -38.56 12.85
CA ALA B 127 -22.92 -39.62 13.48
C ALA B 127 -23.16 -39.57 14.97
N THR B 128 -22.82 -40.67 15.64
CA THR B 128 -22.93 -40.79 17.08
C THR B 128 -21.57 -41.16 17.65
N ILE B 129 -21.12 -40.37 18.63
CA ILE B 129 -19.84 -40.57 19.29
C ILE B 129 -20.08 -41.50 20.49
N ASN B 130 -19.38 -42.63 20.51
CA ASN B 130 -19.30 -43.48 21.71
C ASN B 130 -18.21 -42.90 22.61
N LEU B 131 -18.60 -42.15 23.63
CA LEU B 131 -17.67 -41.34 24.43
C LEU B 131 -16.77 -42.15 25.35
N ASN B 132 -15.52 -41.67 25.51
CA ASN B 132 -14.55 -42.31 26.39
C ASN B 132 -14.90 -42.11 27.86
N THR B 133 -15.37 -40.90 28.22
CA THR B 133 -15.87 -40.56 29.54
C THR B 133 -17.32 -40.12 29.42
N PRO B 134 -18.20 -40.45 30.39
CA PRO B 134 -19.60 -40.03 30.27
C PRO B 134 -19.75 -38.52 30.47
N ALA B 135 -20.61 -37.91 29.65
CA ALA B 135 -20.66 -36.46 29.55
C ALA B 135 -21.60 -35.87 30.58
N ASP B 136 -21.07 -35.00 31.41
CA ASP B 136 -21.84 -34.31 32.44
C ASP B 136 -21.78 -32.83 32.14
N PRO B 137 -22.91 -32.19 31.79
CA PRO B 137 -22.91 -30.73 31.58
C PRO B 137 -22.71 -29.94 32.86
N ALA B 138 -22.93 -30.54 34.03
CA ALA B 138 -22.75 -29.87 35.31
C ALA B 138 -21.29 -29.67 35.68
N SER B 139 -20.35 -30.34 34.99
CA SER B 139 -18.93 -30.15 35.29
C SER B 139 -18.35 -28.91 34.62
N GLY B 140 -19.07 -28.27 33.70
CA GLY B 140 -18.58 -27.10 33.00
C GLY B 140 -17.73 -27.37 31.79
N SER B 141 -17.24 -28.61 31.60
CA SER B 141 -16.45 -29.00 30.45
C SER B 141 -16.88 -30.40 30.05
N ILE B 142 -16.89 -30.67 28.76
CA ILE B 142 -17.31 -31.97 28.24
C ILE B 142 -16.21 -32.48 27.31
N ASP B 143 -15.65 -33.65 27.63
CA ASP B 143 -14.71 -34.32 26.76
C ASP B 143 -15.51 -35.11 25.73
N LEU B 144 -15.28 -34.83 24.46
CA LEU B 144 -16.06 -35.41 23.37
C LEU B 144 -15.28 -36.48 22.62
N SER B 145 -14.26 -37.04 23.24
CA SER B 145 -13.42 -38.04 22.61
C SER B 145 -14.10 -39.39 22.59
N GLY B 146 -13.89 -40.14 21.52
CA GLY B 146 -14.48 -41.45 21.40
C GLY B 146 -14.50 -41.93 19.95
N SER B 147 -15.12 -43.08 19.75
CA SER B 147 -15.27 -43.63 18.41
C SER B 147 -16.63 -43.23 17.84
N THR B 148 -16.72 -43.21 16.51
CA THR B 148 -17.90 -42.75 15.82
C THR B 148 -18.46 -43.83 14.91
N THR B 149 -19.79 -43.82 14.74
CA THR B 149 -20.50 -44.65 13.78
C THR B 149 -21.47 -43.79 12.98
N LEU B 150 -21.73 -44.19 11.73
CA LEU B 150 -22.54 -43.42 10.79
C LEU B 150 -24.04 -43.67 10.99
N SER B 151 -24.81 -42.59 10.96
CA SER B 151 -26.25 -42.57 11.19
C SER B 151 -27.00 -42.99 9.93
N PRO B 152 -28.32 -43.28 10.02
CA PRO B 152 -29.10 -43.54 8.80
C PRO B 152 -29.21 -42.37 7.83
N GLU B 153 -29.22 -41.13 8.30
CA GLU B 153 -29.27 -39.98 7.42
CA GLU B 153 -29.28 -40.01 7.38
C GLU B 153 -27.93 -39.77 6.73
N GLY B 154 -26.84 -40.05 7.44
CA GLY B 154 -25.51 -39.92 6.86
C GLY B 154 -25.21 -40.95 5.80
N ALA B 155 -25.76 -42.16 5.96
CA ALA B 155 -25.61 -43.18 4.94
C ALA B 155 -26.44 -42.88 3.71
N LYS B 156 -27.61 -42.23 3.88
CA LYS B 156 -28.37 -41.70 2.73
C LYS B 156 -27.57 -40.62 2.04
N LEU B 157 -26.90 -39.80 2.83
CA LEU B 157 -26.08 -38.72 2.31
C LEU B 157 -24.80 -39.22 1.67
N PHE B 158 -24.08 -40.13 2.32
CA PHE B 158 -22.78 -40.56 1.79
C PHE B 158 -22.85 -41.66 0.74
N ILE B 159 -23.99 -42.36 0.63
CA ILE B 159 -24.35 -43.41 -0.34
C ILE B 159 -23.51 -44.68 -0.20
N ALA B 160 -22.18 -44.56 -0.33
CA ALA B 160 -21.30 -45.72 -0.42
C ALA B 160 -21.07 -46.42 0.91
N TYR B 161 -21.42 -45.83 2.04
CA TYR B 161 -21.20 -46.47 3.32
C TYR B 161 -22.50 -47.04 3.88
N ASP B 162 -22.37 -48.12 4.65
CA ASP B 162 -23.49 -48.75 5.33
C ASP B 162 -23.88 -47.96 6.56
N VAL B 163 -25.13 -48.16 7.00
CA VAL B 163 -25.61 -47.63 8.27
C VAL B 163 -24.80 -48.27 9.39
N GLY B 164 -24.20 -47.44 10.23
CA GLY B 164 -23.35 -47.93 11.27
C GLY B 164 -21.91 -48.12 10.87
N SER B 165 -21.49 -47.56 9.73
CA SER B 165 -20.09 -47.65 9.30
C SER B 165 -19.21 -46.86 10.27
N PRO B 166 -18.00 -47.33 10.56
CA PRO B 166 -17.12 -46.59 11.44
C PRO B 166 -16.53 -45.39 10.74
N LEU B 167 -16.48 -44.30 11.46
CA LEU B 167 -15.93 -43.05 10.98
C LEU B 167 -14.66 -42.73 11.77
N ASP B 168 -14.14 -41.50 11.58
CA ASP B 168 -12.95 -41.06 12.30
C ASP B 168 -13.27 -40.87 13.77
N PRO B 169 -12.34 -41.18 14.67
CA PRO B 169 -12.57 -40.87 16.08
C PRO B 169 -12.47 -39.38 16.33
N THR B 170 -13.14 -38.94 17.37
CA THR B 170 -13.16 -37.55 17.78
C THR B 170 -12.12 -37.32 18.86
N SER B 171 -11.84 -36.04 19.12
CA SER B 171 -10.98 -35.65 20.23
C SER B 171 -11.40 -34.27 20.70
N GLY B 172 -10.84 -33.88 21.83
CA GLY B 172 -11.05 -32.50 22.26
C GLY B 172 -12.01 -32.38 23.42
N THR B 173 -11.71 -31.44 24.32
CA THR B 173 -12.56 -31.10 25.44
C THR B 173 -13.12 -29.69 25.19
N VAL B 174 -14.43 -29.55 25.23
CA VAL B 174 -15.05 -28.25 24.96
C VAL B 174 -15.57 -27.66 26.26
N ALA B 175 -15.60 -26.33 26.31
CA ALA B 175 -16.25 -25.62 27.41
C ALA B 175 -17.67 -25.25 27.04
N LEU B 176 -18.49 -25.04 28.07
CA LEU B 176 -19.92 -24.79 27.88
C LEU B 176 -20.31 -23.34 28.10
N ASP B 177 -19.42 -22.55 28.72
CA ASP B 177 -19.62 -21.10 28.76
C ASP B 177 -19.29 -20.47 27.41
N GLY B 178 -18.17 -20.85 26.82
CA GLY B 178 -17.74 -20.29 25.55
C GLY B 178 -17.36 -21.34 24.53
N SER C 1 -39.17 -21.06 -10.50
CA SER C 1 -39.23 -21.73 -9.20
C SER C 1 -40.43 -21.26 -8.34
N PHE C 2 -41.21 -22.21 -7.83
CA PHE C 2 -42.33 -21.92 -6.93
C PHE C 2 -41.86 -22.01 -5.49
N ASN C 3 -42.17 -20.99 -4.68
CA ASN C 3 -41.66 -20.89 -3.32
C ASN C 3 -42.75 -20.83 -2.26
N TRP C 4 -42.65 -21.67 -1.24
CA TRP C 4 -43.62 -21.68 -0.14
C TRP C 4 -42.96 -22.22 1.11
N GLY C 5 -43.13 -21.52 2.22
CA GLY C 5 -42.49 -21.99 3.43
C GLY C 5 -43.38 -22.83 4.32
N ILE C 6 -44.50 -23.32 3.76
CA ILE C 6 -45.60 -24.01 4.41
C ILE C 6 -46.13 -23.13 5.53
N ARG C 7 -45.54 -23.20 6.73
CA ARG C 7 -45.88 -22.27 7.80
C ARG C 7 -44.64 -22.09 8.68
N GLN C 8 -44.34 -20.81 8.99
CA GLN C 8 -43.16 -20.45 9.77
C GLN C 8 -43.26 -20.96 11.20
N SER C 9 -44.45 -20.90 11.80
CA SER C 9 -44.61 -21.39 13.16
C SER C 9 -44.58 -22.91 13.20
N TYR C 10 -44.95 -23.57 12.10
CA TYR C 10 -44.76 -25.02 12.04
C TYR C 10 -43.29 -25.36 11.87
N ARG C 11 -42.59 -24.59 11.03
CA ARG C 11 -41.15 -24.80 10.83
C ARG C 11 -40.34 -24.47 12.07
N HIS C 12 -40.76 -23.46 12.84
CA HIS C 12 -40.12 -23.19 14.12
C HIS C 12 -40.39 -24.29 15.14
N TYR C 13 -41.58 -24.89 15.10
CA TYR C 13 -41.95 -25.95 16.04
C TYR C 13 -41.14 -27.22 15.81
N ILE C 14 -40.90 -27.55 14.54
CA ILE C 14 -40.20 -28.77 14.17
C ILE C 14 -38.73 -28.69 14.54
N LEU C 15 -38.14 -27.52 14.38
CA LEU C 15 -36.71 -27.38 14.61
C LEU C 15 -36.35 -26.84 15.99
N LYS C 16 -37.17 -25.94 16.56
CA LYS C 16 -36.85 -25.29 17.82
C LYS C 16 -37.90 -25.46 18.91
N GLY C 17 -39.10 -25.93 18.59
CA GLY C 17 -40.18 -26.14 19.55
C GLY C 17 -40.13 -27.49 20.24
N ALA C 18 -41.31 -28.01 20.60
CA ALA C 18 -41.43 -29.27 21.34
C ALA C 18 -40.99 -30.47 20.51
N ALA C 19 -41.17 -30.39 19.20
CA ALA C 19 -40.58 -31.38 18.33
C ALA C 19 -39.07 -31.21 18.25
N GLY C 20 -38.61 -29.96 18.27
CA GLY C 20 -37.18 -29.66 18.15
C GLY C 20 -36.37 -30.01 19.36
N LYS C 21 -36.99 -30.07 20.52
CA LYS C 21 -36.32 -30.52 21.74
C LYS C 21 -36.28 -32.04 21.85
N THR C 22 -36.90 -32.76 20.91
CA THR C 22 -37.05 -34.23 20.92
C THR C 22 -36.62 -34.85 19.60
N GLY C 23 -35.53 -34.36 19.00
CA GLY C 23 -35.01 -34.96 17.78
C GLY C 23 -35.59 -34.41 16.48
N GLY C 24 -36.05 -33.17 16.47
CA GLY C 24 -36.77 -32.65 15.32
C GLY C 24 -35.87 -32.27 14.15
N GLN C 25 -36.37 -32.55 12.95
CA GLN C 25 -35.58 -32.46 11.74
C GLN C 25 -36.51 -32.48 10.55
N TRP C 26 -35.97 -32.07 9.41
CA TRP C 26 -36.61 -32.40 8.16
C TRP C 26 -35.58 -32.74 7.12
N ALA C 27 -36.03 -33.45 6.09
CA ALA C 27 -35.23 -33.81 4.94
C ALA C 27 -36.08 -33.70 3.68
N THR C 28 -35.46 -33.26 2.58
CA THR C 28 -36.14 -33.13 1.29
C THR C 28 -35.34 -33.88 0.24
N GLN C 29 -36.02 -34.22 -0.86
CA GLN C 29 -35.40 -34.62 -2.10
C GLN C 29 -36.03 -33.81 -3.20
N GLY C 30 -35.22 -33.25 -4.11
CA GLY C 30 -35.71 -32.50 -5.26
C GLY C 30 -36.13 -31.07 -4.99
N ILE C 31 -36.25 -30.69 -3.72
CA ILE C 31 -36.77 -29.42 -3.26
C ILE C 31 -35.66 -28.76 -2.47
N GLY C 32 -35.40 -27.48 -2.76
CA GLY C 32 -34.40 -26.72 -2.05
C GLY C 32 -35.04 -25.87 -0.97
N PHE C 33 -34.21 -25.02 -0.37
CA PHE C 33 -34.70 -24.10 0.65
C PHE C 33 -33.85 -22.85 0.57
N SER C 34 -34.49 -21.69 0.65
CA SER C 34 -33.76 -20.44 0.72
C SER C 34 -34.36 -19.60 1.83
N GLY C 35 -33.50 -18.90 2.56
CA GLY C 35 -33.89 -18.06 3.68
C GLY C 35 -33.62 -18.68 5.03
N ASP C 36 -34.09 -18.00 6.07
CA ASP C 36 -34.01 -18.49 7.44
C ASP C 36 -34.97 -19.64 7.64
N LYS C 37 -34.50 -20.71 8.30
CA LYS C 37 -35.28 -21.94 8.48
C LYS C 37 -36.51 -21.72 9.36
N THR C 38 -36.37 -20.89 10.39
CA THR C 38 -37.48 -20.62 11.29
C THR C 38 -37.97 -19.18 11.18
N GLY C 39 -37.59 -18.46 10.12
CA GLY C 39 -37.97 -17.09 9.92
C GLY C 39 -38.97 -16.96 8.78
N ILE C 40 -39.51 -15.75 8.61
CA ILE C 40 -40.60 -15.53 7.69
C ILE C 40 -40.13 -15.54 6.22
N ASP C 41 -38.86 -15.24 5.97
CA ASP C 41 -38.29 -15.22 4.63
C ASP C 41 -37.96 -16.61 4.08
N GLY C 42 -38.11 -17.66 4.88
CA GLY C 42 -37.77 -19.01 4.43
C GLY C 42 -38.86 -19.67 3.62
N ALA C 43 -38.43 -20.35 2.56
CA ALA C 43 -39.36 -20.97 1.63
C ALA C 43 -38.71 -22.21 1.04
N PHE C 44 -39.50 -23.27 0.93
CA PHE C 44 -39.06 -24.40 0.13
C PHE C 44 -39.15 -24.00 -1.33
N ASN C 45 -38.21 -24.46 -2.14
CA ASN C 45 -38.08 -24.04 -3.53
C ASN C 45 -38.42 -25.21 -4.44
N PHE C 46 -39.54 -25.08 -5.17
CA PHE C 46 -40.10 -26.15 -5.99
C PHE C 46 -39.85 -25.89 -7.46
N THR C 47 -39.37 -26.89 -8.17
CA THR C 47 -39.07 -26.77 -9.59
C THR C 47 -40.22 -27.32 -10.43
N PRO C 48 -40.77 -26.58 -11.38
CA PRO C 48 -41.92 -27.09 -12.14
C PRO C 48 -41.58 -28.16 -13.16
N GLY C 49 -42.52 -29.08 -13.34
CA GLY C 49 -42.48 -30.04 -14.42
C GLY C 49 -43.33 -29.60 -15.58
N LYS C 50 -43.73 -30.58 -16.38
CA LYS C 50 -44.58 -30.29 -17.53
C LYS C 50 -46.01 -30.12 -17.06
N ALA C 51 -46.57 -28.93 -17.27
CA ALA C 51 -47.93 -28.64 -16.85
C ALA C 51 -48.94 -29.25 -17.81
N ARG C 52 -50.19 -29.31 -17.35
CA ARG C 52 -51.26 -30.00 -18.06
C ARG C 52 -52.43 -29.03 -18.17
N ILE C 53 -52.77 -28.63 -19.40
CA ILE C 53 -53.75 -27.58 -19.65
C ILE C 53 -55.06 -28.23 -20.05
N ASP C 54 -56.11 -27.97 -19.27
CA ASP C 54 -57.49 -28.37 -19.61
C ASP C 54 -58.36 -27.13 -19.53
N GLY C 55 -58.40 -26.37 -20.61
CA GLY C 55 -59.26 -25.20 -20.71
C GLY C 55 -58.59 -23.96 -20.12
N ASN C 56 -59.14 -23.44 -19.03
CA ASN C 56 -58.53 -22.32 -18.33
C ASN C 56 -57.97 -22.71 -16.96
N SER C 57 -57.75 -24.00 -16.73
CA SER C 57 -57.26 -24.51 -15.45
C SER C 57 -55.99 -25.32 -15.71
N ALA C 58 -54.87 -24.82 -15.22
CA ALA C 58 -53.57 -25.48 -15.34
C ALA C 58 -53.19 -26.26 -14.08
N THR C 59 -52.71 -27.49 -14.26
CA THR C 59 -52.15 -28.33 -13.19
C THR C 59 -50.64 -28.47 -13.38
N ILE C 60 -49.86 -27.83 -12.53
CA ILE C 60 -48.40 -27.78 -12.61
C ILE C 60 -47.83 -28.70 -11.53
N PRO C 61 -47.11 -29.76 -11.90
CA PRO C 61 -46.47 -30.61 -10.88
C PRO C 61 -45.09 -30.11 -10.46
N PHE C 62 -44.70 -30.50 -9.25
CA PHE C 62 -43.41 -30.19 -8.68
C PHE C 62 -42.87 -31.48 -8.08
N PRO C 63 -41.84 -32.09 -8.65
CA PRO C 63 -41.35 -33.38 -8.14
C PRO C 63 -40.60 -33.26 -6.82
N GLY C 64 -40.65 -34.33 -6.06
CA GLY C 64 -39.86 -34.48 -4.86
C GLY C 64 -40.72 -34.67 -3.63
N PHE C 65 -40.06 -34.77 -2.49
CA PHE C 65 -40.80 -34.86 -1.25
C PHE C 65 -40.19 -33.99 -0.16
N ILE C 66 -40.99 -33.72 0.86
CA ILE C 66 -40.55 -33.13 2.11
C ILE C 66 -41.00 -34.05 3.23
N HIS C 67 -40.08 -34.43 4.10
CA HIS C 67 -40.32 -35.33 5.21
C HIS C 67 -40.08 -34.57 6.49
N PHE C 68 -41.10 -34.39 7.33
CA PHE C 68 -40.90 -33.82 8.66
C PHE C 68 -40.91 -34.91 9.71
N LYS C 69 -39.99 -34.82 10.66
CA LYS C 69 -39.89 -35.79 11.75
C LYS C 69 -39.72 -35.06 13.08
N GLY C 70 -40.13 -35.71 14.15
CA GLY C 70 -40.01 -35.13 15.47
C GLY C 70 -40.56 -36.08 16.50
N HIS C 71 -40.43 -35.65 17.76
CA HIS C 71 -41.01 -36.29 18.96
C HIS C 71 -40.47 -37.71 19.14
N ASP C 72 -39.16 -37.80 19.27
CA ASP C 72 -38.50 -38.99 19.75
C ASP C 72 -38.39 -38.88 21.28
N HIS C 73 -39.21 -39.65 21.98
CA HIS C 73 -39.23 -39.67 23.44
C HIS C 73 -38.63 -40.94 24.02
N GLY C 74 -37.65 -41.54 23.36
CA GLY C 74 -36.98 -42.67 23.94
C GLY C 74 -37.60 -44.02 23.65
N SER C 75 -38.76 -44.07 23.00
CA SER C 75 -39.44 -45.33 22.73
C SER C 75 -38.91 -46.04 21.49
N GLY C 76 -37.95 -45.45 20.78
CA GLY C 76 -37.44 -45.97 19.53
C GLY C 76 -38.21 -45.52 18.32
N VAL C 77 -39.24 -44.68 18.51
CA VAL C 77 -40.14 -44.29 17.44
C VAL C 77 -40.28 -42.77 17.43
N TYR C 78 -40.28 -42.19 16.22
CA TYR C 78 -40.60 -40.78 16.06
C TYR C 78 -42.12 -40.66 16.10
N LEU C 79 -42.64 -39.92 17.06
CA LEU C 79 -44.09 -39.84 17.18
C LEU C 79 -44.66 -38.89 16.14
N LEU C 80 -43.87 -37.93 15.70
CA LEU C 80 -44.17 -37.11 14.55
C LEU C 80 -43.33 -37.61 13.38
N ASP C 81 -43.99 -37.90 12.26
CA ASP C 81 -43.36 -38.47 11.06
C ASP C 81 -44.33 -38.13 9.93
N MET C 82 -44.05 -37.04 9.23
CA MET C 82 -44.98 -36.42 8.28
C MET C 82 -44.28 -36.22 6.95
N THR C 83 -44.71 -36.98 5.93
CA THR C 83 -44.13 -36.96 4.58
C THR C 83 -45.11 -36.35 3.58
N PHE C 84 -44.62 -35.40 2.79
CA PHE C 84 -45.40 -34.70 1.78
C PHE C 84 -44.79 -34.96 0.41
N SER C 85 -45.48 -35.68 -0.45
CA SER C 85 -45.00 -35.86 -1.80
C SER C 85 -46.14 -35.61 -2.78
N ASP C 86 -45.83 -35.77 -4.08
CA ASP C 86 -46.75 -35.60 -5.23
C ASP C 86 -47.38 -34.21 -5.26
N TRP C 87 -46.52 -33.20 -5.18
CA TRP C 87 -46.92 -31.81 -5.12
C TRP C 87 -47.50 -31.35 -6.44
N LYS C 88 -48.66 -30.69 -6.38
CA LYS C 88 -49.34 -30.15 -7.54
C LYS C 88 -50.00 -28.82 -7.20
N VAL C 89 -50.07 -27.92 -8.18
CA VAL C 89 -50.84 -26.69 -8.06
C VAL C 89 -51.85 -26.67 -9.19
N VAL C 90 -53.14 -26.63 -8.85
CA VAL C 90 -54.26 -26.49 -9.79
C VAL C 90 -54.82 -25.08 -9.68
N THR C 91 -54.80 -24.37 -10.80
CA THR C 91 -55.29 -23.00 -10.84
C THR C 91 -56.77 -22.97 -11.20
N HIS C 92 -57.48 -22.03 -10.59
CA HIS C 92 -58.89 -21.83 -10.84
C HIS C 92 -59.14 -20.34 -11.07
N GLY C 93 -58.31 -19.71 -11.91
CA GLY C 93 -58.44 -18.30 -12.18
C GLY C 93 -57.74 -17.44 -11.16
N SER C 94 -58.49 -16.87 -10.23
CA SER C 94 -57.94 -16.05 -9.16
C SER C 94 -57.56 -16.83 -7.92
N THR C 95 -57.87 -18.13 -7.86
CA THR C 95 -57.39 -18.97 -6.78
C THR C 95 -56.61 -20.16 -7.32
N ALA C 96 -55.74 -20.70 -6.47
CA ALA C 96 -55.00 -21.91 -6.79
C ALA C 96 -54.96 -22.80 -5.57
N ASP C 97 -55.09 -24.11 -5.79
CA ASP C 97 -55.05 -25.10 -4.73
C ASP C 97 -53.70 -25.79 -4.70
N ILE C 98 -53.19 -26.03 -3.49
CA ILE C 98 -51.95 -26.77 -3.28
C ILE C 98 -52.30 -28.21 -2.94
N LEU C 99 -51.89 -29.15 -3.78
CA LEU C 99 -52.28 -30.56 -3.66
C LEU C 99 -51.08 -31.42 -3.31
N VAL C 100 -51.25 -32.38 -2.39
CA VAL C 100 -50.19 -33.31 -1.98
C VAL C 100 -50.73 -34.73 -1.83
N ASP C 101 -49.80 -35.67 -1.79
CA ASP C 101 -50.03 -36.99 -1.20
C ASP C 101 -49.30 -36.93 0.13
N TYR C 102 -50.00 -37.21 1.22
CA TYR C 102 -49.36 -37.22 2.52
C TYR C 102 -49.41 -38.61 3.13
N VAL C 103 -48.44 -38.87 4.01
CA VAL C 103 -48.42 -39.99 4.95
C VAL C 103 -47.97 -39.44 6.30
N SER C 104 -48.81 -39.58 7.33
CA SER C 104 -48.47 -39.09 8.67
C SER C 104 -49.15 -39.97 9.72
N TYR C 105 -49.13 -39.54 10.98
CA TYR C 105 -49.67 -40.28 12.11
C TYR C 105 -50.47 -39.36 13.02
N ASP C 106 -51.60 -39.86 13.52
CA ASP C 106 -52.48 -39.12 14.43
C ASP C 106 -51.89 -39.03 15.85
N SER C 107 -52.35 -38.06 16.64
CA SER C 107 -51.81 -37.83 17.98
C SER C 107 -52.77 -37.08 18.88
N ASP C 108 -52.74 -37.44 20.18
CA ASP C 108 -53.41 -36.65 21.22
C ASP C 108 -52.46 -35.70 21.93
N MET C 109 -51.17 -35.76 21.57
CA MET C 109 -50.05 -34.95 22.08
C MET C 109 -49.88 -35.10 23.60
N SER C 110 -50.11 -36.32 24.12
CA SER C 110 -49.98 -36.62 25.55
C SER C 110 -49.21 -37.91 25.81
N ASN C 111 -49.53 -38.97 25.05
CA ASN C 111 -48.82 -40.24 25.15
C ASN C 111 -47.44 -40.12 24.51
N THR C 112 -46.39 -40.31 25.30
CA THR C 112 -45.03 -40.19 24.79
C THR C 112 -44.47 -41.53 24.35
N LYS C 113 -45.25 -42.60 24.43
CA LYS C 113 -44.76 -43.94 24.15
C LYS C 113 -45.27 -44.52 22.84
N ASP C 114 -46.53 -44.28 22.50
CA ASP C 114 -47.23 -45.00 21.44
C ASP C 114 -47.47 -44.07 20.26
N ARG C 115 -46.96 -44.45 19.09
CA ARG C 115 -47.27 -43.74 17.87
C ARG C 115 -48.70 -44.03 17.43
N GLY C 116 -49.43 -42.98 17.05
CA GLY C 116 -50.82 -43.11 16.68
C GLY C 116 -51.00 -43.75 15.33
N PRO C 117 -52.28 -43.86 14.91
CA PRO C 117 -52.57 -44.53 13.65
C PRO C 117 -52.13 -43.72 12.43
N LYS C 118 -51.72 -44.48 11.41
CA LYS C 118 -51.27 -43.93 10.14
C LYS C 118 -52.43 -43.25 9.42
N ILE C 119 -52.21 -42.00 9.00
CA ILE C 119 -53.17 -41.30 8.15
C ILE C 119 -52.46 -41.01 6.84
N THR C 120 -53.15 -41.32 5.74
CA THR C 120 -52.72 -41.02 4.40
C THR C 120 -53.82 -40.23 3.71
N GLY C 121 -53.46 -39.55 2.63
CA GLY C 121 -54.41 -38.91 1.76
C GLY C 121 -53.75 -38.72 0.42
N ASP C 122 -54.40 -39.08 -0.68
CA ASP C 122 -53.81 -38.96 -2.01
C ASP C 122 -54.61 -37.97 -2.84
N ASP C 123 -53.89 -37.06 -3.51
CA ASP C 123 -54.43 -35.95 -4.32
C ASP C 123 -55.42 -35.07 -3.54
N VAL C 124 -55.10 -34.80 -2.26
CA VAL C 124 -55.94 -34.01 -1.36
C VAL C 124 -55.50 -32.55 -1.44
N VAL C 125 -56.43 -31.60 -1.29
CA VAL C 125 -56.05 -30.19 -1.25
C VAL C 125 -55.49 -29.86 0.12
N LEU C 126 -54.26 -29.33 0.15
CA LEU C 126 -53.58 -28.93 1.38
C LEU C 126 -53.85 -27.49 1.75
N ALA C 127 -53.88 -26.60 0.76
CA ALA C 127 -54.04 -25.17 0.98
C ALA C 127 -54.62 -24.55 -0.29
N THR C 128 -55.13 -23.34 -0.15
CA THR C 128 -55.68 -22.58 -1.26
C THR C 128 -54.95 -21.24 -1.33
N ILE C 129 -54.36 -20.92 -2.47
CA ILE C 129 -53.69 -19.64 -2.65
C ILE C 129 -54.69 -18.64 -3.21
N ASN C 130 -54.92 -17.54 -2.49
CA ASN C 130 -55.63 -16.40 -3.05
C ASN C 130 -54.60 -15.59 -3.82
N LEU C 131 -54.62 -15.72 -5.15
CA LEU C 131 -53.60 -15.16 -6.02
C LEU C 131 -53.72 -13.64 -6.12
N ASN C 132 -52.56 -12.98 -6.25
CA ASN C 132 -52.50 -11.53 -6.36
C ASN C 132 -53.09 -11.04 -7.68
N THR C 133 -52.80 -11.75 -8.78
CA THR C 133 -53.32 -11.55 -10.12
C THR C 133 -53.97 -12.85 -10.60
N PRO C 134 -55.02 -12.79 -11.43
CA PRO C 134 -55.66 -14.04 -11.89
C PRO C 134 -54.80 -14.82 -12.86
N ALA C 135 -54.83 -16.14 -12.73
CA ALA C 135 -53.94 -17.01 -13.48
C ALA C 135 -54.56 -17.39 -14.82
N ASP C 136 -53.86 -17.06 -15.91
CA ASP C 136 -54.33 -17.37 -17.26
C ASP C 136 -53.35 -18.31 -17.95
N PRO C 137 -53.74 -19.56 -18.24
CA PRO C 137 -52.84 -20.48 -18.96
C PRO C 137 -52.63 -20.11 -20.43
N ALA C 138 -53.52 -19.30 -21.01
CA ALA C 138 -53.37 -18.92 -22.42
C ALA C 138 -52.26 -17.91 -22.64
N SER C 139 -51.81 -17.23 -21.59
CA SER C 139 -50.69 -16.30 -21.71
C SER C 139 -49.33 -17.00 -21.62
N GLY C 140 -49.29 -18.28 -21.24
CA GLY C 140 -48.06 -19.01 -21.16
C GLY C 140 -47.31 -18.87 -19.84
N SER C 141 -47.72 -17.95 -18.98
CA SER C 141 -47.03 -17.73 -17.71
C SER C 141 -48.05 -17.54 -16.61
N ILE C 142 -47.74 -18.09 -15.43
CA ILE C 142 -48.63 -18.07 -14.27
C ILE C 142 -47.83 -17.58 -13.06
N ASP C 143 -48.26 -16.48 -12.45
CA ASP C 143 -47.69 -15.99 -11.20
C ASP C 143 -48.42 -16.66 -10.04
N LEU C 144 -47.66 -17.32 -9.15
CA LEU C 144 -48.26 -18.07 -8.05
C LEU C 144 -48.13 -17.36 -6.72
N SER C 145 -47.84 -16.07 -6.73
CA SER C 145 -47.70 -15.32 -5.49
C SER C 145 -49.08 -14.99 -4.92
N GLY C 146 -49.19 -15.01 -3.60
CA GLY C 146 -50.45 -14.74 -2.94
C GLY C 146 -50.42 -15.22 -1.51
N SER C 147 -51.56 -15.08 -0.84
CA SER C 147 -51.72 -15.56 0.53
C SER C 147 -52.43 -16.91 0.56
N THR C 148 -52.17 -17.69 1.61
CA THR C 148 -52.66 -19.06 1.70
C THR C 148 -53.46 -19.30 2.98
N THR C 149 -54.42 -20.22 2.89
CA THR C 149 -55.18 -20.69 4.05
C THR C 149 -55.20 -22.21 4.10
N LEU C 150 -55.38 -22.74 5.29
CA LEU C 150 -55.38 -24.18 5.50
C LEU C 150 -56.70 -24.78 5.09
N SER C 151 -56.64 -25.87 4.32
CA SER C 151 -57.78 -26.57 3.79
C SER C 151 -58.32 -27.54 4.85
N PRO C 152 -59.53 -28.13 4.67
CA PRO C 152 -59.99 -29.15 5.64
C PRO C 152 -59.16 -30.42 5.72
N GLU C 153 -58.57 -30.87 4.61
CA GLU C 153 -57.66 -32.01 4.66
C GLU C 153 -56.38 -31.70 5.42
N GLY C 154 -55.93 -30.44 5.39
CA GLY C 154 -54.69 -30.06 6.05
C GLY C 154 -54.83 -29.86 7.54
N ALA C 155 -55.99 -29.40 8.01
CA ALA C 155 -56.19 -29.23 9.44
C ALA C 155 -56.34 -30.56 10.18
N LYS C 156 -56.86 -31.59 9.50
CA LYS C 156 -56.84 -32.94 10.05
C LYS C 156 -55.40 -33.44 10.19
N LEU C 157 -54.57 -33.10 9.23
CA LEU C 157 -53.18 -33.52 9.23
C LEU C 157 -52.36 -32.74 10.24
N PHE C 158 -52.56 -31.43 10.30
CA PHE C 158 -51.73 -30.63 11.19
C PHE C 158 -52.23 -30.60 12.62
N ILE C 159 -53.50 -30.95 12.87
CA ILE C 159 -54.19 -31.11 14.16
C ILE C 159 -54.33 -29.80 14.95
N ALA C 160 -53.21 -29.15 15.28
CA ALA C 160 -53.26 -28.01 16.20
C ALA C 160 -53.78 -26.72 15.58
N TYR C 161 -53.89 -26.63 14.25
CA TYR C 161 -54.36 -25.43 13.58
C TYR C 161 -55.81 -25.59 13.14
N ASP C 162 -56.55 -24.49 13.20
CA ASP C 162 -57.96 -24.50 12.79
C ASP C 162 -58.08 -24.51 11.27
N VAL C 163 -59.24 -24.96 10.79
CA VAL C 163 -59.60 -24.87 9.37
C VAL C 163 -59.70 -23.41 8.97
N GLY C 164 -58.98 -23.03 7.91
CA GLY C 164 -58.93 -21.66 7.46
C GLY C 164 -57.87 -20.81 8.12
N SER C 165 -56.92 -21.43 8.83
CA SER C 165 -55.80 -20.72 9.43
C SER C 165 -54.88 -20.19 8.34
N PRO C 166 -54.28 -19.03 8.53
CA PRO C 166 -53.36 -18.50 7.51
C PRO C 166 -52.03 -19.21 7.54
N LEU C 167 -51.47 -19.44 6.37
CA LEU C 167 -50.17 -20.06 6.28
C LEU C 167 -49.18 -19.04 5.71
N ASP C 168 -48.00 -19.52 5.30
CA ASP C 168 -46.99 -18.67 4.69
C ASP C 168 -47.45 -18.23 3.30
N PRO C 169 -47.09 -17.02 2.88
CA PRO C 169 -47.41 -16.60 1.51
C PRO C 169 -46.53 -17.29 0.48
N THR C 170 -47.04 -17.40 -0.74
CA THR C 170 -46.28 -18.01 -1.82
C THR C 170 -45.63 -16.94 -2.66
N SER C 171 -44.70 -17.37 -3.52
CA SER C 171 -44.11 -16.52 -4.54
C SER C 171 -43.70 -17.40 -5.71
N GLY C 172 -43.28 -16.79 -6.79
CA GLY C 172 -42.74 -17.51 -7.91
C GLY C 172 -43.67 -17.51 -9.12
N THR C 173 -43.07 -17.36 -10.29
CA THR C 173 -43.77 -17.40 -11.57
C THR C 173 -43.27 -18.60 -12.36
N VAL C 174 -44.18 -19.47 -12.78
CA VAL C 174 -43.78 -20.68 -13.49
C VAL C 174 -44.16 -20.56 -14.96
N ALA C 175 -43.34 -21.18 -15.80
CA ALA C 175 -43.64 -21.34 -17.21
C ALA C 175 -44.23 -22.71 -17.43
N LEU C 176 -44.91 -22.89 -18.55
CA LEU C 176 -45.66 -24.12 -18.77
C LEU C 176 -44.99 -25.03 -19.79
N ASP C 177 -43.77 -24.71 -20.24
CA ASP C 177 -43.15 -25.48 -21.30
C ASP C 177 -42.56 -26.82 -20.83
N GLY C 178 -42.31 -26.97 -19.54
CA GLY C 178 -41.80 -28.25 -19.05
C GLY C 178 -40.73 -28.19 -17.98
N SER D 1 24.29 10.01 9.67
CA SER D 1 24.61 8.61 9.45
C SER D 1 23.93 7.71 10.47
N PHE D 2 23.25 6.66 10.00
CA PHE D 2 22.63 5.69 10.89
C PHE D 2 23.60 4.54 11.09
N ASN D 3 23.87 4.20 12.35
CA ASN D 3 24.87 3.21 12.70
C ASN D 3 24.21 2.09 13.47
N TRP D 4 24.44 0.86 13.03
CA TRP D 4 23.89 -0.33 13.68
C TRP D 4 24.77 -1.52 13.34
N GLY D 5 25.13 -2.31 14.35
CA GLY D 5 25.97 -3.46 14.10
C GLY D 5 25.20 -4.76 14.03
N ILE D 6 23.89 -4.68 13.87
CA ILE D 6 22.90 -5.76 13.94
C ILE D 6 23.01 -6.45 15.30
N ARG D 7 23.96 -7.36 15.45
CA ARG D 7 24.23 -7.99 16.73
C ARG D 7 25.72 -8.30 16.75
N GLN D 8 26.39 -7.97 17.85
CA GLN D 8 27.84 -8.16 17.97
C GLN D 8 28.23 -9.62 17.97
N SER D 9 27.48 -10.43 18.73
CA SER D 9 27.74 -11.85 18.85
C SER D 9 27.43 -12.58 17.57
N TYR D 10 26.52 -12.03 16.75
CA TYR D 10 26.28 -12.57 15.42
C TYR D 10 27.45 -12.26 14.51
N ARG D 11 28.02 -11.06 14.62
CA ARG D 11 29.17 -10.67 13.82
C ARG D 11 30.41 -11.44 14.22
N HIS D 12 30.56 -11.74 15.53
CA HIS D 12 31.63 -12.60 16.00
C HIS D 12 31.46 -14.04 15.52
N TYR D 13 30.21 -14.51 15.42
CA TYR D 13 29.91 -15.86 14.94
C TYR D 13 30.26 -16.02 13.47
N ILE D 14 29.95 -15.00 12.66
CA ILE D 14 30.18 -15.06 11.22
C ILE D 14 31.66 -14.99 10.90
N LEU D 15 32.42 -14.22 11.66
CA LEU D 15 33.81 -14.02 11.30
C LEU D 15 34.78 -14.90 12.08
N LYS D 16 34.47 -15.21 13.35
CA LYS D 16 35.40 -15.95 14.21
C LYS D 16 34.78 -17.17 14.89
N GLY D 17 33.45 -17.28 14.96
CA GLY D 17 32.79 -18.39 15.61
C GLY D 17 32.67 -19.60 14.73
N ALA D 18 31.58 -20.36 14.92
CA ALA D 18 31.36 -21.58 14.17
C ALA D 18 31.10 -21.35 12.69
N ALA D 19 30.48 -20.21 12.34
CA ALA D 19 30.40 -19.85 10.93
C ALA D 19 31.76 -19.40 10.41
N GLY D 20 32.56 -18.76 11.26
CA GLY D 20 33.87 -18.27 10.89
C GLY D 20 34.91 -19.34 10.69
N LYS D 21 34.71 -20.49 11.30
CA LYS D 21 35.61 -21.62 11.11
C LYS D 21 35.34 -22.37 9.81
N THR D 22 34.30 -22.01 9.07
CA THR D 22 33.89 -22.68 7.85
C THR D 22 33.69 -21.68 6.71
N GLY D 23 34.59 -20.71 6.58
CA GLY D 23 34.53 -19.82 5.45
C GLY D 23 33.61 -18.64 5.62
N GLY D 24 33.32 -18.24 6.86
CA GLY D 24 32.35 -17.17 7.10
C GLY D 24 32.91 -15.79 6.82
N GLN D 25 32.05 -14.92 6.30
CA GLN D 25 32.45 -13.65 5.70
C GLN D 25 31.24 -12.73 5.60
N TRP D 26 31.50 -11.46 5.32
CA TRP D 26 30.43 -10.62 4.81
C TRP D 26 30.94 -9.67 3.73
N ALA D 27 30.00 -9.18 2.93
CA ALA D 27 30.27 -8.19 1.90
C ALA D 27 29.10 -7.22 1.86
N THR D 28 29.39 -5.95 1.58
CA THR D 28 28.40 -4.88 1.48
C THR D 28 28.56 -4.10 0.17
N GLN D 29 27.48 -3.43 -0.22
CA GLN D 29 27.54 -2.38 -1.23
C GLN D 29 26.78 -1.18 -0.71
N GLY D 30 27.35 0.03 -0.82
CA GLY D 30 26.62 1.23 -0.45
C GLY D 30 26.63 1.55 1.02
N ILE D 31 27.10 0.63 1.85
CA ILE D 31 27.12 0.74 3.29
C ILE D 31 28.58 0.62 3.73
N GLY D 32 29.00 1.49 4.66
CA GLY D 32 30.33 1.44 5.21
C GLY D 32 30.37 0.70 6.54
N PHE D 33 31.50 0.80 7.24
CA PHE D 33 31.64 0.16 8.54
C PHE D 33 32.55 0.98 9.46
N SER D 34 32.12 1.14 10.72
CA SER D 34 32.91 1.81 11.75
C SER D 34 32.99 0.94 13.00
N GLY D 35 34.17 0.91 13.62
CA GLY D 35 34.40 0.19 14.85
C GLY D 35 35.05 -1.16 14.62
N ASP D 36 35.20 -1.90 15.71
CA ASP D 36 35.75 -3.25 15.65
C ASP D 36 34.72 -4.18 15.03
N LYS D 37 35.15 -5.02 14.07
CA LYS D 37 34.23 -5.85 13.30
C LYS D 37 33.54 -6.92 14.15
N THR D 38 34.23 -7.47 15.16
CA THR D 38 33.61 -8.42 16.07
C THR D 38 33.50 -7.88 17.49
N GLY D 39 33.63 -6.56 17.67
CA GLY D 39 33.62 -5.96 18.98
C GLY D 39 32.32 -5.19 19.19
N ILE D 40 32.15 -4.68 20.40
CA ILE D 40 30.89 -4.06 20.78
C ILE D 40 30.71 -2.70 20.11
N ASP D 41 31.81 -2.01 19.79
CA ASP D 41 31.77 -0.69 19.17
C ASP D 41 31.51 -0.71 17.67
N GLY D 42 31.41 -1.89 17.06
CA GLY D 42 31.23 -1.97 15.62
C GLY D 42 29.81 -1.71 15.15
N ALA D 43 29.71 -1.04 14.01
CA ALA D 43 28.45 -0.67 13.39
C ALA D 43 28.64 -0.53 11.89
N PHE D 44 27.65 -0.99 11.13
CA PHE D 44 27.58 -0.64 9.71
C PHE D 44 27.10 0.80 9.60
N ASN D 45 27.58 1.51 8.59
CA ASN D 45 27.26 2.92 8.44
C ASN D 45 26.31 3.11 7.26
N PHE D 46 25.10 3.53 7.58
CA PHE D 46 24.02 3.69 6.65
C PHE D 46 23.84 5.17 6.36
N THR D 47 23.81 5.54 5.10
CA THR D 47 23.64 6.92 4.67
C THR D 47 22.19 7.17 4.33
N PRO D 48 21.53 8.16 4.93
CA PRO D 48 20.09 8.34 4.68
C PRO D 48 19.81 8.98 3.33
N GLY D 49 18.73 8.52 2.72
CA GLY D 49 18.17 9.13 1.53
C GLY D 49 17.03 10.05 1.89
N LYS D 50 16.20 10.34 0.89
CA LYS D 50 15.13 11.32 1.06
C LYS D 50 13.99 10.72 1.88
N ALA D 51 13.70 11.33 3.03
CA ALA D 51 12.64 10.88 3.90
C ALA D 51 11.26 11.18 3.32
N ARG D 52 10.25 10.66 4.00
CA ARG D 52 8.87 10.81 3.57
C ARG D 52 8.01 10.86 4.82
N ILE D 53 7.30 11.97 5.00
CA ILE D 53 6.66 12.30 6.27
C ILE D 53 5.17 12.11 6.09
N ASP D 54 4.60 11.08 6.72
CA ASP D 54 3.15 10.92 6.74
C ASP D 54 2.70 11.02 8.20
N GLY D 55 2.50 12.25 8.65
CA GLY D 55 1.96 12.53 9.98
C GLY D 55 3.07 12.65 11.04
N ASN D 56 3.08 11.70 11.97
CA ASN D 56 4.14 11.56 12.96
C ASN D 56 5.07 10.42 12.58
N SER D 57 5.02 10.00 11.33
CA SER D 57 5.73 8.82 10.87
C SER D 57 6.71 9.22 9.78
N ALA D 58 7.99 9.23 10.11
CA ALA D 58 9.04 9.50 9.14
C ALA D 58 9.58 8.16 8.67
N THR D 59 9.62 7.97 7.36
CA THR D 59 10.18 6.76 6.76
C THR D 59 11.47 7.12 6.05
N ILE D 60 12.59 6.68 6.61
CA ILE D 60 13.92 7.04 6.13
C ILE D 60 14.48 5.83 5.37
N PRO D 61 14.73 5.94 4.07
CA PRO D 61 15.38 4.83 3.36
C PRO D 61 16.89 4.90 3.43
N PHE D 62 17.50 3.73 3.32
CA PHE D 62 18.95 3.56 3.32
C PHE D 62 19.33 2.63 2.18
N PRO D 63 20.14 3.08 1.24
CA PRO D 63 20.52 2.23 0.11
C PRO D 63 21.50 1.13 0.50
N GLY D 64 21.42 0.03 -0.23
CA GLY D 64 22.49 -0.95 -0.20
C GLY D 64 22.06 -2.29 0.32
N PHE D 65 23.03 -3.19 0.37
CA PHE D 65 22.81 -4.50 0.94
C PHE D 65 23.99 -4.92 1.79
N ILE D 66 23.73 -5.90 2.67
CA ILE D 66 24.69 -6.64 3.46
C ILE D 66 24.48 -8.12 3.20
N HIS D 67 25.54 -8.83 2.78
CA HIS D 67 25.45 -10.25 2.46
C HIS D 67 26.36 -11.03 3.40
N PHE D 68 25.79 -11.82 4.30
CA PHE D 68 26.55 -12.70 5.17
C PHE D 68 26.56 -14.08 4.54
N LYS D 69 27.71 -14.75 4.63
CA LYS D 69 27.84 -16.12 4.16
C LYS D 69 28.65 -16.89 5.17
N GLY D 70 28.43 -18.19 5.22
CA GLY D 70 29.14 -19.04 6.15
C GLY D 70 28.68 -20.48 5.99
N HIS D 71 29.34 -21.36 6.75
CA HIS D 71 29.05 -22.80 6.85
C HIS D 71 29.22 -23.49 5.52
N ASP D 72 30.40 -23.32 4.93
CA ASP D 72 30.89 -24.18 3.85
C ASP D 72 31.66 -25.31 4.52
N HIS D 73 31.05 -26.50 4.50
CA HIS D 73 31.61 -27.69 5.12
C HIS D 73 32.21 -28.62 4.08
N GLY D 74 32.89 -28.06 3.10
CA GLY D 74 33.62 -28.80 2.09
C GLY D 74 32.86 -29.01 0.80
N SER D 75 31.59 -28.69 0.76
CA SER D 75 30.82 -28.89 -0.46
C SER D 75 30.93 -27.75 -1.43
N GLY D 76 31.54 -26.63 -1.04
CA GLY D 76 31.57 -25.49 -1.94
C GLY D 76 30.33 -24.63 -1.87
N VAL D 77 29.39 -24.97 -1.00
CA VAL D 77 28.08 -24.35 -0.95
C VAL D 77 27.94 -23.78 0.46
N TYR D 78 27.53 -22.53 0.56
CA TYR D 78 27.35 -21.89 1.84
C TYR D 78 25.96 -22.20 2.36
N LEU D 79 25.89 -22.92 3.49
CA LEU D 79 24.61 -23.29 4.08
C LEU D 79 23.98 -22.13 4.83
N LEU D 80 24.80 -21.17 5.27
CA LEU D 80 24.37 -19.87 5.75
C LEU D 80 24.63 -18.90 4.60
N ASP D 81 23.59 -18.17 4.21
CA ASP D 81 23.66 -17.30 3.04
C ASP D 81 22.53 -16.28 3.19
N MET D 82 22.85 -15.13 3.75
CA MET D 82 21.85 -14.18 4.21
C MET D 82 22.12 -12.79 3.65
N THR D 83 21.20 -12.29 2.82
CA THR D 83 21.25 -10.98 2.21
C THR D 83 20.18 -10.09 2.83
N PHE D 84 20.55 -8.88 3.21
CA PHE D 84 19.63 -7.87 3.75
C PHE D 84 19.65 -6.65 2.86
N SER D 85 18.55 -6.35 2.15
CA SER D 85 18.47 -5.13 1.36
C SER D 85 17.17 -4.40 1.67
N ASP D 86 16.94 -3.27 0.97
CA ASP D 86 15.77 -2.37 1.09
C ASP D 86 15.60 -1.89 2.54
N TRP D 87 16.68 -1.37 3.09
CA TRP D 87 16.71 -0.90 4.46
C TRP D 87 15.86 0.37 4.63
N LYS D 88 14.98 0.36 5.61
CA LYS D 88 14.11 1.48 5.91
C LYS D 88 13.95 1.57 7.40
N VAL D 89 13.78 2.78 7.91
CA VAL D 89 13.43 2.99 9.31
C VAL D 89 12.13 3.77 9.33
N VAL D 90 11.09 3.22 9.97
CA VAL D 90 9.84 3.94 10.19
C VAL D 90 9.74 4.30 11.66
N THR D 91 9.69 5.61 11.95
CA THR D 91 9.63 6.10 13.32
C THR D 91 8.17 6.27 13.74
N HIS D 92 7.90 5.92 15.00
CA HIS D 92 6.55 5.92 15.57
C HIS D 92 6.55 6.62 16.91
N GLY D 93 7.18 7.77 16.99
CA GLY D 93 7.30 8.52 18.24
C GLY D 93 8.50 8.08 19.06
N SER D 94 8.25 7.33 20.14
CA SER D 94 9.35 6.88 20.99
C SER D 94 9.94 5.54 20.57
N THR D 95 9.33 4.85 19.62
CA THR D 95 9.95 3.68 19.01
C THR D 95 10.05 3.86 17.51
N ALA D 96 10.97 3.09 16.92
CA ALA D 96 11.17 3.05 15.49
C ALA D 96 11.43 1.61 15.08
N ASP D 97 10.88 1.23 13.93
CA ASP D 97 11.04 -0.10 13.37
C ASP D 97 12.15 -0.07 12.32
N ILE D 98 13.00 -1.09 12.31
CA ILE D 98 14.00 -1.24 11.25
C ILE D 98 13.45 -2.26 10.26
N LEU D 99 13.27 -1.83 9.03
CA LEU D 99 12.65 -2.66 8.00
C LEU D 99 13.68 -3.08 6.98
N VAL D 100 13.52 -4.29 6.46
CA VAL D 100 14.45 -4.86 5.52
C VAL D 100 13.70 -5.72 4.49
N ASP D 101 14.36 -6.04 3.38
CA ASP D 101 14.00 -7.18 2.55
C ASP D 101 15.09 -8.23 2.70
N TYR D 102 14.74 -9.46 3.05
CA TYR D 102 15.76 -10.50 3.18
C TYR D 102 15.60 -11.60 2.13
N VAL D 103 16.72 -12.28 1.87
CA VAL D 103 16.81 -13.57 1.18
C VAL D 103 17.74 -14.44 2.03
N SER D 104 17.25 -15.58 2.51
CA SER D 104 18.10 -16.44 3.34
C SER D 104 17.68 -17.89 3.13
N TYR D 105 18.22 -18.77 3.99
CA TYR D 105 17.95 -20.20 3.94
C TYR D 105 17.68 -20.69 5.34
N ASP D 106 16.66 -21.54 5.45
CA ASP D 106 16.30 -22.12 6.72
C ASP D 106 17.30 -23.20 7.11
N SER D 107 17.34 -23.53 8.41
CA SER D 107 18.33 -24.47 8.92
C SER D 107 17.87 -25.12 10.21
N ASP D 108 18.26 -26.39 10.37
CA ASP D 108 18.12 -27.09 11.64
C ASP D 108 19.40 -27.02 12.45
N MET D 109 20.45 -26.44 11.86
CA MET D 109 21.80 -26.26 12.41
C MET D 109 22.41 -27.59 12.83
N SER D 110 22.13 -28.64 12.08
CA SER D 110 22.63 -29.97 12.38
C SER D 110 23.20 -30.57 11.11
N ASN D 111 22.46 -30.46 10.01
CA ASN D 111 22.88 -30.95 8.70
C ASN D 111 24.00 -30.08 8.15
N THR D 112 25.17 -30.68 7.96
CA THR D 112 26.33 -29.98 7.42
C THR D 112 26.55 -30.24 5.95
N LYS D 113 25.59 -30.84 5.24
CA LYS D 113 25.78 -31.03 3.80
C LYS D 113 24.67 -30.45 2.95
N ASP D 114 23.45 -30.31 3.46
CA ASP D 114 22.33 -29.88 2.64
C ASP D 114 21.88 -28.50 3.05
N ARG D 115 21.65 -27.65 2.07
CA ARG D 115 21.10 -26.35 2.33
C ARG D 115 19.60 -26.50 2.46
N GLY D 116 19.03 -25.79 3.44
CA GLY D 116 17.61 -25.79 3.61
C GLY D 116 16.94 -24.93 2.55
N PRO D 117 15.61 -24.84 2.62
CA PRO D 117 14.88 -24.07 1.62
C PRO D 117 15.08 -22.58 1.73
N LYS D 118 14.97 -21.92 0.58
CA LYS D 118 15.05 -20.47 0.48
C LYS D 118 13.92 -19.87 1.29
N ILE D 119 14.22 -18.84 2.09
CA ILE D 119 13.21 -18.05 2.74
C ILE D 119 13.40 -16.58 2.35
N THR D 120 12.33 -15.91 1.93
CA THR D 120 12.40 -14.49 1.63
C THR D 120 11.39 -13.74 2.49
N GLY D 121 11.60 -12.44 2.58
CA GLY D 121 10.60 -11.61 3.20
C GLY D 121 10.75 -10.21 2.65
N ASP D 122 9.66 -9.58 2.20
CA ASP D 122 9.69 -8.24 1.63
C ASP D 122 8.93 -7.27 2.52
N ASP D 123 9.57 -6.12 2.82
CA ASP D 123 9.06 -5.05 3.69
C ASP D 123 8.72 -5.55 5.08
N VAL D 124 9.61 -6.37 5.61
CA VAL D 124 9.48 -7.08 6.88
C VAL D 124 10.11 -6.24 7.99
N VAL D 125 9.50 -6.21 9.18
CA VAL D 125 10.10 -5.59 10.36
C VAL D 125 11.17 -6.52 10.91
N LEU D 126 12.41 -6.02 11.02
CA LEU D 126 13.51 -6.81 11.57
C LEU D 126 13.70 -6.58 13.07
N ALA D 127 13.55 -5.34 13.52
CA ALA D 127 13.79 -4.98 14.91
C ALA D 127 13.00 -3.72 15.24
N THR D 128 12.89 -3.43 16.53
CA THR D 128 12.28 -2.19 16.99
C THR D 128 13.28 -1.45 17.88
N ILE D 129 13.57 -0.19 17.56
CA ILE D 129 14.51 0.62 18.34
C ILE D 129 13.73 1.34 19.43
N ASN D 130 14.08 1.11 20.68
CA ASN D 130 13.54 1.93 21.78
C ASN D 130 14.37 3.18 21.88
N LEU D 131 13.82 4.30 21.37
CA LEU D 131 14.58 5.54 21.23
C LEU D 131 14.81 6.22 22.58
N ASN D 132 15.98 6.84 22.72
CA ASN D 132 16.33 7.52 23.96
C ASN D 132 15.45 8.74 24.18
N THR D 133 15.27 9.53 23.13
CA THR D 133 14.37 10.65 23.03
C THR D 133 13.42 10.41 21.87
N PRO D 134 12.15 10.79 21.99
CA PRO D 134 11.19 10.55 20.89
C PRO D 134 11.45 11.44 19.68
N ALA D 135 11.27 10.84 18.50
CA ALA D 135 11.66 11.41 17.22
C ALA D 135 10.54 12.28 16.63
N ASP D 136 10.88 13.51 16.24
CA ASP D 136 9.89 14.44 15.71
C ASP D 136 10.20 14.74 14.24
N PRO D 137 9.37 14.27 13.30
CA PRO D 137 9.61 14.58 11.87
C PRO D 137 9.30 16.01 11.49
N ALA D 138 8.48 16.72 12.28
CA ALA D 138 8.18 18.11 11.98
C ALA D 138 9.34 19.02 12.33
N SER D 139 10.28 18.55 13.14
CA SER D 139 11.46 19.32 13.52
C SER D 139 12.55 19.28 12.45
N GLY D 140 12.40 18.46 11.40
CA GLY D 140 13.39 18.38 10.35
C GLY D 140 14.54 17.43 10.60
N SER D 141 14.67 16.92 11.82
CA SER D 141 15.72 16.00 12.20
C SER D 141 15.14 14.91 13.09
N ILE D 142 15.66 13.69 12.92
CA ILE D 142 15.19 12.50 13.63
C ILE D 142 16.41 11.83 14.24
N ASP D 143 16.44 11.72 15.58
CA ASP D 143 17.48 10.97 16.28
C ASP D 143 17.08 9.51 16.38
N LEU D 144 17.96 8.62 15.94
CA LEU D 144 17.69 7.20 15.92
C LEU D 144 18.46 6.43 16.99
N SER D 145 18.95 7.11 18.02
CA SER D 145 19.74 6.46 19.04
C SER D 145 18.84 5.71 20.01
N GLY D 146 19.30 4.54 20.44
CA GLY D 146 18.52 3.75 21.37
C GLY D 146 18.92 2.28 21.35
N SER D 147 18.22 1.50 22.16
CA SER D 147 18.41 0.07 22.25
C SER D 147 17.39 -0.67 21.38
N THR D 148 17.74 -1.87 20.93
CA THR D 148 16.92 -2.61 19.99
C THR D 148 16.53 -3.99 20.52
N THR D 149 15.36 -4.48 20.09
CA THR D 149 14.90 -5.84 20.35
C THR D 149 14.46 -6.48 19.04
N LEU D 150 14.61 -7.80 18.96
CA LEU D 150 14.34 -8.54 17.73
C LEU D 150 12.85 -8.82 17.51
N SER D 151 12.41 -8.63 16.26
CA SER D 151 11.00 -8.78 15.88
C SER D 151 10.64 -10.26 15.75
N PRO D 152 9.34 -10.61 15.66
CA PRO D 152 8.99 -12.02 15.36
C PRO D 152 9.44 -12.49 13.99
N GLU D 153 9.37 -11.62 12.99
CA GLU D 153 9.84 -11.98 11.65
C GLU D 153 11.37 -12.09 11.59
N GLY D 154 12.08 -11.40 12.47
CA GLY D 154 13.53 -11.53 12.53
C GLY D 154 14.05 -12.73 13.30
N ALA D 155 13.30 -13.17 14.31
CA ALA D 155 13.73 -14.34 15.08
C ALA D 155 13.60 -15.64 14.30
N LYS D 156 12.62 -15.71 13.39
CA LYS D 156 12.53 -16.83 12.47
C LYS D 156 13.70 -16.82 11.49
N LEU D 157 14.14 -15.62 11.12
CA LEU D 157 15.25 -15.47 10.18
C LEU D 157 16.58 -15.85 10.81
N PHE D 158 16.83 -15.42 12.04
CA PHE D 158 18.10 -15.69 12.68
C PHE D 158 18.14 -17.06 13.37
N ILE D 159 16.96 -17.67 13.58
CA ILE D 159 16.71 -19.01 14.12
C ILE D 159 17.11 -19.14 15.61
N ALA D 160 18.37 -18.86 15.97
CA ALA D 160 18.91 -19.14 17.30
C ALA D 160 18.48 -18.19 18.41
N TYR D 161 17.85 -17.05 18.11
CA TYR D 161 17.49 -16.10 19.15
C TYR D 161 16.01 -16.21 19.50
N ASP D 162 15.70 -15.84 20.73
CA ASP D 162 14.30 -15.76 21.13
C ASP D 162 13.66 -14.54 20.48
N VAL D 163 12.32 -14.57 20.37
CA VAL D 163 11.58 -13.36 19.99
C VAL D 163 11.73 -12.33 21.09
N GLY D 164 12.12 -11.12 20.73
CA GLY D 164 12.31 -10.09 21.71
C GLY D 164 13.68 -10.09 22.34
N SER D 165 14.63 -10.79 21.75
CA SER D 165 16.00 -10.76 22.21
C SER D 165 16.63 -9.39 21.91
N PRO D 166 17.47 -8.88 22.80
CA PRO D 166 18.13 -7.59 22.54
C PRO D 166 19.22 -7.73 21.50
N LEU D 167 19.34 -6.71 20.66
CA LEU D 167 20.36 -6.64 19.62
C LEU D 167 21.33 -5.52 19.99
N ASP D 168 22.18 -5.14 19.02
CA ASP D 168 23.10 -4.03 19.24
C ASP D 168 22.34 -2.71 19.32
N PRO D 169 22.79 -1.77 20.14
CA PRO D 169 22.16 -0.45 20.12
C PRO D 169 22.52 0.31 18.87
N THR D 170 21.63 1.21 18.49
CA THR D 170 21.84 2.08 17.36
C THR D 170 22.39 3.41 17.86
N SER D 171 22.90 4.19 16.92
CA SER D 171 23.31 5.56 17.21
C SER D 171 23.14 6.36 15.93
N GLY D 172 23.24 7.67 16.07
CA GLY D 172 23.21 8.50 14.89
C GLY D 172 21.89 9.23 14.71
N THR D 173 21.98 10.49 14.30
CA THR D 173 20.83 11.33 14.02
C THR D 173 20.79 11.63 12.53
N VAL D 174 19.65 11.38 11.89
CA VAL D 174 19.56 11.61 10.46
C VAL D 174 18.76 12.87 10.23
N ALA D 175 19.09 13.55 9.14
CA ALA D 175 18.33 14.68 8.63
C ALA D 175 17.40 14.17 7.53
N LEU D 176 16.40 14.99 7.21
CA LEU D 176 15.35 14.59 6.29
C LEU D 176 15.48 15.23 4.90
N ASP D 177 16.59 15.93 4.63
CA ASP D 177 16.68 16.79 3.45
C ASP D 177 17.06 16.04 2.18
N GLY D 178 17.59 14.84 2.30
CA GLY D 178 17.82 13.96 1.16
C GLY D 178 18.92 14.33 0.18
N SER E 1 58.83 -15.44 4.84
CA SER E 1 58.25 -14.32 4.12
C SER E 1 57.48 -14.80 2.88
N PHE E 2 56.22 -14.39 2.77
CA PHE E 2 55.35 -14.72 1.67
C PHE E 2 55.36 -13.63 0.60
N ASN E 3 55.56 -14.01 -0.66
CA ASN E 3 55.76 -13.05 -1.74
C ASN E 3 54.69 -13.22 -2.80
N TRP E 4 54.03 -12.11 -3.17
CA TRP E 4 52.98 -12.13 -4.17
C TRP E 4 52.84 -10.76 -4.81
N GLY E 5 52.83 -10.73 -6.14
CA GLY E 5 52.73 -9.46 -6.83
C GLY E 5 51.32 -9.11 -7.23
N ILE E 6 50.34 -9.80 -6.63
CA ILE E 6 48.91 -9.80 -6.93
C ILE E 6 48.65 -10.09 -8.39
N ARG E 7 48.83 -9.09 -9.26
CA ARG E 7 48.73 -9.26 -10.71
C ARG E 7 49.68 -8.26 -11.34
N GLN E 8 50.46 -8.73 -12.31
CA GLN E 8 51.49 -7.90 -12.93
C GLN E 8 50.87 -6.81 -13.80
N SER E 9 49.84 -7.15 -14.57
CA SER E 9 49.18 -6.18 -15.43
C SER E 9 48.34 -5.19 -14.63
N TYR E 10 47.93 -5.56 -13.41
CA TYR E 10 47.25 -4.61 -12.54
C TYR E 10 48.22 -3.58 -11.97
N ARG E 11 49.42 -4.02 -11.59
CA ARG E 11 50.44 -3.11 -11.07
C ARG E 11 50.95 -2.17 -12.15
N HIS E 12 50.98 -2.63 -13.40
CA HIS E 12 51.28 -1.75 -14.53
C HIS E 12 50.16 -0.74 -14.77
N TYR E 13 48.90 -1.12 -14.51
CA TYR E 13 47.77 -0.23 -14.73
C TYR E 13 47.75 0.91 -13.72
N ILE E 14 48.07 0.60 -12.46
CA ILE E 14 48.00 1.57 -11.38
C ILE E 14 49.09 2.61 -11.50
N LEU E 15 50.29 2.20 -11.90
CA LEU E 15 51.40 3.15 -11.94
C LEU E 15 51.66 3.73 -13.33
N LYS E 16 51.40 2.96 -14.40
CA LYS E 16 51.69 3.40 -15.77
C LYS E 16 50.51 3.34 -16.73
N GLY E 17 49.40 2.66 -16.39
CA GLY E 17 48.26 2.56 -17.27
C GLY E 17 47.33 3.75 -17.16
N ALA E 18 46.03 3.51 -17.40
CA ALA E 18 45.05 4.60 -17.37
C ALA E 18 44.82 5.13 -15.96
N ALA E 19 45.02 4.30 -14.94
CA ALA E 19 45.05 4.81 -13.57
C ALA E 19 46.31 5.62 -13.33
N GLY E 20 47.42 5.22 -13.96
CA GLY E 20 48.69 5.89 -13.78
C GLY E 20 48.78 7.24 -14.45
N LYS E 21 47.98 7.48 -15.48
CA LYS E 21 47.92 8.80 -16.09
C LYS E 21 47.00 9.76 -15.35
N THR E 22 46.34 9.32 -14.29
CA THR E 22 45.41 10.12 -13.51
C THR E 22 45.75 10.03 -12.03
N GLY E 23 47.04 10.06 -11.69
CA GLY E 23 47.44 10.14 -10.31
C GLY E 23 47.61 8.83 -9.59
N GLY E 24 47.91 7.76 -10.32
CA GLY E 24 47.94 6.45 -9.71
C GLY E 24 49.20 6.19 -8.90
N GLN E 25 49.00 5.46 -7.82
CA GLN E 25 50.02 5.29 -6.80
C GLN E 25 49.61 4.10 -5.94
N TRP E 26 50.53 3.66 -5.10
CA TRP E 26 50.12 2.82 -3.99
C TRP E 26 50.90 3.19 -2.74
N ALA E 27 50.41 2.69 -1.60
CA ALA E 27 51.05 2.82 -0.30
C ALA E 27 50.80 1.58 0.57
N THR E 28 51.80 1.19 1.38
CA THR E 28 51.69 0.05 2.28
C THR E 28 52.12 0.43 3.69
N GLN E 29 51.67 -0.38 4.66
CA GLN E 29 52.23 -0.38 6.01
C GLN E 29 52.47 -1.84 6.36
N GLY E 30 53.64 -2.16 6.93
CA GLY E 30 53.92 -3.52 7.37
C GLY E 30 54.32 -4.49 6.27
N ILE E 31 54.10 -4.14 5.01
CA ILE E 31 54.32 -4.99 3.84
C ILE E 31 55.38 -4.28 3.01
N GLY E 32 56.38 -5.03 2.56
CA GLY E 32 57.42 -4.48 1.71
C GLY E 32 57.12 -4.71 0.25
N PHE E 33 58.12 -4.40 -0.58
CA PHE E 33 58.06 -4.64 -2.01
C PHE E 33 59.47 -4.87 -2.51
N SER E 34 59.64 -5.88 -3.34
CA SER E 34 60.92 -6.13 -3.97
C SER E 34 60.71 -6.36 -5.46
N GLY E 35 61.66 -5.90 -6.26
CA GLY E 35 61.62 -6.13 -7.69
C GLY E 35 61.13 -4.94 -8.50
N ASP E 36 60.92 -5.21 -9.78
CA ASP E 36 60.38 -4.22 -10.71
C ASP E 36 58.90 -3.99 -10.41
N LYS E 37 58.50 -2.71 -10.31
CA LYS E 37 57.15 -2.35 -9.85
C LYS E 37 56.07 -2.74 -10.84
N THR E 38 56.35 -2.63 -12.14
CA THR E 38 55.41 -3.02 -13.17
C THR E 38 55.89 -4.25 -13.92
N GLY E 39 56.83 -4.99 -13.34
CA GLY E 39 57.42 -6.14 -13.98
C GLY E 39 56.92 -7.42 -13.37
N ILE E 40 57.32 -8.53 -13.98
CA ILE E 40 56.78 -9.83 -13.63
C ILE E 40 57.38 -10.31 -12.31
N ASP E 41 58.62 -9.91 -12.05
CA ASP E 41 59.38 -10.30 -10.87
C ASP E 41 59.04 -9.50 -9.61
N GLY E 42 58.19 -8.48 -9.71
CA GLY E 42 57.88 -7.65 -8.55
C GLY E 42 56.85 -8.29 -7.64
N ALA E 43 57.07 -8.15 -6.33
CA ALA E 43 56.22 -8.81 -5.35
C ALA E 43 56.15 -8.04 -4.04
N PHE E 44 54.95 -8.01 -3.46
CA PHE E 44 54.78 -7.54 -2.09
C PHE E 44 55.30 -8.58 -1.12
N ASN E 45 55.90 -8.15 -0.02
CA ASN E 45 56.56 -9.06 0.91
C ASN E 45 55.81 -9.10 2.21
N PHE E 46 55.20 -10.23 2.52
CA PHE E 46 54.34 -10.37 3.69
C PHE E 46 55.08 -11.15 4.77
N THR E 47 55.15 -10.59 5.98
CA THR E 47 55.84 -11.22 7.11
C THR E 47 54.85 -11.91 8.02
N PRO E 48 55.00 -13.21 8.29
CA PRO E 48 53.99 -13.95 9.04
C PRO E 48 53.97 -13.66 10.53
N GLY E 49 52.78 -13.76 11.08
CA GLY E 49 52.57 -13.76 12.52
C GLY E 49 52.36 -15.16 13.04
N LYS E 50 51.68 -15.24 14.18
CA LYS E 50 51.43 -16.51 14.84
C LYS E 50 50.30 -17.23 14.12
N ALA E 51 50.58 -18.45 13.63
CA ALA E 51 49.63 -19.25 12.88
C ALA E 51 48.64 -19.96 13.81
N ARG E 52 47.55 -20.44 13.23
CA ARG E 52 46.50 -21.16 13.95
C ARG E 52 46.15 -22.41 13.15
N ILE E 53 46.27 -23.58 13.77
CA ILE E 53 46.08 -24.87 13.11
C ILE E 53 44.71 -25.40 13.52
N ASP E 54 43.91 -25.83 12.54
CA ASP E 54 42.69 -26.58 12.80
C ASP E 54 42.71 -27.83 11.91
N GLY E 55 43.19 -28.94 12.48
CA GLY E 55 43.41 -30.18 11.76
C GLY E 55 44.71 -30.14 10.99
N ASN E 56 44.65 -30.25 9.66
CA ASN E 56 45.80 -30.06 8.81
C ASN E 56 45.71 -28.74 8.06
N SER E 57 44.97 -27.78 8.62
CA SER E 57 44.72 -26.51 7.96
C SER E 57 45.29 -25.40 8.85
N ALA E 58 46.32 -24.73 8.36
CA ALA E 58 46.92 -23.61 9.09
C ALA E 58 46.41 -22.28 8.55
N THR E 59 46.03 -21.39 9.48
CA THR E 59 45.64 -20.02 9.16
C THR E 59 46.75 -19.08 9.61
N ILE E 60 47.46 -18.52 8.64
CA ILE E 60 48.64 -17.70 8.87
C ILE E 60 48.28 -16.24 8.59
N PRO E 61 48.37 -15.35 9.56
CA PRO E 61 48.13 -13.93 9.31
C PRO E 61 49.39 -13.21 8.83
N PHE E 62 49.16 -12.11 8.12
CA PHE E 62 50.24 -11.23 7.70
C PHE E 62 49.76 -9.82 8.03
N PRO E 63 50.34 -9.16 9.04
CA PRO E 63 49.85 -7.84 9.45
C PRO E 63 50.20 -6.75 8.45
N GLY E 64 49.31 -5.76 8.37
CA GLY E 64 49.51 -4.57 7.56
C GLY E 64 48.42 -4.40 6.52
N PHE E 65 48.60 -3.35 5.70
CA PHE E 65 47.70 -3.12 4.57
C PHE E 65 48.48 -2.70 3.33
N ILE E 66 47.80 -2.80 2.18
CA ILE E 66 48.22 -2.21 0.91
C ILE E 66 47.08 -1.32 0.40
N HIS E 67 47.39 -0.07 0.06
CA HIS E 67 46.37 0.89 -0.40
C HIS E 67 46.70 1.31 -1.82
N PHE E 68 45.85 0.98 -2.79
CA PHE E 68 46.00 1.46 -4.16
C PHE E 68 45.06 2.64 -4.41
N LYS E 69 45.52 3.62 -5.18
CA LYS E 69 44.71 4.79 -5.53
C LYS E 69 44.91 5.14 -6.99
N GLY E 70 43.92 5.79 -7.57
CA GLY E 70 44.00 6.18 -8.97
C GLY E 70 42.76 6.93 -9.38
N HIS E 71 42.78 7.37 -10.62
CA HIS E 71 41.64 7.99 -11.33
C HIS E 71 41.14 9.27 -10.67
N ASP E 72 42.07 10.22 -10.54
CA ASP E 72 41.74 11.61 -10.25
C ASP E 72 41.67 12.37 -11.57
N HIS E 73 40.46 12.68 -12.01
CA HIS E 73 40.25 13.40 -13.26
C HIS E 73 39.98 14.87 -13.00
N GLY E 74 40.60 15.41 -11.94
CA GLY E 74 40.56 16.80 -11.57
C GLY E 74 39.63 17.23 -10.46
N SER E 75 38.75 16.37 -9.95
CA SER E 75 37.88 16.85 -8.88
C SER E 75 38.52 16.77 -7.49
N GLY E 76 39.73 16.25 -7.37
CA GLY E 76 40.37 16.09 -6.08
C GLY E 76 40.03 14.76 -5.43
N VAL E 77 39.24 13.92 -6.09
CA VAL E 77 38.72 12.69 -5.51
C VAL E 77 39.21 11.55 -6.39
N TYR E 78 39.71 10.50 -5.76
CA TYR E 78 40.16 9.31 -6.46
C TYR E 78 38.98 8.36 -6.69
N LEU E 79 38.67 8.11 -7.94
CA LEU E 79 37.58 7.22 -8.30
C LEU E 79 37.99 5.75 -8.14
N LEU E 80 39.29 5.46 -8.23
CA LEU E 80 39.86 4.18 -7.81
C LEU E 80 40.50 4.39 -6.44
N ASP E 81 40.10 3.56 -5.47
CA ASP E 81 40.51 3.73 -4.08
C ASP E 81 40.29 2.35 -3.44
N MET E 82 41.34 1.54 -3.44
CA MET E 82 41.20 0.14 -3.10
C MET E 82 42.17 -0.22 -1.98
N THR E 83 41.63 -0.53 -0.81
CA THR E 83 42.42 -0.87 0.38
C THR E 83 42.27 -2.36 0.68
N PHE E 84 43.40 -3.04 0.83
CA PHE E 84 43.48 -4.46 1.13
C PHE E 84 44.13 -4.59 2.50
N SER E 85 43.40 -5.09 3.49
CA SER E 85 43.99 -5.35 4.79
C SER E 85 43.58 -6.75 5.22
N ASP E 86 44.01 -7.11 6.44
CA ASP E 86 43.71 -8.37 7.13
C ASP E 86 44.11 -9.59 6.31
N TRP E 87 45.35 -9.56 5.84
CA TRP E 87 45.87 -10.59 4.96
C TRP E 87 46.03 -11.90 5.74
N LYS E 88 45.42 -12.97 5.21
CA LYS E 88 45.45 -14.29 5.83
C LYS E 88 45.55 -15.35 4.74
N VAL E 89 46.22 -16.44 5.08
CA VAL E 89 46.28 -17.62 4.23
C VAL E 89 45.79 -18.82 5.02
N VAL E 90 44.72 -19.47 4.52
CA VAL E 90 44.23 -20.75 5.04
C VAL E 90 44.54 -21.84 4.03
N THR E 91 45.29 -22.87 4.48
CA THR E 91 45.70 -23.98 3.61
C THR E 91 44.69 -25.11 3.67
N HIS E 92 44.50 -25.78 2.53
CA HIS E 92 43.54 -26.89 2.43
C HIS E 92 44.16 -28.11 1.76
N GLY E 93 45.37 -28.47 2.18
CA GLY E 93 46.05 -29.58 1.55
C GLY E 93 46.83 -29.17 0.32
N SER E 94 46.28 -29.44 -0.87
CA SER E 94 46.94 -29.06 -2.12
C SER E 94 46.58 -27.67 -2.60
N THR E 95 45.60 -27.01 -1.99
CA THR E 95 45.27 -25.63 -2.31
C THR E 95 45.36 -24.78 -1.06
N ALA E 96 45.53 -23.48 -1.27
CA ALA E 96 45.51 -22.50 -0.19
C ALA E 96 44.76 -21.26 -0.64
N ASP E 97 43.96 -20.70 0.25
CA ASP E 97 43.16 -19.51 -0.04
C ASP E 97 43.84 -18.28 0.54
N ILE E 98 43.83 -17.20 -0.23
CA ILE E 98 44.33 -15.91 0.22
C ILE E 98 43.15 -15.06 0.67
N LEU E 99 43.15 -14.67 1.94
CA LEU E 99 42.02 -13.99 2.54
C LEU E 99 42.39 -12.55 2.83
N VAL E 100 41.45 -11.63 2.52
CA VAL E 100 41.61 -10.20 2.73
C VAL E 100 40.33 -9.61 3.31
N ASP E 101 40.46 -8.43 3.88
CA ASP E 101 39.37 -7.49 4.05
C ASP E 101 39.59 -6.37 3.05
N TYR E 102 38.61 -6.12 2.16
CA TYR E 102 38.77 -5.04 1.19
C TYR E 102 37.79 -3.91 1.45
N VAL E 103 38.19 -2.70 1.05
CA VAL E 103 37.32 -1.53 0.89
C VAL E 103 37.61 -0.93 -0.46
N SER E 104 36.61 -0.82 -1.33
CA SER E 104 36.81 -0.29 -2.66
C SER E 104 35.55 0.41 -3.12
N TYR E 105 35.49 0.77 -4.41
CA TYR E 105 34.34 1.46 -4.99
C TYR E 105 34.05 0.83 -6.36
N ASP E 106 32.78 0.67 -6.65
CA ASP E 106 32.36 0.10 -7.94
C ASP E 106 32.51 1.15 -9.04
N SER E 107 32.59 0.69 -10.29
CA SER E 107 32.81 1.62 -11.40
C SER E 107 32.28 1.08 -12.72
N ASP E 108 31.78 1.99 -13.57
CA ASP E 108 31.41 1.69 -14.95
C ASP E 108 32.52 2.03 -15.94
N MET E 109 33.62 2.60 -15.44
CA MET E 109 34.82 2.97 -16.19
C MET E 109 34.55 3.95 -17.34
N SER E 110 33.62 4.90 -17.12
CA SER E 110 33.31 5.93 -18.11
C SER E 110 33.09 7.28 -17.44
N ASN E 111 32.37 7.26 -16.32
CA ASN E 111 32.09 8.46 -15.55
C ASN E 111 33.38 8.91 -14.86
N THR E 112 33.85 10.11 -15.21
CA THR E 112 35.07 10.69 -14.67
C THR E 112 34.80 11.75 -13.60
N LYS E 113 33.56 11.87 -13.14
CA LYS E 113 33.20 12.88 -12.16
C LYS E 113 32.77 12.28 -10.84
N ASP E 114 32.05 11.15 -10.89
CA ASP E 114 31.40 10.56 -9.73
C ASP E 114 32.11 9.28 -9.33
N ARG E 115 32.45 9.18 -8.05
CA ARG E 115 32.90 7.91 -7.49
C ARG E 115 31.68 7.03 -7.27
N GLY E 116 31.82 5.74 -7.55
CA GLY E 116 30.73 4.81 -7.39
C GLY E 116 30.46 4.48 -5.95
N PRO E 117 29.51 3.57 -5.73
CA PRO E 117 29.16 3.20 -4.35
C PRO E 117 30.25 2.38 -3.68
N LYS E 118 30.35 2.58 -2.37
CA LYS E 118 31.31 1.85 -1.54
C LYS E 118 30.95 0.39 -1.54
N ILE E 119 31.95 -0.47 -1.74
CA ILE E 119 31.87 -1.90 -1.56
C ILE E 119 32.91 -2.30 -0.52
N THR E 120 32.52 -3.15 0.42
CA THR E 120 33.44 -3.73 1.39
C THR E 120 33.31 -5.24 1.37
N GLY E 121 34.31 -5.90 1.97
CA GLY E 121 34.29 -7.35 2.17
C GLY E 121 35.16 -7.69 3.37
N ASP E 122 34.68 -8.51 4.32
CA ASP E 122 35.45 -8.94 5.49
C ASP E 122 35.66 -10.45 5.47
N ASP E 123 36.91 -10.88 5.67
CA ASP E 123 37.36 -12.29 5.62
C ASP E 123 36.99 -12.94 4.30
N VAL E 124 37.16 -12.21 3.25
CA VAL E 124 36.75 -12.62 1.91
C VAL E 124 37.95 -13.30 1.26
N VAL E 125 37.70 -14.39 0.54
CA VAL E 125 38.76 -15.06 -0.22
C VAL E 125 39.02 -14.25 -1.47
N LEU E 126 40.27 -13.82 -1.67
CA LEU E 126 40.66 -13.07 -2.85
C LEU E 126 41.16 -13.97 -3.97
N ALA E 127 41.92 -15.01 -3.64
CA ALA E 127 42.52 -15.87 -4.64
C ALA E 127 42.82 -17.22 -4.01
N THR E 128 43.06 -18.21 -4.86
CA THR E 128 43.36 -19.58 -4.45
C THR E 128 44.70 -20.00 -5.04
N ILE E 129 45.62 -20.44 -4.18
CA ILE E 129 46.95 -20.87 -4.61
C ILE E 129 46.92 -22.36 -4.95
N ASN E 130 47.32 -22.68 -6.18
CA ASN E 130 47.60 -24.08 -6.53
C ASN E 130 48.99 -24.39 -6.02
N LEU E 131 49.09 -25.03 -4.84
CA LEU E 131 50.37 -25.20 -4.18
C LEU E 131 51.22 -26.26 -4.88
N ASN E 132 52.51 -25.95 -5.02
CA ASN E 132 53.44 -26.86 -5.71
C ASN E 132 53.73 -28.11 -4.88
N THR E 133 53.90 -27.95 -3.56
CA THR E 133 54.01 -29.04 -2.59
C THR E 133 52.89 -28.88 -1.58
N PRO E 134 52.30 -29.98 -1.08
CA PRO E 134 51.17 -29.86 -0.13
C PRO E 134 51.59 -29.34 1.23
N ALA E 135 50.71 -28.55 1.83
CA ALA E 135 51.02 -27.84 3.07
C ALA E 135 50.71 -28.74 4.25
N ASP E 136 51.73 -28.99 5.07
CA ASP E 136 51.55 -29.81 6.28
C ASP E 136 51.87 -28.96 7.49
N PRO E 137 50.87 -28.57 8.29
CA PRO E 137 51.13 -27.76 9.48
C PRO E 137 51.79 -28.52 10.62
N ALA E 138 51.75 -29.85 10.62
CA ALA E 138 52.40 -30.61 11.68
C ALA E 138 53.92 -30.64 11.53
N SER E 139 54.44 -30.28 10.36
CA SER E 139 55.88 -30.22 10.11
C SER E 139 56.52 -28.94 10.57
N GLY E 140 55.76 -27.92 10.95
CA GLY E 140 56.32 -26.66 11.42
C GLY E 140 56.69 -25.66 10.35
N SER E 141 56.67 -26.05 9.08
CA SER E 141 57.02 -25.17 7.97
C SER E 141 56.07 -25.40 6.82
N ILE E 142 55.71 -24.33 6.12
CA ILE E 142 54.81 -24.40 4.97
C ILE E 142 55.45 -23.63 3.82
N ASP E 143 55.70 -24.30 2.71
CA ASP E 143 56.09 -23.65 1.46
C ASP E 143 54.81 -23.24 0.76
N LEU E 144 54.69 -21.95 0.44
CA LEU E 144 53.48 -21.39 -0.15
C LEU E 144 53.64 -21.03 -1.62
N SER E 145 54.65 -21.57 -2.29
CA SER E 145 54.88 -21.24 -3.69
C SER E 145 53.88 -21.98 -4.57
N GLY E 146 53.48 -21.33 -5.65
CA GLY E 146 52.53 -21.93 -6.57
C GLY E 146 51.88 -20.88 -7.46
N SER E 147 50.93 -21.35 -8.27
CA SER E 147 50.15 -20.52 -9.18
C SER E 147 48.82 -20.17 -8.54
N THR E 148 48.25 -19.05 -9.00
CA THR E 148 47.05 -18.47 -8.41
C THR E 148 45.94 -18.27 -9.43
N THR E 149 44.69 -18.39 -8.95
CA THR E 149 43.50 -18.07 -9.74
C THR E 149 42.63 -17.10 -8.95
N LEU E 150 41.90 -16.25 -9.67
CA LEU E 150 41.06 -15.21 -9.06
C LEU E 150 39.71 -15.75 -8.59
N SER E 151 39.30 -15.37 -7.38
CA SER E 151 38.08 -15.88 -6.74
C SER E 151 36.85 -15.16 -7.29
N PRO E 152 35.63 -15.64 -6.98
CA PRO E 152 34.44 -14.82 -7.32
C PRO E 152 34.34 -13.49 -6.59
N GLU E 153 34.84 -13.39 -5.36
CA GLU E 153 34.73 -12.13 -4.64
C GLU E 153 35.77 -11.12 -5.11
N GLY E 154 36.90 -11.61 -5.62
CA GLY E 154 37.90 -10.72 -6.17
C GLY E 154 37.57 -10.20 -7.55
N ALA E 155 36.86 -10.98 -8.37
CA ALA E 155 36.51 -10.54 -9.71
C ALA E 155 35.44 -9.45 -9.70
N LYS E 156 34.58 -9.44 -8.69
CA LYS E 156 33.68 -8.33 -8.46
C LYS E 156 34.45 -7.08 -8.09
N LEU E 157 35.50 -7.25 -7.29
CA LEU E 157 36.32 -6.16 -6.80
C LEU E 157 37.18 -5.54 -7.90
N PHE E 158 37.79 -6.36 -8.74
CA PHE E 158 38.67 -5.86 -9.78
C PHE E 158 37.95 -5.48 -11.06
N ILE E 159 36.70 -5.92 -11.23
CA ILE E 159 35.76 -5.63 -12.33
C ILE E 159 36.23 -6.17 -13.69
N ALA E 160 37.42 -5.75 -14.15
CA ALA E 160 37.84 -6.00 -15.52
C ALA E 160 38.29 -7.43 -15.78
N TYR E 161 38.47 -8.24 -14.74
CA TYR E 161 38.95 -9.61 -14.87
C TYR E 161 37.82 -10.63 -14.71
N ASP E 162 37.96 -11.76 -15.40
CA ASP E 162 37.02 -12.86 -15.29
C ASP E 162 37.28 -13.67 -14.02
N VAL E 163 36.25 -14.39 -13.57
CA VAL E 163 36.39 -15.32 -12.47
C VAL E 163 37.26 -16.48 -12.92
N GLY E 164 38.30 -16.78 -12.15
CA GLY E 164 39.25 -17.81 -12.51
C GLY E 164 40.38 -17.36 -13.41
N SER E 165 40.58 -16.05 -13.58
CA SER E 165 41.69 -15.51 -14.34
C SER E 165 43.02 -15.80 -13.63
N PRO E 166 44.11 -16.00 -14.38
CA PRO E 166 45.40 -16.21 -13.73
C PRO E 166 45.97 -14.92 -13.15
N LEU E 167 46.58 -15.04 -11.99
CA LEU E 167 47.23 -13.94 -11.32
C LEU E 167 48.73 -14.20 -11.25
N ASP E 168 49.42 -13.39 -10.46
CA ASP E 168 50.85 -13.58 -10.25
C ASP E 168 51.11 -14.83 -9.41
N PRO E 169 52.17 -15.59 -9.73
CA PRO E 169 52.53 -16.73 -8.90
C PRO E 169 53.16 -16.32 -7.58
N THR E 170 53.00 -17.18 -6.58
CA THR E 170 53.50 -16.95 -5.24
C THR E 170 54.85 -17.64 -5.01
N SER E 171 55.50 -17.25 -3.92
CA SER E 171 56.70 -17.91 -3.45
C SER E 171 56.78 -17.70 -1.95
N GLY E 172 57.74 -18.35 -1.33
CA GLY E 172 58.03 -18.15 0.09
C GLY E 172 57.69 -19.30 1.00
N THR E 173 58.55 -19.54 1.97
CA THR E 173 58.37 -20.57 2.99
C THR E 173 58.18 -19.88 4.33
N VAL E 174 57.08 -20.18 5.00
CA VAL E 174 56.75 -19.55 6.27
C VAL E 174 56.93 -20.52 7.44
N ALA E 175 57.26 -19.95 8.59
CA ALA E 175 57.28 -20.66 9.85
C ALA E 175 55.96 -20.43 10.57
N LEU E 176 55.62 -21.35 11.46
CA LEU E 176 54.31 -21.37 12.08
C LEU E 176 54.32 -20.91 13.53
N ASP E 177 55.47 -20.47 14.04
CA ASP E 177 55.57 -19.97 15.40
C ASP E 177 55.30 -18.48 15.50
N GLY E 178 55.64 -17.69 14.48
CA GLY E 178 55.43 -16.26 14.48
C GLY E 178 56.35 -15.47 15.41
N SER F 1 32.13 12.50 5.73
CA SER F 1 32.05 13.93 6.02
C SER F 1 31.83 14.19 7.49
N PHE F 2 32.66 15.06 8.07
CA PHE F 2 32.45 15.50 9.45
C PHE F 2 31.53 16.73 9.40
N ASN F 3 30.44 16.67 10.16
CA ASN F 3 29.39 17.68 10.09
C ASN F 3 29.25 18.33 11.46
N TRP F 4 29.23 19.67 11.50
CA TRP F 4 29.02 20.37 12.76
C TRP F 4 28.47 21.75 12.47
N GLY F 5 27.32 22.07 13.06
CA GLY F 5 26.72 23.37 12.82
C GLY F 5 26.96 24.35 13.95
N ILE F 6 27.97 24.06 14.78
CA ILE F 6 28.42 24.83 15.94
C ILE F 6 27.32 25.12 16.95
N ARG F 7 26.42 26.06 16.64
CA ARG F 7 25.24 26.36 17.46
C ARG F 7 24.14 26.93 16.57
N GLN F 8 22.91 26.44 16.74
CA GLN F 8 21.79 26.86 15.89
C GLN F 8 21.38 28.31 16.15
N SER F 9 21.30 28.69 17.43
CA SER F 9 20.97 30.06 17.80
C SER F 9 22.06 31.04 17.40
N TYR F 10 23.32 30.58 17.34
CA TYR F 10 24.40 31.42 16.85
C TYR F 10 24.29 31.63 15.35
N ARG F 11 23.96 30.57 14.62
CA ARG F 11 23.78 30.65 13.16
C ARG F 11 22.55 31.46 12.79
N HIS F 12 21.52 31.41 13.61
CA HIS F 12 20.34 32.26 13.44
C HIS F 12 20.67 33.72 13.73
N TYR F 13 21.61 33.98 14.64
CA TYR F 13 21.98 35.33 14.99
C TYR F 13 22.87 35.96 13.93
N ILE F 14 23.71 35.17 13.27
CA ILE F 14 24.62 35.69 12.25
C ILE F 14 23.83 36.04 10.99
N LEU F 15 22.79 35.29 10.66
CA LEU F 15 22.08 35.52 9.40
C LEU F 15 20.76 36.25 9.54
N LYS F 16 20.00 36.00 10.62
CA LYS F 16 18.69 36.61 10.81
C LYS F 16 18.58 37.47 12.07
N GLY F 17 19.54 37.40 12.97
CA GLY F 17 19.46 38.09 14.24
C GLY F 17 19.97 39.52 14.20
N ALA F 18 20.49 39.97 15.35
CA ALA F 18 21.00 41.33 15.51
C ALA F 18 22.28 41.57 14.71
N ALA F 19 23.11 40.55 14.56
CA ALA F 19 24.24 40.67 13.64
C ALA F 19 23.77 40.61 12.19
N GLY F 20 22.70 39.83 11.92
CA GLY F 20 22.23 39.67 10.55
C GLY F 20 21.51 40.86 9.96
N LYS F 21 20.83 41.64 10.81
CA LYS F 21 20.22 42.87 10.35
C LYS F 21 21.27 43.95 10.08
N THR F 22 22.46 43.80 10.65
CA THR F 22 23.56 44.76 10.50
C THR F 22 24.67 44.17 9.63
N GLY F 23 24.29 43.49 8.55
CA GLY F 23 25.26 43.03 7.58
C GLY F 23 25.85 41.67 7.83
N GLY F 24 25.17 40.80 8.58
CA GLY F 24 25.77 39.55 8.99
C GLY F 24 25.77 38.50 7.89
N GLN F 25 26.87 37.77 7.82
CA GLN F 25 27.16 36.85 6.74
C GLN F 25 28.13 35.79 7.24
N TRP F 26 28.31 34.73 6.44
CA TRP F 26 29.46 33.87 6.61
C TRP F 26 30.06 33.54 5.25
N ALA F 27 31.34 33.16 5.25
CA ALA F 27 32.04 32.70 4.06
C ALA F 27 33.07 31.63 4.42
N THR F 28 33.16 30.58 3.61
CA THR F 28 34.16 29.54 3.85
C THR F 28 35.13 29.43 2.67
N GLN F 29 36.22 28.72 2.90
CA GLN F 29 37.01 28.08 1.86
C GLN F 29 37.14 26.61 2.25
N GLY F 30 36.90 25.70 1.30
CA GLY F 30 37.06 24.28 1.54
C GLY F 30 35.87 23.58 2.17
N ILE F 31 35.28 24.21 3.15
CA ILE F 31 34.16 23.72 3.94
C ILE F 31 32.85 24.08 3.24
N GLY F 32 31.92 23.13 3.16
CA GLY F 32 30.61 23.37 2.60
C GLY F 32 29.55 23.62 3.67
N PHE F 33 28.29 23.58 3.24
CA PHE F 33 27.17 23.61 4.16
C PHE F 33 26.02 22.83 3.56
N SER F 34 25.30 22.10 4.42
CA SER F 34 24.10 21.36 4.04
C SER F 34 23.01 21.56 5.08
N GLY F 35 21.77 21.58 4.62
CA GLY F 35 20.58 21.81 5.46
C GLY F 35 20.12 23.25 5.41
N ASP F 36 19.12 23.56 6.23
CA ASP F 36 18.74 24.97 6.40
C ASP F 36 19.80 25.68 7.23
N LYS F 37 20.10 26.91 6.81
CA LYS F 37 21.19 27.72 7.36
C LYS F 37 20.98 28.09 8.83
N THR F 38 19.72 28.28 9.25
CA THR F 38 19.39 28.62 10.63
C THR F 38 18.62 27.51 11.32
N GLY F 39 18.76 26.27 10.86
CA GLY F 39 18.00 25.15 11.38
C GLY F 39 18.85 24.16 12.17
N ILE F 40 18.16 23.17 12.75
CA ILE F 40 18.82 22.17 13.61
C ILE F 40 19.66 21.20 12.80
N ASP F 41 19.21 20.82 11.60
CA ASP F 41 19.97 19.92 10.73
C ASP F 41 21.08 20.62 9.94
N GLY F 42 21.20 21.94 10.03
CA GLY F 42 22.23 22.64 9.29
C GLY F 42 23.61 22.41 9.89
N ALA F 43 24.59 22.12 9.04
CA ALA F 43 25.91 21.78 9.54
C ALA F 43 27.00 22.19 8.56
N PHE F 44 28.08 22.75 9.09
CA PHE F 44 29.29 22.94 8.28
C PHE F 44 29.97 21.59 8.06
N ASN F 45 30.46 21.39 6.83
CA ASN F 45 30.91 20.09 6.35
C ASN F 45 32.42 20.08 6.09
N PHE F 46 33.14 19.23 6.83
CA PHE F 46 34.60 19.18 6.79
C PHE F 46 35.09 17.90 6.12
N THR F 47 36.00 18.02 5.15
CA THR F 47 36.55 16.84 4.47
C THR F 47 37.79 16.34 5.22
N PRO F 48 37.79 15.09 5.72
CA PRO F 48 38.92 14.61 6.53
C PRO F 48 40.18 14.27 5.75
N GLY F 49 41.33 14.58 6.37
CA GLY F 49 42.61 14.14 5.88
C GLY F 49 43.11 12.90 6.63
N LYS F 50 44.39 12.61 6.44
CA LYS F 50 44.98 11.39 6.98
C LYS F 50 45.28 11.56 8.47
N ALA F 51 44.89 10.57 9.27
CA ALA F 51 44.97 10.69 10.72
C ALA F 51 46.25 10.14 11.32
N ARG F 52 46.76 10.83 12.34
N ARG F 52 46.77 10.84 12.33
CA ARG F 52 47.88 10.36 13.13
CA ARG F 52 47.88 10.35 13.13
C ARG F 52 47.35 9.59 14.33
C ARG F 52 47.34 9.58 14.33
N ILE F 53 47.84 8.37 14.52
CA ILE F 53 47.41 7.48 15.59
C ILE F 53 48.49 7.48 16.66
N ASP F 54 48.12 7.84 17.88
CA ASP F 54 49.05 7.95 19.02
C ASP F 54 48.51 7.07 20.13
N GLY F 55 48.76 5.77 20.02
CA GLY F 55 48.19 4.83 20.97
C GLY F 55 46.77 4.52 20.58
N ASN F 56 45.81 4.81 21.46
CA ASN F 56 44.40 4.74 21.13
C ASN F 56 43.80 6.11 20.80
N SER F 57 44.63 7.04 20.33
CA SER F 57 44.24 8.43 20.14
C SER F 57 44.50 8.83 18.69
N ALA F 58 43.42 9.19 17.98
CA ALA F 58 43.48 9.60 16.59
C ALA F 58 43.30 11.11 16.43
N THR F 59 44.19 11.73 15.65
CA THR F 59 44.14 13.16 15.36
C THR F 59 43.84 13.34 13.88
N ILE F 60 42.66 13.83 13.56
CA ILE F 60 42.17 13.95 12.18
C ILE F 60 42.13 15.43 11.82
N PRO F 61 42.90 15.87 10.82
CA PRO F 61 42.82 17.27 10.36
C PRO F 61 41.70 17.50 9.35
N PHE F 62 41.26 18.75 9.28
CA PHE F 62 40.19 19.14 8.36
C PHE F 62 40.58 20.45 7.70
N PRO F 63 40.87 20.45 6.39
CA PRO F 63 41.31 21.69 5.72
C PRO F 63 40.20 22.71 5.53
N GLY F 64 40.61 23.97 5.56
CA GLY F 64 39.77 25.08 5.22
C GLY F 64 39.58 26.04 6.39
N PHE F 65 38.84 27.11 6.11
CA PHE F 65 38.45 28.02 7.18
C PHE F 65 36.98 28.42 7.05
N ILE F 66 36.44 28.98 8.13
CA ILE F 66 35.12 29.62 8.14
C ILE F 66 35.29 31.01 8.73
N HIS F 67 34.68 32.02 8.09
CA HIS F 67 34.69 33.41 8.53
C HIS F 67 33.26 33.83 8.87
N PHE F 68 33.01 34.25 10.12
CA PHE F 68 31.72 34.85 10.49
C PHE F 68 31.86 36.37 10.64
N LYS F 69 30.93 37.13 10.07
CA LYS F 69 30.95 38.58 10.19
C LYS F 69 29.57 39.10 10.58
N GLY F 70 29.56 40.33 11.09
CA GLY F 70 28.33 40.99 11.47
C GLY F 70 28.65 42.33 12.12
N HIS F 71 27.58 43.09 12.40
CA HIS F 71 27.58 44.37 13.13
C HIS F 71 28.37 45.47 12.40
N ASP F 72 27.88 45.84 11.21
CA ASP F 72 28.24 47.08 10.52
C ASP F 72 27.17 48.12 10.85
N HIS F 73 27.54 49.15 11.60
CA HIS F 73 26.61 50.19 12.05
C HIS F 73 26.90 51.53 11.40
N GLY F 74 27.30 51.54 10.13
CA GLY F 74 27.55 52.77 9.42
C GLY F 74 28.95 53.34 9.60
N SER F 75 29.78 52.75 10.46
CA SER F 75 31.13 53.24 10.66
C SER F 75 32.12 52.68 9.65
N GLY F 76 31.68 51.75 8.79
CA GLY F 76 32.56 51.15 7.82
C GLY F 76 33.32 49.93 8.32
N VAL F 77 33.03 49.46 9.53
CA VAL F 77 33.77 48.37 10.16
C VAL F 77 32.76 47.31 10.64
N TYR F 78 33.01 46.05 10.28
CA TYR F 78 32.28 44.92 10.86
C TYR F 78 32.83 44.67 12.26
N LEU F 79 32.00 44.91 13.28
CA LEU F 79 32.46 44.72 14.66
C LEU F 79 32.54 43.25 15.05
N LEU F 80 31.68 42.41 14.47
CA LEU F 80 31.86 40.97 14.47
C LEU F 80 32.66 40.59 13.23
N ASP F 81 33.77 39.88 13.46
CA ASP F 81 34.76 39.55 12.43
C ASP F 81 35.57 38.36 12.91
N MET F 82 35.03 37.15 12.71
CA MET F 82 35.45 35.95 13.43
C MET F 82 35.81 34.86 12.43
N THR F 83 37.09 34.47 12.41
CA THR F 83 37.63 33.44 11.54
C THR F 83 37.91 32.19 12.35
N PHE F 84 37.51 31.02 11.84
CA PHE F 84 37.83 29.74 12.44
C PHE F 84 38.68 28.95 11.47
N SER F 85 39.89 28.56 11.87
CA SER F 85 40.79 27.77 11.02
C SER F 85 41.45 26.67 11.85
N ASP F 86 42.32 25.89 11.17
CA ASP F 86 43.14 24.78 11.72
C ASP F 86 42.28 23.73 12.42
N TRP F 87 41.28 23.24 11.69
CA TRP F 87 40.30 22.32 12.27
C TRP F 87 40.89 20.93 12.47
N LYS F 88 40.78 20.44 13.71
CA LYS F 88 41.36 19.17 14.14
C LYS F 88 40.37 18.49 15.06
N VAL F 89 40.30 17.16 15.00
CA VAL F 89 39.58 16.38 15.99
C VAL F 89 40.57 15.38 16.57
N VAL F 90 40.76 15.44 17.89
CA VAL F 90 41.64 14.53 18.63
C VAL F 90 40.77 13.66 19.53
N THR F 91 40.78 12.35 19.31
CA THR F 91 39.94 11.46 20.10
C THR F 91 40.67 10.95 21.32
N HIS F 92 39.92 10.79 22.41
CA HIS F 92 40.43 10.38 23.72
C HIS F 92 39.59 9.25 24.29
N GLY F 93 39.32 8.24 23.48
CA GLY F 93 38.50 7.14 23.92
C GLY F 93 37.03 7.49 23.90
N SER F 94 36.50 7.92 25.05
CA SER F 94 35.10 8.29 25.22
C SER F 94 34.79 9.74 24.87
N THR F 95 35.81 10.59 24.72
CA THR F 95 35.64 11.99 24.38
C THR F 95 36.44 12.28 23.11
N ALA F 96 36.10 13.40 22.45
CA ALA F 96 36.89 13.89 21.34
C ALA F 96 36.85 15.41 21.37
N ASP F 97 38.01 16.03 21.18
CA ASP F 97 38.12 17.48 21.27
C ASP F 97 38.10 18.10 19.87
N ILE F 98 37.45 19.25 19.75
CA ILE F 98 37.45 20.02 18.51
C ILE F 98 38.39 21.20 18.72
N LEU F 99 39.52 21.21 18.01
CA LEU F 99 40.51 22.27 18.17
C LEU F 99 40.52 23.20 16.96
N VAL F 100 40.64 24.49 17.24
CA VAL F 100 40.66 25.53 16.21
C VAL F 100 41.79 26.50 16.49
N ASP F 101 42.15 27.24 15.44
CA ASP F 101 42.85 28.51 15.54
C ASP F 101 41.85 29.60 15.17
N TYR F 102 41.60 30.53 16.10
CA TYR F 102 40.64 31.59 15.84
C TYR F 102 41.36 32.94 15.85
N VAL F 103 40.82 33.89 15.08
CA VAL F 103 41.18 35.31 15.13
C VAL F 103 39.87 36.09 15.13
N SER F 104 39.58 36.79 16.23
CA SER F 104 38.30 37.50 16.37
C SER F 104 38.51 38.78 17.17
N TYR F 105 37.41 39.38 17.62
CA TYR F 105 37.41 40.64 18.35
C TYR F 105 36.50 40.55 19.58
N ASP F 106 36.97 41.12 20.69
CA ASP F 106 36.21 41.18 21.93
C ASP F 106 35.14 42.28 21.85
N SER F 107 34.14 42.19 22.72
CA SER F 107 33.02 43.12 22.65
C SER F 107 32.34 43.27 23.99
N ASP F 108 31.83 44.48 24.23
CA ASP F 108 31.00 44.83 25.36
C ASP F 108 29.50 44.84 25.05
N MET F 109 29.14 44.57 23.78
CA MET F 109 27.76 44.52 23.25
C MET F 109 26.97 45.82 23.42
N SER F 110 27.64 46.96 23.51
CA SER F 110 26.97 48.23 23.74
C SER F 110 27.47 49.32 22.81
N ASN F 111 28.78 49.41 22.66
CA ASN F 111 29.39 50.36 21.74
C ASN F 111 29.24 49.87 20.31
N THR F 112 28.62 50.70 19.46
CA THR F 112 28.32 50.36 18.08
C THR F 112 29.14 51.17 17.08
N LYS F 113 30.13 51.92 17.56
CA LYS F 113 30.98 52.73 16.69
C LYS F 113 32.45 52.36 16.76
N ASP F 114 32.85 51.51 17.69
CA ASP F 114 34.26 51.18 17.90
C ASP F 114 34.44 49.67 17.98
N ARG F 115 35.31 49.13 17.15
CA ARG F 115 35.59 47.70 17.16
C ARG F 115 36.53 47.37 18.31
N GLY F 116 36.22 46.28 19.02
CA GLY F 116 36.94 45.92 20.22
C GLY F 116 38.29 45.28 19.93
N PRO F 117 38.98 44.88 21.00
CA PRO F 117 40.35 44.37 20.87
C PRO F 117 40.42 42.99 20.24
N LYS F 118 41.50 42.76 19.49
CA LYS F 118 41.66 41.52 18.75
C LYS F 118 41.99 40.37 19.69
N ILE F 119 41.22 39.29 19.60
CA ILE F 119 41.52 38.08 20.35
C ILE F 119 41.94 37.00 19.36
N THR F 120 43.06 36.35 19.63
CA THR F 120 43.49 35.17 18.90
C THR F 120 43.68 34.01 19.86
N GLY F 121 43.66 32.81 19.31
CA GLY F 121 43.92 31.60 20.07
C GLY F 121 44.47 30.56 19.13
N ASP F 122 45.52 29.86 19.54
CA ASP F 122 46.21 28.88 18.70
C ASP F 122 46.26 27.54 19.41
N ASP F 123 45.87 26.48 18.66
CA ASP F 123 45.79 25.08 19.11
C ASP F 123 44.90 24.93 20.34
N VAL F 124 43.81 25.68 20.33
CA VAL F 124 42.90 25.83 21.45
C VAL F 124 41.70 24.91 21.26
N VAL F 125 41.33 24.18 22.31
CA VAL F 125 40.10 23.37 22.31
C VAL F 125 38.91 24.32 22.23
N LEU F 126 38.05 24.12 21.22
CA LEU F 126 36.84 24.92 21.06
C LEU F 126 35.64 24.28 21.75
N ALA F 127 35.50 22.96 21.61
CA ALA F 127 34.39 22.21 22.17
C ALA F 127 34.86 20.79 22.41
N THR F 128 34.06 20.03 23.15
CA THR F 128 34.35 18.63 23.46
C THR F 128 33.16 17.77 23.09
N ILE F 129 33.37 16.76 22.24
CA ILE F 129 32.31 15.86 21.81
C ILE F 129 32.19 14.70 22.81
N ASN F 130 31.00 14.52 23.37
CA ASN F 130 30.65 13.30 24.10
C ASN F 130 30.12 12.31 23.07
N LEU F 131 31.00 11.41 22.62
CA LEU F 131 30.75 10.52 21.50
C LEU F 131 29.75 9.42 21.85
N ASN F 132 28.92 9.04 20.87
CA ASN F 132 27.93 7.97 21.05
C ASN F 132 28.60 6.61 21.25
N THR F 133 29.66 6.34 20.49
CA THR F 133 30.47 5.15 20.66
C THR F 133 31.89 5.58 21.02
N PRO F 134 32.60 4.82 21.86
CA PRO F 134 34.00 5.15 22.15
C PRO F 134 34.88 4.89 20.93
N ALA F 135 35.82 5.81 20.69
CA ALA F 135 36.65 5.78 19.50
C ALA F 135 37.74 4.73 19.63
N ASP F 136 37.88 3.91 18.59
CA ASP F 136 38.91 2.88 18.51
C ASP F 136 39.67 3.12 17.21
N PRO F 137 40.85 3.75 17.25
CA PRO F 137 41.61 4.03 16.02
C PRO F 137 42.27 2.81 15.37
N ALA F 138 42.34 1.67 16.05
CA ALA F 138 42.84 0.45 15.41
C ALA F 138 41.86 -0.17 14.43
N SER F 139 40.60 0.29 14.43
CA SER F 139 39.56 -0.15 13.52
C SER F 139 39.59 0.50 12.15
N GLY F 140 40.28 1.60 11.98
CA GLY F 140 40.34 2.28 10.70
C GLY F 140 39.21 3.25 10.40
N SER F 141 38.11 3.23 11.16
CA SER F 141 37.03 4.18 10.98
C SER F 141 36.44 4.52 12.34
N ILE F 142 36.02 5.78 12.49
CA ILE F 142 35.55 6.34 13.76
C ILE F 142 34.23 7.06 13.51
N ASP F 143 33.17 6.67 14.23
CA ASP F 143 31.96 7.45 14.24
C ASP F 143 32.15 8.66 15.15
N LEU F 144 32.02 9.86 14.59
CA LEU F 144 32.17 11.10 15.34
C LEU F 144 30.84 11.72 15.72
N SER F 145 29.79 10.92 15.84
CA SER F 145 28.49 11.44 16.28
C SER F 145 28.41 11.49 17.80
N GLY F 146 27.77 12.53 18.31
CA GLY F 146 27.59 12.70 19.74
C GLY F 146 27.29 14.15 20.10
N SER F 147 27.09 14.37 21.41
CA SER F 147 26.75 15.71 21.88
C SER F 147 28.00 16.50 22.26
N THR F 148 27.87 17.83 22.21
CA THR F 148 29.01 18.74 22.36
C THR F 148 28.77 19.74 23.47
N THR F 149 29.83 20.07 24.21
CA THR F 149 29.83 21.14 25.22
C THR F 149 30.99 22.09 24.99
N LEU F 150 30.81 23.32 25.45
CA LEU F 150 31.75 24.40 25.21
C LEU F 150 32.98 24.32 26.12
N SER F 151 34.14 24.67 25.55
CA SER F 151 35.40 24.77 26.26
C SER F 151 35.48 26.13 26.96
N PRO F 152 36.42 26.33 27.92
CA PRO F 152 36.52 27.67 28.53
C PRO F 152 37.04 28.77 27.61
N GLU F 153 37.91 28.48 26.64
CA GLU F 153 38.37 29.52 25.74
C GLU F 153 37.38 29.81 24.61
N GLY F 154 36.48 28.87 24.30
CA GLY F 154 35.40 29.16 23.37
C GLY F 154 34.32 30.04 23.98
N ALA F 155 34.10 29.91 25.29
CA ALA F 155 33.19 30.79 26.02
C ALA F 155 33.75 32.20 26.15
N LYS F 156 35.08 32.35 26.19
CA LYS F 156 35.69 33.66 26.04
C LYS F 156 35.47 34.21 24.64
N LEU F 157 35.54 33.34 23.62
CA LEU F 157 35.40 33.77 22.22
C LEU F 157 33.96 34.04 21.85
N PHE F 158 33.02 33.18 22.25
CA PHE F 158 31.62 33.42 21.93
C PHE F 158 30.95 34.40 22.88
N ILE F 159 31.59 34.73 24.01
CA ILE F 159 31.20 35.76 24.98
C ILE F 159 29.87 35.49 25.69
N ALA F 160 28.78 35.37 24.93
CA ALA F 160 27.44 35.28 25.51
C ALA F 160 27.14 33.93 26.16
N TYR F 161 27.85 32.86 25.80
CA TYR F 161 27.55 31.52 26.30
C TYR F 161 28.36 31.18 27.55
N ASP F 162 27.73 30.41 28.44
CA ASP F 162 28.37 29.93 29.65
C ASP F 162 29.40 28.84 29.33
N VAL F 163 30.26 28.58 30.30
CA VAL F 163 31.21 27.47 30.20
C VAL F 163 30.43 26.17 30.33
N GLY F 164 30.63 25.27 29.37
CA GLY F 164 29.87 24.03 29.33
C GLY F 164 28.53 24.12 28.63
N SER F 165 28.31 25.18 27.85
CA SER F 165 27.05 25.35 27.12
C SER F 165 26.91 24.28 26.04
N PRO F 166 25.75 23.65 25.90
CA PRO F 166 25.58 22.62 24.88
C PRO F 166 25.53 23.23 23.49
N LEU F 167 26.25 22.62 22.59
CA LEU F 167 26.41 23.14 21.26
C LEU F 167 25.66 22.22 20.29
N ASP F 168 25.86 22.44 18.98
CA ASP F 168 25.26 21.55 17.99
C ASP F 168 25.95 20.20 18.02
N PRO F 169 25.20 19.10 17.87
CA PRO F 169 25.85 17.79 17.82
C PRO F 169 26.55 17.58 16.50
N THR F 170 27.56 16.72 16.53
CA THR F 170 28.32 16.31 15.36
C THR F 170 27.75 15.01 14.80
N SER F 171 28.19 14.67 13.59
CA SER F 171 27.86 13.40 12.95
C SER F 171 28.96 13.07 11.94
N GLY F 172 28.87 11.87 11.40
CA GLY F 172 29.74 11.51 10.30
C GLY F 172 30.81 10.49 10.68
N THR F 173 31.09 9.59 9.75
CA THR F 173 32.14 8.59 9.91
C THR F 173 33.34 8.99 9.05
N VAL F 174 34.51 9.09 9.68
CA VAL F 174 35.74 9.45 9.01
C VAL F 174 36.65 8.23 8.98
N ALA F 175 37.39 8.08 7.88
CA ALA F 175 38.39 7.03 7.76
C ALA F 175 39.77 7.59 8.10
N LEU F 176 40.66 6.70 8.50
CA LEU F 176 41.96 7.12 8.98
C LEU F 176 43.05 7.03 7.91
N ASP F 177 42.73 6.42 6.77
CA ASP F 177 43.70 6.12 5.73
C ASP F 177 43.84 7.22 4.69
N GLY F 178 42.89 8.15 4.63
CA GLY F 178 42.99 9.28 3.72
C GLY F 178 42.76 8.97 2.26
N SER G 1 -55.22 6.31 16.16
CA SER G 1 -55.54 5.05 16.82
C SER G 1 -54.24 4.29 17.14
N PHE G 2 -54.08 3.90 18.39
CA PHE G 2 -52.90 3.19 18.86
C PHE G 2 -53.11 1.68 18.81
N ASN G 3 -52.14 0.96 18.21
CA ASN G 3 -52.24 -0.46 17.94
C ASN G 3 -51.15 -1.23 18.66
N TRP G 4 -51.54 -2.25 19.42
CA TRP G 4 -50.57 -3.05 20.14
C TRP G 4 -51.13 -4.43 20.41
N GLY G 5 -50.35 -5.46 20.10
CA GLY G 5 -50.79 -6.81 20.32
C GLY G 5 -50.27 -7.41 21.62
N ILE G 6 -49.78 -6.54 22.51
CA ILE G 6 -49.11 -6.87 23.78
C ILE G 6 -47.94 -7.84 23.56
N ARG G 7 -48.23 -9.13 23.43
CA ARG G 7 -47.21 -10.10 23.05
C ARG G 7 -47.89 -11.23 22.27
N GLN G 8 -47.28 -11.65 21.15
CA GLN G 8 -47.88 -12.66 20.27
C GLN G 8 -47.91 -14.04 20.93
N SER G 9 -46.81 -14.42 21.60
CA SER G 9 -46.73 -15.71 22.30
C SER G 9 -47.61 -15.74 23.54
N TYR G 10 -47.92 -14.57 24.10
CA TYR G 10 -48.90 -14.50 25.17
C TYR G 10 -50.31 -14.71 24.65
N ARG G 11 -50.64 -14.10 23.50
CA ARG G 11 -51.93 -14.28 22.85
C ARG G 11 -52.12 -15.69 22.32
N HIS G 12 -51.03 -16.33 21.90
CA HIS G 12 -51.09 -17.73 21.51
C HIS G 12 -51.37 -18.64 22.71
N TYR G 13 -50.83 -18.29 23.87
CA TYR G 13 -50.98 -19.09 25.08
C TYR G 13 -52.41 -19.05 25.63
N ILE G 14 -53.07 -17.89 25.53
CA ILE G 14 -54.39 -17.70 26.13
C ILE G 14 -55.47 -18.47 25.36
N LEU G 15 -55.40 -18.46 24.04
CA LEU G 15 -56.48 -19.04 23.24
C LEU G 15 -56.19 -20.46 22.76
N LYS G 16 -54.93 -20.77 22.49
CA LYS G 16 -54.55 -22.06 21.91
C LYS G 16 -53.52 -22.81 22.73
N GLY G 17 -52.88 -22.18 23.71
CA GLY G 17 -51.88 -22.84 24.53
C GLY G 17 -52.48 -23.61 25.68
N ALA G 18 -51.74 -23.66 26.79
CA ALA G 18 -52.18 -24.42 27.97
C ALA G 18 -53.38 -23.77 28.65
N ALA G 19 -53.52 -22.45 28.56
CA ALA G 19 -54.72 -21.80 29.06
C ALA G 19 -55.92 -22.09 28.17
N GLY G 20 -55.71 -22.14 26.85
CA GLY G 20 -56.78 -22.40 25.89
C GLY G 20 -57.27 -23.82 25.89
N LYS G 21 -56.44 -24.75 26.37
CA LYS G 21 -56.87 -26.12 26.58
C LYS G 21 -57.62 -26.30 27.90
N THR G 22 -57.68 -25.26 28.73
CA THR G 22 -58.34 -25.28 30.02
C THR G 22 -59.26 -24.07 30.16
N GLY G 23 -60.01 -23.74 29.11
CA GLY G 23 -61.03 -22.71 29.16
C GLY G 23 -60.57 -21.31 28.83
N GLY G 24 -59.51 -21.16 28.04
CA GLY G 24 -58.95 -19.84 27.79
C GLY G 24 -59.74 -19.03 26.78
N GLN G 25 -59.78 -17.73 27.03
CA GLN G 25 -60.66 -16.82 26.32
C GLN G 25 -60.18 -15.39 26.58
N TRP G 26 -60.64 -14.46 25.76
CA TRP G 26 -60.56 -13.08 26.17
C TRP G 26 -61.84 -12.35 25.81
N ALA G 27 -62.05 -11.23 26.51
CA ALA G 27 -63.17 -10.33 26.34
C ALA G 27 -62.69 -8.90 26.52
N THR G 28 -63.26 -7.97 25.75
CA THR G 28 -62.91 -6.56 25.85
C THR G 28 -64.16 -5.71 26.05
N GLN G 29 -63.94 -4.49 26.54
CA GLN G 29 -64.88 -3.40 26.43
C GLN G 29 -64.12 -2.16 25.96
N GLY G 30 -64.65 -1.45 24.96
CA GLY G 30 -64.04 -0.22 24.48
C GLY G 30 -62.83 -0.34 23.57
N ILE G 31 -62.23 -1.52 23.46
CA ILE G 31 -61.00 -1.78 22.71
C ILE G 31 -61.29 -2.83 21.65
N GLY G 32 -60.88 -2.57 20.40
CA GLY G 32 -61.11 -3.47 19.30
C GLY G 32 -59.94 -4.40 19.03
N PHE G 33 -60.04 -5.11 17.91
CA PHE G 33 -58.99 -6.02 17.49
C PHE G 33 -58.98 -6.06 15.96
N SER G 34 -57.77 -6.08 15.41
CA SER G 34 -57.58 -6.27 13.98
C SER G 34 -56.55 -7.37 13.81
N GLY G 35 -56.75 -8.22 12.80
CA GLY G 35 -55.82 -9.29 12.49
C GLY G 35 -56.22 -10.63 13.08
N ASP G 36 -55.32 -11.59 12.90
CA ASP G 36 -55.46 -12.92 13.49
C ASP G 36 -55.18 -12.86 14.99
N LYS G 37 -55.98 -13.61 15.77
CA LYS G 37 -55.95 -13.56 17.23
C LYS G 37 -54.64 -14.06 17.82
N THR G 38 -54.01 -15.04 17.19
CA THR G 38 -52.75 -15.59 17.69
C THR G 38 -51.55 -15.31 16.78
N GLY G 39 -51.67 -14.34 15.87
CA GLY G 39 -50.63 -14.07 14.91
C GLY G 39 -49.88 -12.79 15.25
N ILE G 40 -48.81 -12.53 14.49
CA ILE G 40 -47.95 -11.40 14.83
C ILE G 40 -48.61 -10.08 14.42
N ASP G 41 -49.46 -10.09 13.39
CA ASP G 41 -50.13 -8.88 12.92
C ASP G 41 -51.37 -8.56 13.74
N GLY G 42 -51.74 -9.40 14.70
CA GLY G 42 -52.91 -9.14 15.49
C GLY G 42 -52.60 -8.10 16.54
N ALA G 43 -53.52 -7.15 16.68
CA ALA G 43 -53.28 -6.03 17.57
C ALA G 43 -54.59 -5.54 18.14
N PHE G 44 -54.56 -5.24 19.43
CA PHE G 44 -55.65 -4.51 20.04
C PHE G 44 -55.60 -3.08 19.54
N ASN G 45 -56.77 -2.50 19.32
CA ASN G 45 -56.89 -1.17 18.73
C ASN G 45 -57.47 -0.22 19.78
N PHE G 46 -56.64 0.72 20.21
CA PHE G 46 -56.97 1.60 21.33
C PHE G 46 -57.39 2.97 20.79
N THR G 47 -58.54 3.46 21.26
CA THR G 47 -59.07 4.73 20.79
C THR G 47 -58.67 5.82 21.77
N PRO G 48 -57.96 6.87 21.32
CA PRO G 48 -57.48 7.89 22.24
C PRO G 48 -58.56 8.87 22.70
N GLY G 49 -58.41 9.31 23.96
CA GLY G 49 -59.18 10.39 24.52
C GLY G 49 -58.41 11.70 24.50
N LYS G 50 -58.89 12.66 25.30
CA LYS G 50 -58.25 13.97 25.39
C LYS G 50 -56.96 13.87 26.19
N ALA G 51 -55.88 14.46 25.65
CA ALA G 51 -54.55 14.31 26.22
C ALA G 51 -54.30 15.30 27.36
N ARG G 52 -53.26 15.01 28.14
CA ARG G 52 -52.84 15.82 29.28
C ARG G 52 -51.38 16.18 29.07
N ILE G 53 -51.12 17.44 28.71
CA ILE G 53 -49.81 17.89 28.26
C ILE G 53 -49.08 18.50 29.45
N ASP G 54 -47.78 18.17 29.59
CA ASP G 54 -46.96 18.60 30.72
C ASP G 54 -45.55 18.95 30.23
N GLY G 55 -45.46 19.96 29.36
CA GLY G 55 -44.17 20.34 28.75
C GLY G 55 -43.91 19.57 27.45
N ASN G 56 -42.91 18.68 27.49
CA ASN G 56 -42.65 17.73 26.43
C ASN G 56 -43.21 16.36 26.77
N SER G 57 -44.15 16.31 27.70
CA SER G 57 -44.72 15.08 28.22
C SER G 57 -46.22 15.11 28.00
N ALA G 58 -46.70 14.24 27.11
CA ALA G 58 -48.12 14.04 26.89
C ALA G 58 -48.54 12.80 27.65
N THR G 59 -49.63 12.89 28.41
CA THR G 59 -50.23 11.75 29.07
C THR G 59 -51.53 11.46 28.32
N ILE G 60 -51.52 10.38 27.56
CA ILE G 60 -52.58 10.06 26.60
C ILE G 60 -53.38 8.88 27.14
N PRO G 61 -54.65 9.05 27.53
CA PRO G 61 -55.46 7.91 27.97
C PRO G 61 -56.14 7.18 26.83
N PHE G 62 -56.45 5.91 27.09
CA PHE G 62 -57.15 5.03 26.17
C PHE G 62 -58.20 4.29 26.99
N PRO G 63 -59.49 4.61 26.85
CA PRO G 63 -60.50 3.98 27.72
C PRO G 63 -60.82 2.54 27.36
N GLY G 64 -61.18 1.78 28.38
CA GLY G 64 -61.69 0.43 28.24
C GLY G 64 -60.84 -0.57 28.99
N PHE G 65 -61.27 -1.83 28.90
CA PHE G 65 -60.52 -2.91 29.51
C PHE G 65 -60.42 -4.11 28.59
N ILE G 66 -59.40 -4.93 28.86
CA ILE G 66 -59.18 -6.24 28.24
C ILE G 66 -59.10 -7.25 29.36
N HIS G 67 -59.87 -8.33 29.27
CA HIS G 67 -59.91 -9.36 30.30
C HIS G 67 -59.40 -10.66 29.70
N PHE G 68 -58.24 -11.14 30.15
CA PHE G 68 -57.74 -12.44 29.75
C PHE G 68 -58.06 -13.47 30.82
N LYS G 69 -58.48 -14.66 30.39
CA LYS G 69 -58.81 -15.74 31.31
C LYS G 69 -58.22 -17.05 30.81
N GLY G 70 -58.00 -17.95 31.75
CA GLY G 70 -57.48 -19.27 31.41
C GLY G 70 -57.33 -20.09 32.66
N HIS G 71 -57.01 -21.38 32.42
CA HIS G 71 -56.64 -22.39 33.43
C HIS G 71 -57.76 -22.65 34.43
N ASP G 72 -58.92 -23.04 33.91
CA ASP G 72 -59.98 -23.66 34.69
C ASP G 72 -59.75 -25.16 34.64
N HIS G 73 -59.32 -25.73 35.76
CA HIS G 73 -59.02 -27.16 35.82
C HIS G 73 -60.11 -27.93 36.54
N GLY G 74 -61.37 -27.49 36.44
CA GLY G 74 -62.49 -28.24 36.97
C GLY G 74 -62.90 -27.92 38.39
N SER G 75 -62.13 -27.11 39.11
CA SER G 75 -62.46 -26.78 40.50
C SER G 75 -63.43 -25.61 40.62
N GLY G 76 -63.87 -25.03 39.49
CA GLY G 76 -64.74 -23.89 39.48
C GLY G 76 -64.09 -22.54 39.37
N VAL G 77 -62.77 -22.46 39.27
CA VAL G 77 -62.06 -21.19 39.25
C VAL G 77 -61.09 -21.16 38.07
N TYR G 78 -61.00 -20.01 37.40
CA TYR G 78 -59.99 -19.77 36.38
C TYR G 78 -58.69 -19.36 37.08
N LEU G 79 -57.62 -20.14 36.91
CA LEU G 79 -56.37 -19.79 37.57
C LEU G 79 -55.66 -18.62 36.90
N LEU G 80 -55.92 -18.38 35.62
CA LEU G 80 -55.50 -17.14 34.97
C LEU G 80 -56.68 -16.21 34.88
N ASP G 81 -56.46 -14.97 35.31
CA ASP G 81 -57.47 -13.90 35.32
C ASP G 81 -56.64 -12.60 35.34
N MET G 82 -56.37 -12.08 34.15
CA MET G 82 -55.46 -10.95 34.01
C MET G 82 -56.22 -9.86 33.26
N THR G 83 -56.61 -8.82 33.97
CA THR G 83 -57.42 -7.75 33.43
C THR G 83 -56.57 -6.50 33.29
N PHE G 84 -56.60 -5.87 32.12
CA PHE G 84 -55.85 -4.65 31.90
C PHE G 84 -56.82 -3.52 31.58
N SER G 85 -56.94 -2.56 32.50
CA SER G 85 -57.75 -1.37 32.31
C SER G 85 -56.87 -0.16 32.59
N ASP G 86 -57.49 1.02 32.40
CA ASP G 86 -56.89 2.34 32.59
C ASP G 86 -55.63 2.48 31.74
N TRP G 87 -55.78 2.13 30.45
CA TRP G 87 -54.66 2.16 29.52
C TRP G 87 -54.27 3.60 29.24
N LYS G 88 -53.03 3.95 29.53
CA LYS G 88 -52.54 5.27 29.20
C LYS G 88 -51.07 5.18 28.82
N VAL G 89 -50.65 6.12 27.98
CA VAL G 89 -49.27 6.23 27.53
C VAL G 89 -48.75 7.61 27.90
N VAL G 90 -47.64 7.66 28.64
CA VAL G 90 -46.96 8.91 28.98
C VAL G 90 -45.70 9.02 28.14
N THR G 91 -45.59 10.09 27.36
CA THR G 91 -44.46 10.28 26.47
C THR G 91 -43.33 10.99 27.18
N HIS G 92 -42.10 10.59 26.85
CA HIS G 92 -40.87 11.10 27.46
C HIS G 92 -39.88 11.47 26.36
N GLY G 93 -40.37 12.08 25.30
CA GLY G 93 -39.51 12.45 24.18
C GLY G 93 -39.30 11.32 23.19
N SER G 94 -38.12 10.70 23.23
CA SER G 94 -37.82 9.61 22.31
C SER G 94 -38.23 8.24 22.86
N THR G 95 -38.69 8.18 24.12
CA THR G 95 -39.29 6.98 24.68
C THR G 95 -40.69 7.31 25.18
N ALA G 96 -41.54 6.29 25.28
CA ALA G 96 -42.84 6.43 25.92
C ALA G 96 -43.13 5.17 26.71
N ASP G 97 -43.70 5.33 27.90
CA ASP G 97 -44.07 4.19 28.73
C ASP G 97 -45.56 3.95 28.62
N ILE G 98 -45.94 2.68 28.54
CA ILE G 98 -47.35 2.28 28.48
C ILE G 98 -47.78 1.92 29.90
N LEU G 99 -48.79 2.62 30.39
CA LEU G 99 -49.22 2.52 31.77
C LEU G 99 -50.56 1.79 31.77
N VAL G 100 -50.72 0.86 32.71
CA VAL G 100 -51.96 0.10 32.87
C VAL G 100 -52.30 0.04 34.35
N ASP G 101 -53.56 -0.30 34.62
CA ASP G 101 -53.96 -0.81 35.91
C ASP G 101 -54.25 -2.29 35.72
N TYR G 102 -53.55 -3.15 36.45
CA TYR G 102 -53.76 -4.58 36.30
C TYR G 102 -54.44 -5.10 37.56
N VAL G 103 -55.21 -6.17 37.39
CA VAL G 103 -55.70 -7.02 38.48
C VAL G 103 -55.40 -8.45 38.06
N SER G 104 -54.64 -9.18 38.88
CA SER G 104 -54.26 -10.54 38.56
C SER G 104 -54.18 -11.36 39.83
N TYR G 105 -53.78 -12.62 39.68
CA TYR G 105 -53.70 -13.61 40.74
C TYR G 105 -52.42 -14.42 40.57
N ASP G 106 -51.74 -14.72 41.68
CA ASP G 106 -50.52 -15.50 41.65
C ASP G 106 -50.81 -16.99 41.41
N SER G 107 -49.77 -17.71 40.96
CA SER G 107 -49.82 -19.16 40.75
C SER G 107 -48.39 -19.69 40.74
N ASP G 108 -48.24 -20.93 41.22
CA ASP G 108 -46.97 -21.65 41.10
C ASP G 108 -46.90 -22.53 39.86
N MET G 109 -48.00 -22.57 39.07
CA MET G 109 -48.18 -23.34 37.83
C MET G 109 -48.00 -24.84 38.05
N SER G 110 -48.39 -25.34 39.22
CA SER G 110 -48.37 -26.76 39.53
C SER G 110 -49.69 -27.09 40.23
N ASN G 111 -50.09 -26.23 41.17
CA ASN G 111 -51.39 -26.34 41.82
C ASN G 111 -52.43 -25.88 40.81
N THR G 112 -53.28 -26.80 40.36
CA THR G 112 -54.28 -26.51 39.36
C THR G 112 -55.66 -26.26 39.95
N LYS G 113 -55.85 -26.47 41.24
CA LYS G 113 -57.17 -26.34 41.85
C LYS G 113 -57.36 -24.99 42.54
N ASP G 114 -56.40 -24.56 43.35
CA ASP G 114 -56.56 -23.36 44.16
C ASP G 114 -55.90 -22.15 43.51
N ARG G 115 -56.66 -21.06 43.44
CA ARG G 115 -56.14 -19.79 42.97
C ARG G 115 -55.28 -19.14 44.05
N GLY G 116 -54.19 -18.51 43.63
CA GLY G 116 -53.30 -17.84 44.54
C GLY G 116 -53.79 -16.46 44.95
N PRO G 117 -52.94 -15.71 45.69
CA PRO G 117 -53.36 -14.39 46.17
C PRO G 117 -53.45 -13.36 45.05
N LYS G 118 -54.44 -12.48 45.16
CA LYS G 118 -54.66 -11.44 44.19
C LYS G 118 -53.54 -10.40 44.23
N ILE G 119 -53.07 -9.99 43.06
CA ILE G 119 -52.13 -8.89 42.95
C ILE G 119 -52.76 -7.78 42.10
N THR G 120 -52.65 -6.55 42.57
CA THR G 120 -53.13 -5.37 41.87
C THR G 120 -51.96 -4.39 41.73
N GLY G 121 -52.03 -3.53 40.72
CA GLY G 121 -51.10 -2.44 40.55
C GLY G 121 -51.71 -1.34 39.72
N ASP G 122 -51.66 -0.11 40.21
CA ASP G 122 -52.26 1.03 39.53
C ASP G 122 -51.22 2.04 39.07
N ASP G 123 -51.42 2.51 37.83
CA ASP G 123 -50.56 3.46 37.10
C ASP G 123 -49.12 2.96 36.97
N VAL G 124 -48.99 1.64 36.76
CA VAL G 124 -47.72 0.94 36.68
C VAL G 124 -47.31 0.89 35.22
N VAL G 125 -46.01 1.09 34.95
CA VAL G 125 -45.48 0.97 33.61
C VAL G 125 -45.45 -0.49 33.22
N LEU G 126 -46.10 -0.84 32.10
CA LEU G 126 -46.07 -2.20 31.61
C LEU G 126 -44.95 -2.41 30.60
N ALA G 127 -44.69 -1.42 29.75
CA ALA G 127 -43.71 -1.56 28.69
C ALA G 127 -43.16 -0.19 28.33
N THR G 128 -42.04 -0.18 27.62
CA THR G 128 -41.39 1.05 27.15
C THR G 128 -41.25 0.99 25.63
N ILE G 129 -41.82 1.98 24.95
CA ILE G 129 -41.71 2.07 23.49
C ILE G 129 -40.50 2.93 23.17
N ASN G 130 -39.55 2.40 22.42
CA ASN G 130 -38.51 3.24 21.81
C ASN G 130 -39.11 3.79 20.53
N LEU G 131 -39.50 5.06 20.57
CA LEU G 131 -40.22 5.67 19.45
C LEU G 131 -39.31 5.91 18.27
N ASN G 132 -39.89 5.76 17.06
CA ASN G 132 -39.14 5.94 15.82
C ASN G 132 -38.78 7.40 15.60
N THR G 133 -39.68 8.32 15.93
CA THR G 133 -39.48 9.77 15.98
C THR G 133 -39.80 10.28 17.38
N PRO G 134 -39.08 11.32 17.87
CA PRO G 134 -39.32 11.80 19.24
C PRO G 134 -40.65 12.51 19.41
N ALA G 135 -41.28 12.28 20.57
CA ALA G 135 -42.63 12.76 20.79
C ALA G 135 -42.62 14.19 21.32
N ASP G 136 -43.18 15.09 20.53
CA ASP G 136 -43.36 16.51 20.87
C ASP G 136 -44.85 16.78 20.81
N PRO G 137 -45.51 17.10 21.93
CA PRO G 137 -46.95 17.37 21.88
C PRO G 137 -47.34 18.68 21.18
N ALA G 138 -46.40 19.61 20.99
CA ALA G 138 -46.69 20.87 20.31
C ALA G 138 -46.87 20.71 18.81
N SER G 139 -46.51 19.55 18.23
CA SER G 139 -46.75 19.29 16.83
C SER G 139 -48.18 18.85 16.56
N GLY G 140 -48.95 18.56 17.61
CA GLY G 140 -50.35 18.16 17.52
C GLY G 140 -50.60 16.68 17.32
N SER G 141 -49.60 15.91 16.91
CA SER G 141 -49.75 14.47 16.70
C SER G 141 -48.48 13.78 17.16
N ILE G 142 -48.65 12.58 17.73
CA ILE G 142 -47.53 11.77 18.24
C ILE G 142 -47.63 10.40 17.59
N ASP G 143 -46.57 10.00 16.88
CA ASP G 143 -46.47 8.66 16.32
C ASP G 143 -46.04 7.72 17.44
N LEU G 144 -46.82 6.65 17.62
CA LEU G 144 -46.57 5.73 18.72
C LEU G 144 -45.93 4.43 18.25
N SER G 145 -45.39 4.40 17.04
CA SER G 145 -44.75 3.20 16.51
C SER G 145 -43.34 3.03 17.09
N GLY G 146 -42.96 1.78 17.30
CA GLY G 146 -41.65 1.48 17.85
C GLY G 146 -41.62 0.06 18.38
N SER G 147 -40.48 -0.29 18.96
CA SER G 147 -40.29 -1.58 19.60
C SER G 147 -40.49 -1.46 21.10
N THR G 148 -40.90 -2.56 21.73
CA THR G 148 -41.24 -2.56 23.15
C THR G 148 -40.43 -3.59 23.93
N THR G 149 -40.16 -3.26 25.20
CA THR G 149 -39.53 -4.16 26.16
C THR G 149 -40.33 -4.21 27.45
N LEU G 150 -40.28 -5.36 28.12
CA LEU G 150 -41.11 -5.60 29.30
C LEU G 150 -40.50 -5.03 30.59
N SER G 151 -41.37 -4.45 31.43
CA SER G 151 -40.99 -3.77 32.67
C SER G 151 -40.69 -4.77 33.80
N PRO G 152 -40.07 -4.33 34.91
CA PRO G 152 -39.90 -5.23 36.07
C PRO G 152 -41.19 -5.69 36.77
N GLU G 153 -42.27 -4.90 36.69
CA GLU G 153 -43.49 -5.28 37.37
C GLU G 153 -44.44 -6.07 36.49
N GLY G 154 -44.33 -5.93 35.17
CA GLY G 154 -45.04 -6.84 34.28
C GLY G 154 -44.47 -8.24 34.32
N ALA G 155 -43.16 -8.36 34.56
CA ALA G 155 -42.54 -9.67 34.68
C ALA G 155 -42.92 -10.35 35.99
N LYS G 156 -43.22 -9.59 37.04
CA LYS G 156 -43.85 -10.17 38.22
C LYS G 156 -45.27 -10.59 37.88
N LEU G 157 -45.95 -9.79 37.06
CA LEU G 157 -47.33 -10.03 36.67
C LEU G 157 -47.47 -11.20 35.70
N PHE G 158 -46.62 -11.26 34.69
CA PHE G 158 -46.72 -12.33 33.69
C PHE G 158 -45.96 -13.59 34.09
N ILE G 159 -45.06 -13.50 35.08
CA ILE G 159 -44.27 -14.56 35.71
C ILE G 159 -43.24 -15.21 34.78
N ALA G 160 -43.67 -15.74 33.62
CA ALA G 160 -42.83 -16.57 32.77
C ALA G 160 -41.80 -15.82 31.93
N TYR G 161 -41.93 -14.50 31.76
CA TYR G 161 -41.06 -13.77 30.85
C TYR G 161 -39.95 -13.03 31.60
N ASP G 162 -38.84 -12.83 30.90
CA ASP G 162 -37.70 -12.11 31.46
C ASP G 162 -37.96 -10.61 31.49
N VAL G 163 -37.26 -9.93 32.40
CA VAL G 163 -37.22 -8.47 32.39
C VAL G 163 -36.43 -8.01 31.18
N GLY G 164 -37.04 -7.14 30.38
CA GLY G 164 -36.42 -6.64 29.17
C GLY G 164 -36.60 -7.51 27.95
N SER G 165 -37.49 -8.50 28.03
CA SER G 165 -37.77 -9.37 26.90
C SER G 165 -38.52 -8.58 25.82
N PRO G 166 -38.27 -8.87 24.53
CA PRO G 166 -38.98 -8.14 23.47
C PRO G 166 -40.44 -8.56 23.37
N LEU G 167 -41.29 -7.57 23.13
CA LEU G 167 -42.72 -7.74 22.95
C LEU G 167 -43.11 -7.43 21.52
N ASP G 168 -44.42 -7.33 21.28
CA ASP G 168 -44.93 -6.94 19.97
C ASP G 168 -44.63 -5.47 19.71
N PRO G 169 -44.30 -5.10 18.48
CA PRO G 169 -44.10 -3.68 18.17
C PRO G 169 -45.43 -2.94 18.13
N THR G 170 -45.36 -1.64 18.41
CA THR G 170 -46.55 -0.80 18.37
C THR G 170 -46.61 -0.09 17.02
N SER G 171 -47.79 0.45 16.72
CA SER G 171 -47.99 1.27 15.54
C SER G 171 -49.13 2.25 15.80
N GLY G 172 -49.28 3.22 14.90
CA GLY G 172 -50.40 4.12 14.97
C GLY G 172 -50.06 5.50 15.51
N THR G 173 -50.65 6.54 14.91
CA THR G 173 -50.48 7.92 15.36
C THR G 173 -51.79 8.43 15.93
N VAL G 174 -51.75 8.94 17.15
CA VAL G 174 -52.94 9.49 17.78
C VAL G 174 -52.85 11.00 17.75
N ALA G 175 -54.01 11.64 17.67
CA ALA G 175 -54.13 13.08 17.80
C ALA G 175 -54.48 13.44 19.23
N LEU G 176 -54.25 14.69 19.58
CA LEU G 176 -54.41 15.15 20.96
C LEU G 176 -55.72 15.91 21.14
N ASP G 177 -56.71 15.63 20.29
CA ASP G 177 -57.99 16.33 20.29
C ASP G 177 -59.05 15.62 21.13
N GLY G 178 -59.12 14.29 21.05
CA GLY G 178 -60.09 13.54 21.83
C GLY G 178 -61.51 13.65 21.32
N SER H 1 14.11 12.43 -31.79
CA SER H 1 13.04 12.45 -30.78
C SER H 1 13.45 11.74 -29.49
N PHE H 2 13.37 12.42 -28.35
CA PHE H 2 13.60 11.79 -27.06
C PHE H 2 12.24 11.42 -26.46
N ASN H 3 12.08 10.17 -26.03
CA ASN H 3 10.79 9.71 -25.56
C ASN H 3 10.89 9.21 -24.13
N TRP H 4 10.01 9.70 -23.26
CA TRP H 4 9.93 9.27 -21.87
C TRP H 4 8.51 9.50 -21.37
N GLY H 5 7.92 8.46 -20.79
CA GLY H 5 6.55 8.61 -20.33
C GLY H 5 6.39 8.90 -18.85
N ILE H 6 7.48 9.36 -18.24
CA ILE H 6 7.68 9.59 -16.81
C ILE H 6 7.39 8.28 -16.07
N ARG H 7 6.12 8.02 -15.75
CA ARG H 7 5.76 6.73 -15.17
C ARG H 7 4.34 6.40 -15.62
N GLN H 8 4.11 5.14 -16.01
CA GLN H 8 2.82 4.68 -16.53
C GLN H 8 1.74 4.73 -15.46
N SER H 9 2.07 4.33 -14.23
CA SER H 9 1.09 4.33 -13.16
C SER H 9 0.71 5.73 -12.71
N TYR H 10 1.60 6.71 -12.92
CA TYR H 10 1.27 8.09 -12.64
C TYR H 10 0.37 8.67 -13.73
N ARG H 11 0.61 8.31 -14.98
CA ARG H 11 -0.26 8.73 -16.09
C ARG H 11 -1.64 8.10 -16.02
N HIS H 12 -1.77 6.88 -15.51
CA HIS H 12 -3.09 6.33 -15.23
C HIS H 12 -3.76 7.00 -14.03
N TYR H 13 -2.97 7.40 -13.01
CA TYR H 13 -3.51 8.02 -11.81
C TYR H 13 -4.03 9.43 -12.08
N ILE H 14 -3.32 10.21 -12.91
CA ILE H 14 -3.68 11.60 -13.17
C ILE H 14 -4.94 11.69 -14.00
N LEU H 15 -5.08 10.82 -15.00
CA LEU H 15 -6.19 10.92 -15.95
C LEU H 15 -7.36 10.01 -15.63
N LYS H 16 -7.11 8.84 -15.06
CA LYS H 16 -8.16 7.85 -14.89
C LYS H 16 -8.35 7.38 -13.45
N GLY H 17 -7.38 7.62 -12.57
CA GLY H 17 -7.42 7.16 -11.19
C GLY H 17 -8.16 8.09 -10.25
N ALA H 18 -7.70 8.12 -9.00
CA ALA H 18 -8.33 8.92 -7.95
C ALA H 18 -8.15 10.41 -8.17
N ALA H 19 -7.05 10.82 -8.82
CA ALA H 19 -6.90 12.23 -9.19
C ALA H 19 -7.82 12.60 -10.34
N GLY H 20 -8.00 11.70 -11.30
CA GLY H 20 -8.82 11.93 -12.49
C GLY H 20 -10.29 11.98 -12.22
N LYS H 21 -10.73 11.39 -11.11
CA LYS H 21 -12.12 11.42 -10.66
C LYS H 21 -12.48 12.71 -9.94
N THR H 22 -11.49 13.60 -9.73
CA THR H 22 -11.64 14.89 -9.09
C THR H 22 -11.04 15.97 -9.97
N GLY H 23 -11.23 15.83 -11.28
CA GLY H 23 -10.82 16.84 -12.25
C GLY H 23 -9.39 16.74 -12.75
N GLY H 24 -8.77 15.56 -12.68
CA GLY H 24 -7.35 15.45 -12.98
C GLY H 24 -7.07 15.52 -14.46
N GLN H 25 -5.95 16.15 -14.80
CA GLN H 25 -5.68 16.56 -16.18
C GLN H 25 -4.20 16.87 -16.31
N TRP H 26 -3.76 17.00 -17.56
CA TRP H 26 -2.47 17.66 -17.82
C TRP H 26 -2.62 18.58 -19.01
N ALA H 27 -1.67 19.51 -19.09
CA ALA H 27 -1.56 20.44 -20.20
C ALA H 27 -0.08 20.65 -20.48
N THR H 28 0.26 20.75 -21.77
CA THR H 28 1.64 20.98 -22.17
C THR H 28 1.69 22.20 -23.07
N GLN H 29 2.88 22.80 -23.13
CA GLN H 29 3.23 23.74 -24.18
C GLN H 29 4.59 23.31 -24.67
N GLY H 30 4.78 23.27 -25.99
CA GLY H 30 6.06 22.97 -26.59
C GLY H 30 6.45 21.51 -26.65
N ILE H 31 5.78 20.64 -25.90
CA ILE H 31 6.11 19.22 -25.75
C ILE H 31 4.92 18.40 -26.24
N GLY H 32 5.19 17.34 -27.01
CA GLY H 32 4.14 16.47 -27.51
C GLY H 32 3.92 15.24 -26.65
N PHE H 33 3.15 14.30 -27.20
CA PHE H 33 2.90 13.02 -26.57
C PHE H 33 2.73 11.95 -27.63
N SER H 34 3.31 10.77 -27.38
CA SER H 34 3.17 9.60 -28.23
C SER H 34 2.76 8.40 -27.40
N GLY H 35 1.91 7.55 -27.97
CA GLY H 35 1.45 6.33 -27.32
C GLY H 35 0.10 6.51 -26.66
N ASP H 36 -0.30 5.47 -25.94
CA ASP H 36 -1.52 5.52 -25.15
C ASP H 36 -1.30 6.42 -23.93
N LYS H 37 -2.28 7.30 -23.65
CA LYS H 37 -2.14 8.28 -22.57
C LYS H 37 -2.05 7.63 -21.19
N THR H 38 -2.74 6.50 -20.99
CA THR H 38 -2.65 5.75 -19.75
C THR H 38 -2.01 4.38 -19.93
N GLY H 39 -1.25 4.18 -21.02
CA GLY H 39 -0.67 2.90 -21.33
C GLY H 39 0.84 2.84 -21.13
N ILE H 40 1.38 1.63 -21.31
CA ILE H 40 2.79 1.37 -21.04
C ILE H 40 3.66 1.97 -22.14
N ASP H 41 3.15 2.00 -23.36
CA ASP H 41 3.85 2.53 -24.52
C ASP H 41 3.83 4.06 -24.59
N GLY H 42 3.14 4.72 -23.66
CA GLY H 42 2.96 6.15 -23.75
C GLY H 42 4.19 6.94 -23.35
N ALA H 43 4.48 7.99 -24.13
CA ALA H 43 5.68 8.77 -23.94
C ALA H 43 5.44 10.22 -24.36
N PHE H 44 5.94 11.14 -23.55
CA PHE H 44 6.01 12.54 -23.93
C PHE H 44 7.17 12.72 -24.91
N ASN H 45 6.99 13.60 -25.91
CA ASN H 45 7.96 13.79 -26.98
C ASN H 45 8.64 15.15 -26.86
N PHE H 46 9.94 15.13 -26.59
CA PHE H 46 10.72 16.33 -26.35
C PHE H 46 11.58 16.61 -27.59
N THR H 47 11.57 17.87 -28.05
CA THR H 47 12.31 18.31 -29.22
C THR H 47 13.65 18.87 -28.77
N PRO H 48 14.79 18.39 -29.27
CA PRO H 48 16.07 18.83 -28.73
C PRO H 48 16.52 20.22 -29.17
N GLY H 49 17.20 20.89 -28.23
CA GLY H 49 17.91 22.12 -28.52
C GLY H 49 19.40 21.89 -28.71
N LYS H 50 20.15 23.00 -28.68
CA LYS H 50 21.58 22.98 -28.95
C LYS H 50 22.33 22.44 -27.74
N ALA H 51 22.83 21.22 -27.87
CA ALA H 51 23.51 20.55 -26.76
C ALA H 51 24.91 21.12 -26.56
N ARG H 52 25.49 20.80 -25.41
N ARG H 52 25.50 20.79 -25.43
CA ARG H 52 26.80 21.29 -24.99
CA ARG H 52 26.82 21.33 -25.08
C ARG H 52 27.73 20.08 -24.89
C ARG H 52 27.78 20.17 -24.88
N ILE H 53 28.45 19.82 -25.98
CA ILE H 53 29.44 18.74 -26.03
C ILE H 53 30.66 19.13 -25.20
N ASP H 54 31.08 18.22 -24.31
CA ASP H 54 32.02 18.61 -23.28
C ASP H 54 32.81 17.38 -22.85
N GLY H 55 33.59 16.86 -23.78
CA GLY H 55 34.31 15.64 -23.52
C GLY H 55 33.39 14.45 -23.59
N ASN H 56 33.13 13.83 -22.44
CA ASN H 56 32.18 12.72 -22.38
C ASN H 56 30.87 13.11 -21.70
N SER H 57 30.59 14.40 -21.53
CA SER H 57 29.37 14.83 -20.84
C SER H 57 28.60 15.81 -21.69
N ALA H 58 27.48 15.38 -22.27
CA ALA H 58 26.64 16.26 -23.08
C ALA H 58 25.41 16.71 -22.29
N THR H 59 25.12 18.00 -22.33
CA THR H 59 23.94 18.58 -21.70
C THR H 59 22.97 19.01 -22.80
N ILE H 60 21.86 18.31 -22.93
CA ILE H 60 20.93 18.50 -24.05
C ILE H 60 19.70 19.27 -23.56
N PRO H 61 19.42 20.47 -24.08
CA PRO H 61 18.22 21.20 -23.66
C PRO H 61 16.97 20.80 -24.44
N PHE H 62 15.82 20.94 -23.77
CA PHE H 62 14.52 20.61 -24.34
C PHE H 62 13.49 21.69 -24.00
N PRO H 63 12.97 22.45 -24.98
CA PRO H 63 11.99 23.50 -24.66
C PRO H 63 10.60 22.96 -24.31
N GLY H 64 9.94 23.69 -23.41
CA GLY H 64 8.54 23.53 -23.10
C GLY H 64 8.29 23.19 -21.64
N PHE H 65 7.00 23.11 -21.29
CA PHE H 65 6.65 22.68 -19.94
C PHE H 65 5.49 21.68 -19.98
N ILE H 66 5.37 20.93 -18.89
CA ILE H 66 4.23 20.06 -18.63
C ILE H 66 3.65 20.46 -17.28
N HIS H 67 2.34 20.70 -17.23
CA HIS H 67 1.63 21.07 -16.02
C HIS H 67 0.64 19.96 -15.69
N PHE H 68 0.84 19.29 -14.56
CA PHE H 68 -0.10 18.29 -14.05
C PHE H 68 -1.04 18.95 -13.05
N LYS H 69 -2.31 18.57 -13.09
CA LYS H 69 -3.30 19.06 -12.14
C LYS H 69 -4.22 17.92 -11.71
N GLY H 70 -4.77 18.05 -10.50
CA GLY H 70 -5.70 17.07 -10.00
C GLY H 70 -6.20 17.44 -8.62
N HIS H 71 -7.16 16.64 -8.14
CA HIS H 71 -7.74 16.66 -6.79
C HIS H 71 -8.45 17.99 -6.45
N ASP H 72 -9.43 18.34 -7.28
CA ASP H 72 -10.45 19.33 -6.94
C ASP H 72 -11.63 18.57 -6.35
N HIS H 73 -11.84 18.69 -5.04
CA HIS H 73 -12.89 17.97 -4.34
C HIS H 73 -14.08 18.84 -4.00
N GLY H 74 -14.42 19.80 -4.86
CA GLY H 74 -15.56 20.65 -4.62
C GLY H 74 -15.21 21.92 -3.89
N SER H 75 -13.98 22.05 -3.40
CA SER H 75 -13.53 23.23 -2.67
C SER H 75 -13.08 24.35 -3.58
N GLY H 76 -13.07 24.13 -4.90
CA GLY H 76 -12.67 25.12 -5.87
C GLY H 76 -11.20 25.18 -6.18
N VAL H 77 -10.38 24.35 -5.54
CA VAL H 77 -8.93 24.42 -5.70
C VAL H 77 -8.37 23.04 -6.03
N TYR H 78 -7.37 23.02 -6.91
CA TYR H 78 -6.64 21.80 -7.23
C TYR H 78 -5.59 21.54 -6.17
N LEU H 79 -5.73 20.41 -5.47
CA LEU H 79 -4.75 20.06 -4.45
C LEU H 79 -3.48 19.46 -5.07
N LEU H 80 -3.59 18.88 -6.26
CA LEU H 80 -2.44 18.45 -7.05
C LEU H 80 -2.18 19.51 -8.11
N ASP H 81 -0.95 20.00 -8.15
CA ASP H 81 -0.59 21.11 -9.03
C ASP H 81 0.93 20.98 -9.23
N MET H 82 1.31 20.27 -10.28
CA MET H 82 2.69 19.86 -10.48
C MET H 82 3.14 20.32 -11.86
N THR H 83 4.02 21.31 -11.90
CA THR H 83 4.53 21.91 -13.12
C THR H 83 5.98 21.49 -13.29
N PHE H 84 6.34 21.04 -14.49
CA PHE H 84 7.72 20.67 -14.82
C PHE H 84 8.20 21.50 -15.99
N SER H 85 9.20 22.36 -15.78
CA SER H 85 9.78 23.09 -16.90
C SER H 85 11.30 22.90 -16.88
N ASP H 86 11.97 23.46 -17.91
CA ASP H 86 13.43 23.44 -18.14
C ASP H 86 14.01 22.02 -18.14
N TRP H 87 13.46 21.18 -19.02
CA TRP H 87 13.87 19.79 -19.15
C TRP H 87 15.27 19.66 -19.75
N LYS H 88 16.12 18.84 -19.11
CA LYS H 88 17.49 18.60 -19.57
C LYS H 88 17.92 17.14 -19.35
N VAL H 89 18.85 16.68 -20.17
CA VAL H 89 19.54 15.40 -19.97
C VAL H 89 21.04 15.70 -19.94
N VAL H 90 21.70 15.34 -18.83
CA VAL H 90 23.16 15.44 -18.72
C VAL H 90 23.71 14.01 -18.78
N THR H 91 24.63 13.76 -19.71
CA THR H 91 25.20 12.42 -19.88
C THR H 91 26.46 12.26 -19.05
N HIS H 92 26.65 11.08 -18.47
CA HIS H 92 27.81 10.74 -17.64
C HIS H 92 28.38 9.38 -18.03
N GLY H 93 28.55 9.14 -19.33
CA GLY H 93 29.08 7.87 -19.78
C GLY H 93 28.01 6.81 -19.94
N SER H 94 27.93 5.89 -18.97
CA SER H 94 26.93 4.82 -18.98
C SER H 94 25.61 5.22 -18.33
N THR H 95 25.54 6.38 -17.70
CA THR H 95 24.27 6.89 -17.19
C THR H 95 23.97 8.27 -17.71
N ALA H 96 22.70 8.62 -17.63
CA ALA H 96 22.24 9.95 -17.95
C ALA H 96 21.25 10.37 -16.88
N ASP H 97 21.35 11.62 -16.45
CA ASP H 97 20.45 12.19 -15.47
C ASP H 97 19.45 13.11 -16.16
N ILE H 98 18.18 12.99 -15.78
CA ILE H 98 17.12 13.84 -16.30
C ILE H 98 16.88 14.95 -15.31
N LEU H 99 17.03 16.20 -15.75
CA LEU H 99 16.89 17.33 -14.85
C LEU H 99 15.62 18.09 -15.14
N VAL H 100 14.93 18.51 -14.07
CA VAL H 100 13.71 19.31 -14.18
C VAL H 100 13.84 20.48 -13.23
N ASP H 101 13.01 21.48 -13.50
CA ASP H 101 12.66 22.55 -12.59
C ASP H 101 11.19 22.39 -12.23
N TYR H 102 10.88 22.16 -10.95
CA TYR H 102 9.48 21.94 -10.57
C TYR H 102 8.93 22.96 -9.59
N VAL H 103 7.60 23.08 -9.62
CA VAL H 103 6.80 23.70 -8.57
C VAL H 103 5.69 22.72 -8.21
N SER H 104 5.62 22.32 -6.95
CA SER H 104 4.61 21.37 -6.51
C SER H 104 4.19 21.69 -5.08
N TYR H 105 3.34 20.81 -4.53
CA TYR H 105 2.78 20.98 -3.19
C TYR H 105 2.75 19.62 -2.47
N ASP H 106 3.11 19.62 -1.20
CA ASP H 106 3.07 18.38 -0.42
C ASP H 106 1.63 18.04 -0.03
N SER H 107 1.41 16.77 0.33
CA SER H 107 0.08 16.27 0.69
C SER H 107 0.17 15.05 1.59
N ASP H 108 -0.82 14.92 2.50
CA ASP H 108 -0.98 13.71 3.30
C ASP H 108 -1.97 12.72 2.70
N MET H 109 -2.58 13.09 1.56
CA MET H 109 -3.60 12.31 0.82
C MET H 109 -4.82 11.99 1.68
N SER H 110 -5.19 12.91 2.55
CA SER H 110 -6.34 12.71 3.41
C SER H 110 -7.19 13.97 3.49
N ASN H 111 -6.56 15.14 3.63
CA ASN H 111 -7.26 16.42 3.66
C ASN H 111 -7.74 16.76 2.25
N THR H 112 -9.07 16.87 2.09
CA THR H 112 -9.69 17.15 0.80
C THR H 112 -10.11 18.62 0.63
N LYS H 113 -9.61 19.54 1.46
CA LYS H 113 -9.96 20.95 1.31
C LYS H 113 -8.73 21.83 1.15
N ASP H 114 -7.90 21.97 2.17
CA ASP H 114 -6.81 22.92 2.12
C ASP H 114 -5.54 22.33 1.51
N ARG H 115 -4.89 23.14 0.67
CA ARG H 115 -3.67 22.76 -0.03
C ARG H 115 -2.48 22.73 0.93
N GLY H 116 -1.63 21.71 0.78
CA GLY H 116 -0.44 21.59 1.60
C GLY H 116 0.64 22.59 1.19
N PRO H 117 1.79 22.53 1.87
CA PRO H 117 2.85 23.53 1.63
C PRO H 117 3.56 23.35 0.29
N LYS H 118 3.92 24.48 -0.31
CA LYS H 118 4.61 24.52 -1.59
C LYS H 118 6.02 23.94 -1.50
N ILE H 119 6.37 23.08 -2.46
CA ILE H 119 7.73 22.59 -2.60
C ILE H 119 8.24 22.98 -3.98
N THR H 120 9.46 23.45 -4.05
CA THR H 120 10.11 23.73 -5.33
C THR H 120 11.46 23.02 -5.38
N GLY H 121 11.94 22.83 -6.61
CA GLY H 121 13.29 22.37 -6.86
C GLY H 121 13.72 22.80 -8.23
N ASP H 122 14.88 23.45 -8.30
CA ASP H 122 15.45 23.97 -9.54
C ASP H 122 16.68 23.13 -9.84
N ASP H 123 16.81 22.69 -11.11
CA ASP H 123 17.91 21.87 -11.65
C ASP H 123 18.18 20.60 -10.83
N VAL H 124 17.14 20.00 -10.39
CA VAL H 124 17.21 18.80 -9.59
C VAL H 124 17.08 17.63 -10.55
N VAL H 125 17.79 16.55 -10.25
CA VAL H 125 17.62 15.33 -11.02
C VAL H 125 16.27 14.73 -10.68
N LEU H 126 15.47 14.44 -11.70
CA LEU H 126 14.18 13.77 -11.50
C LEU H 126 14.36 12.27 -11.62
N ALA H 127 15.21 11.85 -12.55
CA ALA H 127 15.42 10.44 -12.81
C ALA H 127 16.81 10.23 -13.36
N THR H 128 17.28 9.00 -13.28
CA THR H 128 18.60 8.63 -13.78
C THR H 128 18.38 7.52 -14.81
N ILE H 129 18.85 7.71 -16.02
CA ILE H 129 18.68 6.72 -17.08
C ILE H 129 19.85 5.74 -17.01
N ASN H 130 19.56 4.45 -16.84
CA ASN H 130 20.56 3.39 -17.03
C ASN H 130 20.63 3.09 -18.52
N LEU H 131 21.66 3.62 -19.18
CA LEU H 131 21.74 3.62 -20.65
C LEU H 131 22.08 2.22 -21.18
N ASN H 132 21.48 1.87 -22.33
CA ASN H 132 21.74 0.57 -22.94
C ASN H 132 23.14 0.48 -23.54
N THR H 133 23.58 1.55 -24.20
CA THR H 133 24.91 1.77 -24.77
C THR H 133 25.52 3.04 -24.17
N PRO H 134 26.84 3.10 -23.98
CA PRO H 134 27.47 4.31 -23.41
C PRO H 134 27.41 5.51 -24.35
N ALA H 135 27.27 6.68 -23.74
CA ALA H 135 26.96 7.91 -24.46
C ALA H 135 28.23 8.50 -25.07
N ASP H 136 28.17 8.76 -26.39
CA ASP H 136 29.31 9.27 -27.14
C ASP H 136 29.03 10.68 -27.66
N PRO H 137 29.60 11.71 -27.04
CA PRO H 137 29.43 13.08 -27.57
C PRO H 137 30.26 13.42 -28.79
N ALA H 138 31.36 12.70 -29.05
CA ALA H 138 32.22 13.03 -30.17
C ALA H 138 31.62 12.66 -31.52
N SER H 139 30.62 11.79 -31.55
CA SER H 139 29.97 11.42 -32.79
C SER H 139 28.88 12.39 -33.21
N GLY H 140 28.51 13.34 -32.33
CA GLY H 140 27.43 14.23 -32.65
C GLY H 140 26.05 13.70 -32.30
N SER H 141 25.94 12.43 -31.90
CA SER H 141 24.67 11.84 -31.53
C SER H 141 24.84 10.95 -30.31
N ILE H 142 23.84 10.98 -29.44
CA ILE H 142 23.80 10.18 -28.22
C ILE H 142 22.44 9.49 -28.18
N ASP H 143 22.45 8.17 -28.12
CA ASP H 143 21.22 7.42 -27.98
C ASP H 143 20.86 7.45 -26.50
N LEU H 144 19.64 7.90 -26.21
CA LEU H 144 19.20 8.05 -24.83
C LEU H 144 18.24 6.96 -24.40
N SER H 145 18.23 5.84 -25.12
CA SER H 145 17.34 4.75 -24.79
C SER H 145 17.88 4.00 -23.59
N GLY H 146 16.97 3.56 -22.73
CA GLY H 146 17.38 2.83 -21.55
C GLY H 146 16.28 2.84 -20.52
N SER H 147 16.59 2.21 -19.40
CA SER H 147 15.70 2.12 -18.26
C SER H 147 16.04 3.23 -17.27
N THR H 148 15.04 3.63 -16.49
CA THR H 148 15.17 4.75 -15.58
C THR H 148 14.89 4.35 -14.14
N THR H 149 15.52 5.05 -13.20
CA THR H 149 15.24 4.92 -11.78
C THR H 149 14.96 6.32 -11.21
N LEU H 150 14.14 6.40 -10.17
CA LEU H 150 13.70 7.68 -9.64
C LEU H 150 14.74 8.26 -8.66
N SER H 151 14.95 9.56 -8.76
CA SER H 151 15.96 10.29 -7.99
C SER H 151 15.48 10.61 -6.57
N PRO H 152 16.38 11.09 -5.67
CA PRO H 152 15.89 11.55 -4.35
C PRO H 152 14.96 12.77 -4.37
N GLU H 153 15.19 13.75 -5.25
CA GLU H 153 14.26 14.87 -5.30
C GLU H 153 12.98 14.50 -6.05
N GLY H 154 13.07 13.53 -6.97
CA GLY H 154 11.86 13.07 -7.66
C GLY H 154 10.95 12.26 -6.77
N ALA H 155 11.50 11.49 -5.83
CA ALA H 155 10.65 10.76 -4.90
C ALA H 155 10.03 11.67 -3.85
N LYS H 156 10.68 12.80 -3.55
CA LYS H 156 10.11 13.80 -2.64
C LYS H 156 8.84 14.45 -3.19
N LEU H 157 8.84 14.80 -4.49
CA LEU H 157 7.69 15.48 -5.08
C LEU H 157 6.54 14.51 -5.33
N PHE H 158 6.83 13.29 -5.80
CA PHE H 158 5.78 12.34 -6.13
C PHE H 158 5.18 11.67 -4.90
N ILE H 159 5.83 11.79 -3.73
CA ILE H 159 5.40 11.36 -2.39
C ILE H 159 5.27 9.85 -2.25
N ALA H 160 4.43 9.22 -3.10
CA ALA H 160 4.05 7.82 -2.97
C ALA H 160 5.12 6.84 -3.45
N TYR H 161 6.13 7.28 -4.20
CA TYR H 161 7.12 6.35 -4.75
C TYR H 161 8.42 6.40 -3.95
N ASP H 162 9.11 5.26 -3.92
CA ASP H 162 10.41 5.11 -3.27
C ASP H 162 11.52 5.77 -4.09
N VAL H 163 12.61 6.13 -3.41
CA VAL H 163 13.81 6.59 -4.09
C VAL H 163 14.43 5.40 -4.81
N GLY H 164 14.73 5.54 -6.09
CA GLY H 164 15.23 4.41 -6.84
C GLY H 164 14.16 3.52 -7.40
N SER H 165 12.91 3.99 -7.42
CA SER H 165 11.81 3.25 -8.03
C SER H 165 12.00 3.20 -9.54
N PRO H 166 11.66 2.08 -10.18
CA PRO H 166 11.74 2.02 -11.64
C PRO H 166 10.62 2.82 -12.27
N LEU H 167 10.98 3.53 -13.33
CA LEU H 167 10.02 4.37 -14.03
C LEU H 167 9.81 3.82 -15.43
N ASP H 168 9.26 4.67 -16.31
CA ASP H 168 9.10 4.28 -17.70
C ASP H 168 10.47 4.21 -18.36
N PRO H 169 10.67 3.24 -19.27
CA PRO H 169 11.91 3.22 -20.04
C PRO H 169 11.93 4.33 -21.06
N THR H 170 13.13 4.74 -21.43
CA THR H 170 13.32 5.76 -22.44
C THR H 170 13.63 5.12 -23.79
N SER H 171 13.52 5.93 -24.85
CA SER H 171 13.89 5.50 -26.19
C SER H 171 14.33 6.73 -26.97
N GLY H 172 14.91 6.49 -28.13
CA GLY H 172 15.19 7.62 -29.00
C GLY H 172 16.64 8.04 -29.06
N THR H 173 17.07 8.41 -30.26
CA THR H 173 18.40 8.95 -30.51
C THR H 173 18.27 10.42 -30.88
N VAL H 174 18.93 11.28 -30.12
CA VAL H 174 18.92 12.73 -30.39
C VAL H 174 20.29 13.14 -30.91
N ALA H 175 20.29 14.20 -31.71
CA ALA H 175 21.54 14.77 -32.21
C ALA H 175 22.00 15.93 -31.33
N LEU H 176 23.28 16.25 -31.45
CA LEU H 176 23.93 17.27 -30.65
C LEU H 176 24.24 18.49 -31.51
N ASP H 177 24.35 19.65 -30.84
CA ASP H 177 24.75 20.96 -31.37
C ASP H 177 23.75 21.49 -32.41
N GLY H 178 22.50 21.64 -31.99
CA GLY H 178 21.48 22.19 -32.88
C GLY H 178 20.18 22.63 -32.23
N SER I 1 -28.44 11.87 -29.33
CA SER I 1 -27.43 12.64 -30.03
C SER I 1 -27.07 13.91 -29.28
N PHE I 2 -25.78 14.12 -29.03
CA PHE I 2 -25.30 15.37 -28.46
C PHE I 2 -24.96 16.33 -29.59
N ASN I 3 -25.55 17.51 -29.56
CA ASN I 3 -25.37 18.47 -30.65
C ASN I 3 -24.75 19.74 -30.09
N TRP I 4 -23.68 20.20 -30.76
CA TRP I 4 -22.95 21.42 -30.39
C TRP I 4 -22.16 21.92 -31.59
N GLY I 5 -22.33 23.20 -31.91
CA GLY I 5 -21.61 23.80 -33.03
C GLY I 5 -20.41 24.62 -32.62
N ILE I 6 -19.84 24.31 -31.43
CA ILE I 6 -18.71 24.99 -30.76
C ILE I 6 -19.06 26.46 -30.56
N ARG I 7 -18.85 27.27 -31.60
CA ARG I 7 -19.26 28.67 -31.63
C ARG I 7 -19.46 29.02 -33.11
N GLN I 8 -20.56 29.73 -33.41
CA GLN I 8 -20.92 30.08 -34.79
C GLN I 8 -19.92 31.03 -35.42
N SER I 9 -19.52 32.07 -34.69
CA SER I 9 -18.55 33.05 -35.17
C SER I 9 -17.18 32.44 -35.38
N TYR I 10 -16.85 31.40 -34.62
CA TYR I 10 -15.62 30.65 -34.86
C TYR I 10 -15.74 29.81 -36.13
N ARG I 11 -16.90 29.17 -36.33
CA ARG I 11 -17.14 28.37 -37.53
C ARG I 11 -17.25 29.24 -38.78
N HIS I 12 -17.71 30.48 -38.63
CA HIS I 12 -17.66 31.44 -39.72
C HIS I 12 -16.23 31.80 -40.07
N TYR I 13 -15.35 31.82 -39.08
CA TYR I 13 -13.96 32.18 -39.29
C TYR I 13 -13.16 31.07 -39.96
N ILE I 14 -13.48 29.82 -39.66
CA ILE I 14 -12.71 28.69 -40.17
C ILE I 14 -12.96 28.47 -41.66
N LEU I 15 -14.20 28.69 -42.10
CA LEU I 15 -14.50 28.36 -43.50
C LEU I 15 -14.55 29.57 -44.42
N LYS I 16 -14.99 30.73 -43.94
CA LYS I 16 -15.09 31.90 -44.79
C LYS I 16 -14.35 33.12 -44.27
N GLY I 17 -13.89 33.12 -43.02
CA GLY I 17 -13.28 34.28 -42.38
C GLY I 17 -11.82 34.47 -42.73
N ALA I 18 -11.02 34.95 -41.77
CA ALA I 18 -9.59 35.16 -42.01
C ALA I 18 -8.85 33.85 -42.16
N ALA I 19 -9.27 32.79 -41.47
CA ALA I 19 -8.70 31.47 -41.71
C ALA I 19 -9.21 30.87 -43.01
N GLY I 20 -10.45 31.19 -43.40
CA GLY I 20 -11.05 30.61 -44.59
C GLY I 20 -10.45 31.14 -45.88
N LYS I 21 -9.90 32.34 -45.84
CA LYS I 21 -9.18 32.87 -46.99
C LYS I 21 -7.85 32.16 -47.19
N THR I 22 -7.28 31.59 -46.14
CA THR I 22 -5.98 30.94 -46.23
C THR I 22 -6.06 29.43 -45.99
N GLY I 23 -7.02 28.79 -46.64
CA GLY I 23 -7.07 27.34 -46.69
C GLY I 23 -7.80 26.65 -45.59
N GLY I 24 -8.73 27.35 -44.92
CA GLY I 24 -9.36 26.78 -43.74
C GLY I 24 -10.43 25.75 -44.08
N GLN I 25 -10.47 24.68 -43.27
CA GLN I 25 -11.37 23.55 -43.47
C GLN I 25 -11.53 22.85 -42.13
N TRP I 26 -12.50 21.94 -42.06
CA TRP I 26 -12.51 20.99 -40.96
C TRP I 26 -12.83 19.61 -41.51
N ALA I 27 -12.33 18.60 -40.78
CA ALA I 27 -12.59 17.20 -41.08
C ALA I 27 -12.75 16.44 -39.78
N THR I 28 -13.71 15.53 -39.75
CA THR I 28 -14.01 14.71 -38.59
C THR I 28 -13.80 13.24 -38.92
N GLN I 29 -13.83 12.41 -37.87
CA GLN I 29 -14.13 11.00 -37.98
C GLN I 29 -15.26 10.69 -37.02
N GLY I 30 -16.31 10.01 -37.51
CA GLY I 30 -17.41 9.59 -36.66
C GLY I 30 -18.47 10.64 -36.35
N ILE I 31 -18.03 11.84 -36.02
CA ILE I 31 -18.92 12.92 -35.66
C ILE I 31 -19.40 13.56 -36.96
N GLY I 32 -20.70 13.80 -37.05
CA GLY I 32 -21.31 14.42 -38.22
C GLY I 32 -21.50 15.91 -38.05
N PHE I 33 -22.36 16.47 -38.90
CA PHE I 33 -22.77 17.87 -38.78
C PHE I 33 -24.20 17.97 -39.31
N SER I 34 -24.99 18.85 -38.72
CA SER I 34 -26.31 19.16 -39.22
C SER I 34 -26.50 20.68 -39.21
N GLY I 35 -27.21 21.20 -40.20
CA GLY I 35 -27.43 22.64 -40.33
C GLY I 35 -26.46 23.30 -41.29
N ASP I 36 -26.57 24.64 -41.36
CA ASP I 36 -25.61 25.46 -42.10
C ASP I 36 -24.28 25.48 -41.38
N LYS I 37 -23.19 25.39 -42.17
CA LYS I 37 -21.84 25.25 -41.64
C LYS I 37 -21.37 26.50 -40.89
N THR I 38 -21.84 27.68 -41.28
CA THR I 38 -21.49 28.93 -40.62
C THR I 38 -22.68 29.58 -39.91
N GLY I 39 -23.72 28.80 -39.60
CA GLY I 39 -24.94 29.33 -39.03
C GLY I 39 -25.18 28.92 -37.59
N ILE I 40 -26.21 29.53 -37.00
CA ILE I 40 -26.55 29.36 -35.59
C ILE I 40 -27.09 27.96 -35.32
N ASP I 41 -27.86 27.43 -36.28
CA ASP I 41 -28.44 26.10 -36.22
C ASP I 41 -27.46 25.00 -36.57
N GLY I 42 -26.23 25.36 -36.97
CA GLY I 42 -25.23 24.37 -37.26
C GLY I 42 -24.69 23.72 -36.00
N ALA I 43 -24.58 22.40 -36.01
CA ALA I 43 -24.13 21.66 -34.85
C ALA I 43 -23.47 20.36 -35.30
N PHE I 44 -22.33 20.06 -34.71
CA PHE I 44 -21.73 18.74 -34.85
C PHE I 44 -22.57 17.74 -34.07
N ASN I 45 -22.72 16.53 -34.61
CA ASN I 45 -23.61 15.53 -34.02
C ASN I 45 -22.77 14.43 -33.37
N PHE I 46 -22.87 14.33 -32.05
CA PHE I 46 -22.07 13.41 -31.25
C PHE I 46 -22.99 12.29 -30.77
N THR I 47 -22.63 11.06 -31.10
CA THR I 47 -23.38 9.85 -30.78
C THR I 47 -22.96 9.31 -29.42
N PRO I 48 -23.90 9.12 -28.49
CA PRO I 48 -23.52 8.74 -27.12
C PRO I 48 -23.06 7.30 -26.99
N GLY I 49 -22.05 7.10 -26.14
CA GLY I 49 -21.62 5.80 -25.69
C GLY I 49 -22.17 5.45 -24.32
N LYS I 50 -21.56 4.44 -23.70
CA LYS I 50 -22.02 3.95 -22.40
C LYS I 50 -21.58 4.89 -21.29
N ALA I 51 -22.53 5.33 -20.48
CA ALA I 51 -22.23 6.28 -19.42
C ALA I 51 -21.89 5.53 -18.14
N ARG I 52 -20.81 5.97 -17.48
CA ARG I 52 -20.43 5.42 -16.19
C ARG I 52 -21.04 6.31 -15.11
N ILE I 53 -22.06 5.80 -14.43
CA ILE I 53 -22.82 6.58 -13.45
C ILE I 53 -22.08 6.55 -12.13
N ASP I 54 -21.73 7.74 -11.61
CA ASP I 54 -20.98 7.87 -10.35
C ASP I 54 -21.76 8.82 -9.43
N GLY I 55 -22.82 8.31 -8.81
CA GLY I 55 -23.69 9.12 -7.95
C GLY I 55 -24.74 9.92 -8.70
N ASN I 56 -24.71 11.25 -8.57
CA ASN I 56 -25.54 12.14 -9.35
C ASN I 56 -24.77 12.72 -10.54
N SER I 57 -23.67 12.07 -10.91
CA SER I 57 -22.75 12.54 -11.93
C SER I 57 -22.51 11.41 -12.93
N ALA I 58 -22.95 11.60 -14.16
CA ALA I 58 -22.76 10.60 -15.21
C ALA I 58 -21.67 11.08 -16.16
N THR I 59 -20.78 10.16 -16.51
CA THR I 59 -19.64 10.45 -17.38
C THR I 59 -19.89 9.79 -18.73
N ILE I 60 -20.19 10.60 -19.74
CA ILE I 60 -20.65 10.12 -21.05
C ILE I 60 -19.55 10.38 -22.07
N PRO I 61 -18.96 9.35 -22.68
CA PRO I 61 -17.98 9.56 -23.74
C PRO I 61 -18.61 9.72 -25.12
N PHE I 62 -17.87 10.39 -26.00
CA PHE I 62 -18.28 10.63 -27.38
C PHE I 62 -17.07 10.36 -28.28
N PRO I 63 -17.09 9.24 -29.03
CA PRO I 63 -15.92 8.88 -29.86
C PRO I 63 -15.79 9.73 -31.11
N GLY I 64 -14.54 9.93 -31.52
CA GLY I 64 -14.21 10.60 -32.76
C GLY I 64 -13.37 11.84 -32.51
N PHE I 65 -12.97 12.48 -33.60
CA PHE I 65 -12.22 13.73 -33.50
C PHE I 65 -12.83 14.79 -34.40
N ILE I 66 -12.45 16.04 -34.11
CA ILE I 66 -12.67 17.17 -35.01
C ILE I 66 -11.31 17.86 -35.18
N HIS I 67 -10.90 18.07 -36.42
CA HIS I 67 -9.62 18.71 -36.73
C HIS I 67 -9.89 19.97 -37.53
N PHE I 68 -9.47 21.12 -36.98
CA PHE I 68 -9.56 22.40 -37.66
C PHE I 68 -8.19 22.81 -38.18
N LYS I 69 -8.15 23.26 -39.43
CA LYS I 69 -6.92 23.63 -40.12
C LYS I 69 -7.11 25.04 -40.68
N GLY I 70 -5.99 25.72 -40.94
CA GLY I 70 -6.07 27.05 -41.53
C GLY I 70 -4.71 27.70 -41.59
N HIS I 71 -4.69 28.86 -42.26
CA HIS I 71 -3.55 29.78 -42.38
C HIS I 71 -2.33 29.13 -43.05
N ASP I 72 -2.52 28.71 -44.29
CA ASP I 72 -1.39 28.38 -45.15
C ASP I 72 -1.09 29.62 -46.00
N HIS I 73 0.04 30.26 -45.69
CA HIS I 73 0.49 31.51 -46.31
C HIS I 73 1.72 31.27 -47.20
N GLY I 74 1.76 30.16 -47.92
CA GLY I 74 2.86 29.90 -48.82
C GLY I 74 4.09 29.29 -48.19
N SER I 75 4.11 29.12 -46.87
CA SER I 75 5.24 28.55 -46.14
C SER I 75 5.24 27.02 -46.13
N GLY I 76 4.19 26.39 -46.62
CA GLY I 76 4.09 24.95 -46.64
C GLY I 76 3.56 24.34 -45.37
N VAL I 77 3.21 25.16 -44.38
CA VAL I 77 2.80 24.69 -43.05
C VAL I 77 1.46 25.34 -42.76
N TYR I 78 0.48 24.55 -42.33
CA TYR I 78 -0.79 25.10 -41.86
C TYR I 78 -0.56 25.68 -40.46
N LEU I 79 -0.69 27.01 -40.35
CA LEU I 79 -0.36 27.70 -39.09
C LEU I 79 -1.46 27.52 -38.04
N LEU I 80 -2.72 27.46 -38.46
CA LEU I 80 -3.79 26.89 -37.65
C LEU I 80 -3.87 25.41 -37.98
N ASP I 81 -3.74 24.55 -36.97
CA ASP I 81 -3.62 23.11 -37.18
C ASP I 81 -4.03 22.46 -35.87
N MET I 82 -5.34 22.33 -35.64
CA MET I 82 -5.91 22.17 -34.31
C MET I 82 -6.80 20.93 -34.25
N THR I 83 -6.41 19.95 -33.43
CA THR I 83 -7.13 18.71 -33.26
C THR I 83 -7.86 18.71 -31.93
N PHE I 84 -9.12 18.29 -31.93
CA PHE I 84 -9.92 18.04 -30.73
C PHE I 84 -10.26 16.57 -30.70
N SER I 85 -9.90 15.86 -29.64
CA SER I 85 -10.25 14.45 -29.52
C SER I 85 -10.72 14.15 -28.10
N ASP I 86 -11.15 12.88 -27.89
CA ASP I 86 -11.58 12.31 -26.61
C ASP I 86 -12.72 13.11 -25.96
N TRP I 87 -13.79 13.32 -26.73
CA TRP I 87 -14.91 14.16 -26.30
C TRP I 87 -15.72 13.46 -25.22
N LYS I 88 -15.89 14.14 -24.07
CA LYS I 88 -16.59 13.61 -22.90
C LYS I 88 -17.36 14.72 -22.20
N VAL I 89 -18.47 14.36 -21.58
CA VAL I 89 -19.28 15.29 -20.78
C VAL I 89 -19.42 14.73 -19.36
N VAL I 90 -19.04 15.54 -18.37
CA VAL I 90 -19.26 15.22 -16.96
C VAL I 90 -20.32 16.18 -16.42
N THR I 91 -21.42 15.63 -15.94
CA THR I 91 -22.53 16.40 -15.38
C THR I 91 -22.41 16.53 -13.86
N HIS I 92 -22.88 17.66 -13.33
CA HIS I 92 -22.86 17.92 -11.90
C HIS I 92 -24.22 18.47 -11.43
N GLY I 93 -25.30 17.79 -11.81
CA GLY I 93 -26.62 18.26 -11.44
C GLY I 93 -27.14 19.38 -12.32
N SER I 94 -26.98 20.63 -11.89
CA SER I 94 -27.47 21.77 -12.66
C SER I 94 -26.47 22.27 -13.71
N THR I 95 -25.20 21.85 -13.64
CA THR I 95 -24.20 22.23 -14.63
C THR I 95 -23.53 20.98 -15.19
N ALA I 96 -22.92 21.12 -16.37
CA ALA I 96 -22.16 20.05 -16.98
C ALA I 96 -20.98 20.63 -17.77
N ASP I 97 -19.83 19.97 -17.68
CA ASP I 97 -18.61 20.42 -18.35
C ASP I 97 -18.35 19.61 -19.62
N ILE I 98 -17.83 20.28 -20.65
CA ILE I 98 -17.46 19.64 -21.91
C ILE I 98 -15.95 19.45 -21.91
N LEU I 99 -15.50 18.20 -21.91
CA LEU I 99 -14.08 17.87 -21.79
C LEU I 99 -13.51 17.39 -23.12
N VAL I 100 -12.26 17.80 -23.41
CA VAL I 100 -11.56 17.44 -24.64
C VAL I 100 -10.12 17.03 -24.32
N ASP I 101 -9.51 16.36 -25.30
CA ASP I 101 -8.07 16.27 -25.46
C ASP I 101 -7.68 17.04 -26.72
N TYR I 102 -6.83 18.05 -26.59
CA TYR I 102 -6.51 18.89 -27.73
C TYR I 102 -5.05 18.76 -28.15
N VAL I 103 -4.78 19.03 -29.44
CA VAL I 103 -3.43 19.24 -30.00
C VAL I 103 -3.54 20.48 -30.89
N SER I 104 -2.86 21.56 -30.51
CA SER I 104 -2.93 22.83 -31.25
C SER I 104 -1.56 23.50 -31.23
N TYR I 105 -1.48 24.73 -31.74
CA TYR I 105 -0.23 25.49 -31.83
C TYR I 105 -0.49 26.94 -31.41
N ASP I 106 0.44 27.53 -30.67
CA ASP I 106 0.26 28.91 -30.21
C ASP I 106 0.45 29.90 -31.35
N SER I 107 -0.08 31.11 -31.15
CA SER I 107 -0.06 32.13 -32.19
C SER I 107 -0.21 33.51 -31.58
N ASP I 108 0.46 34.50 -32.20
CA ASP I 108 0.32 35.90 -31.82
C ASP I 108 -0.63 36.66 -32.73
N MET I 109 -1.17 35.99 -33.76
CA MET I 109 -2.02 36.54 -34.83
C MET I 109 -1.31 37.65 -35.61
N SER I 110 0.02 37.61 -35.66
CA SER I 110 0.82 38.65 -36.33
C SER I 110 1.88 37.99 -37.20
N ASN I 111 2.58 36.98 -36.68
CA ASN I 111 3.54 36.23 -37.47
C ASN I 111 2.76 35.31 -38.41
N THR I 112 2.99 35.46 -39.71
CA THR I 112 2.22 34.73 -40.72
C THR I 112 3.04 33.72 -41.49
N LYS I 113 4.28 33.46 -41.07
CA LYS I 113 5.11 32.51 -41.78
C LYS I 113 5.59 31.33 -40.95
N ASP I 114 5.45 31.37 -39.63
CA ASP I 114 6.08 30.37 -38.76
C ASP I 114 5.07 29.81 -37.77
N ARG I 115 5.03 28.48 -37.66
CA ARG I 115 4.15 27.81 -36.70
C ARG I 115 4.68 27.95 -35.28
N GLY I 116 3.77 28.28 -34.35
CA GLY I 116 4.17 28.49 -32.98
C GLY I 116 4.37 27.18 -32.23
N PRO I 117 4.67 27.30 -30.93
CA PRO I 117 4.96 26.10 -30.13
C PRO I 117 3.71 25.28 -29.86
N LYS I 118 3.91 23.96 -29.82
CA LYS I 118 2.82 22.99 -29.72
C LYS I 118 2.15 23.03 -28.36
N ILE I 119 0.83 23.19 -28.33
CA ILE I 119 0.07 23.06 -27.09
C ILE I 119 -0.81 21.82 -27.18
N THR I 120 -0.64 20.94 -26.20
CA THR I 120 -1.50 19.78 -26.02
C THR I 120 -2.14 19.88 -24.63
N GLY I 121 -3.26 19.20 -24.47
CA GLY I 121 -3.92 19.15 -23.18
C GLY I 121 -4.78 17.92 -23.09
N ASP I 122 -4.83 17.22 -21.95
CA ASP I 122 -5.62 16.00 -21.84
C ASP I 122 -6.63 16.13 -20.71
N ASP I 123 -7.89 15.76 -21.00
CA ASP I 123 -9.03 15.83 -20.07
C ASP I 123 -9.28 17.24 -19.54
N VAL I 124 -9.13 18.23 -20.40
CA VAL I 124 -9.29 19.62 -20.01
C VAL I 124 -10.72 20.02 -20.31
N VAL I 125 -11.34 20.74 -19.37
CA VAL I 125 -12.68 21.29 -19.59
C VAL I 125 -12.60 22.37 -20.66
N LEU I 126 -13.42 22.23 -21.70
CA LEU I 126 -13.49 23.22 -22.77
C LEU I 126 -14.57 24.26 -22.50
N ALA I 127 -15.70 23.84 -21.95
CA ALA I 127 -16.84 24.72 -21.74
C ALA I 127 -17.66 24.19 -20.57
N THR I 128 -18.58 25.02 -20.09
CA THR I 128 -19.50 24.59 -19.03
C THR I 128 -20.92 24.86 -19.49
N ILE I 129 -21.73 23.81 -19.53
CA ILE I 129 -23.14 23.91 -19.92
C ILE I 129 -23.96 24.24 -18.67
N ASN I 130 -24.70 25.35 -18.71
CA ASN I 130 -25.74 25.58 -17.72
C ASN I 130 -27.01 24.92 -18.24
N LEU I 131 -27.32 23.76 -17.68
CA LEU I 131 -28.40 22.92 -18.21
C LEU I 131 -29.76 23.53 -17.90
N ASN I 132 -30.68 23.42 -18.87
CA ASN I 132 -32.04 23.95 -18.72
C ASN I 132 -32.83 23.15 -17.70
N THR I 133 -32.65 21.83 -17.68
CA THR I 133 -33.21 20.93 -16.69
C THR I 133 -32.06 20.26 -15.93
N PRO I 134 -32.22 20.02 -14.62
CA PRO I 134 -31.16 19.34 -13.87
C PRO I 134 -30.99 17.88 -14.26
N ALA I 135 -29.73 17.44 -14.33
CA ALA I 135 -29.39 16.13 -14.85
C ALA I 135 -29.69 15.06 -13.82
N ASP I 136 -30.43 14.03 -14.24
CA ASP I 136 -30.81 12.94 -13.35
C ASP I 136 -30.42 11.62 -14.00
N PRO I 137 -29.31 10.99 -13.57
CA PRO I 137 -28.93 9.70 -14.16
C PRO I 137 -29.80 8.53 -13.72
N ALA I 138 -30.60 8.69 -12.66
CA ALA I 138 -31.59 7.69 -12.29
C ALA I 138 -32.81 7.70 -13.20
N SER I 139 -32.98 8.73 -14.03
CA SER I 139 -34.06 8.79 -15.01
C SER I 139 -33.76 7.98 -16.25
N GLY I 140 -32.51 7.56 -16.45
CA GLY I 140 -32.09 6.80 -17.61
C GLY I 140 -31.66 7.63 -18.80
N SER I 141 -31.95 8.93 -18.81
CA SER I 141 -31.55 9.84 -19.88
C SER I 141 -31.23 11.20 -19.29
N ILE I 142 -30.37 11.95 -19.99
CA ILE I 142 -29.94 13.28 -19.58
C ILE I 142 -30.14 14.22 -20.75
N ASP I 143 -30.94 15.27 -20.54
CA ASP I 143 -31.05 16.34 -21.53
C ASP I 143 -29.84 17.24 -21.39
N LEU I 144 -29.06 17.35 -22.48
CA LEU I 144 -27.84 18.14 -22.49
C LEU I 144 -28.02 19.50 -23.16
N SER I 145 -29.25 20.02 -23.18
CA SER I 145 -29.50 21.34 -23.75
C SER I 145 -29.21 22.44 -22.75
N GLY I 146 -28.70 23.56 -23.24
CA GLY I 146 -28.40 24.69 -22.39
C GLY I 146 -27.41 25.62 -23.06
N SER I 147 -27.05 26.68 -22.34
CA SER I 147 -26.10 27.67 -22.82
C SER I 147 -24.68 27.32 -22.38
N THR I 148 -23.71 27.82 -23.13
CA THR I 148 -22.31 27.48 -22.93
C THR I 148 -21.48 28.74 -22.77
N THR I 149 -20.51 28.66 -21.87
CA THR I 149 -19.49 29.69 -21.68
C THR I 149 -18.13 29.02 -21.80
N LEU I 150 -17.12 29.77 -22.22
CA LEU I 150 -15.80 29.20 -22.46
C LEU I 150 -15.06 29.04 -21.14
N SER I 151 -14.29 27.96 -21.02
CA SER I 151 -13.47 27.68 -19.85
C SER I 151 -12.15 28.47 -19.92
N PRO I 152 -11.37 28.54 -18.82
CA PRO I 152 -10.02 29.12 -18.95
C PRO I 152 -9.07 28.31 -19.82
N GLU I 153 -9.29 27.01 -19.91
CA GLU I 153 -8.48 26.14 -20.74
C GLU I 153 -8.88 26.22 -22.20
N GLY I 154 -10.10 26.62 -22.50
CA GLY I 154 -10.48 26.94 -23.86
C GLY I 154 -9.99 28.30 -24.31
N ALA I 155 -9.97 29.27 -23.39
CA ALA I 155 -9.52 30.62 -23.73
C ALA I 155 -8.01 30.70 -23.96
N LYS I 156 -7.22 29.87 -23.27
CA LYS I 156 -5.79 29.76 -23.59
C LYS I 156 -5.60 29.07 -24.95
N LEU I 157 -6.49 28.13 -25.29
CA LEU I 157 -6.43 27.39 -26.54
C LEU I 157 -6.91 28.21 -27.72
N PHE I 158 -8.05 28.90 -27.58
CA PHE I 158 -8.62 29.69 -28.67
C PHE I 158 -7.97 31.05 -28.84
N ILE I 159 -7.16 31.49 -27.87
CA ILE I 159 -6.34 32.72 -27.85
C ILE I 159 -7.18 34.01 -27.86
N ALA I 160 -7.99 34.21 -28.92
CA ALA I 160 -8.68 35.48 -29.12
C ALA I 160 -9.86 35.69 -28.17
N TYR I 161 -10.46 34.62 -27.65
CA TYR I 161 -11.68 34.78 -26.86
C TYR I 161 -11.35 34.91 -25.37
N ASP I 162 -12.15 35.73 -24.68
CA ASP I 162 -12.03 35.95 -23.25
C ASP I 162 -12.59 34.76 -22.47
N VAL I 163 -12.22 34.68 -21.19
CA VAL I 163 -12.74 33.61 -20.33
C VAL I 163 -14.21 33.87 -20.00
N GLY I 164 -15.03 32.84 -20.17
CA GLY I 164 -16.45 32.97 -19.95
C GLY I 164 -17.22 33.49 -21.13
N SER I 165 -16.60 33.54 -22.31
CA SER I 165 -17.27 34.01 -23.52
C SER I 165 -18.36 33.03 -23.94
N PRO I 166 -19.53 33.53 -24.34
CA PRO I 166 -20.63 32.63 -24.71
C PRO I 166 -20.37 31.92 -26.03
N LEU I 167 -20.70 30.63 -26.06
CA LEU I 167 -20.45 29.75 -27.17
C LEU I 167 -21.79 29.35 -27.79
N ASP I 168 -21.76 28.38 -28.71
CA ASP I 168 -23.00 27.87 -29.28
C ASP I 168 -23.76 27.06 -28.23
N PRO I 169 -25.10 27.17 -28.21
CA PRO I 169 -25.86 26.37 -27.25
C PRO I 169 -25.88 24.91 -27.67
N THR I 170 -25.99 24.04 -26.68
CA THR I 170 -26.06 22.62 -26.91
C THR I 170 -27.52 22.18 -26.93
N SER I 171 -27.75 20.98 -27.45
CA SER I 171 -29.10 20.40 -27.46
C SER I 171 -28.98 18.89 -27.52
N GLY I 172 -30.13 18.25 -27.36
CA GLY I 172 -30.24 16.81 -27.57
C GLY I 172 -30.40 16.04 -26.27
N THR I 173 -31.24 15.02 -26.30
CA THR I 173 -31.42 14.11 -25.18
C THR I 173 -30.65 12.84 -25.49
N VAL I 174 -29.70 12.50 -24.62
CA VAL I 174 -28.86 11.33 -24.83
C VAL I 174 -29.24 10.25 -23.84
N ALA I 175 -29.07 9.01 -24.28
CA ALA I 175 -29.23 7.86 -23.41
C ALA I 175 -27.89 7.49 -22.81
N LEU I 176 -27.93 6.75 -21.71
CA LEU I 176 -26.73 6.43 -20.96
C LEU I 176 -26.13 5.10 -21.38
N ASP I 177 -26.63 4.50 -22.45
CA ASP I 177 -26.12 3.25 -22.98
C ASP I 177 -25.82 3.45 -24.46
N GLY I 178 -25.69 2.36 -25.20
CA GLY I 178 -25.39 2.42 -26.62
C GLY I 178 -26.61 2.33 -27.50
N SER J 1 9.18 43.02 -12.29
CA SER J 1 10.26 42.06 -12.34
C SER J 1 11.63 42.75 -12.36
N PHE J 2 12.54 42.27 -11.51
CA PHE J 2 13.89 42.82 -11.42
C PHE J 2 14.76 42.18 -12.48
N ASN J 3 15.42 43.01 -13.29
CA ASN J 3 16.14 42.53 -14.46
C ASN J 3 17.61 42.91 -14.38
N TRP J 4 18.49 41.92 -14.47
CA TRP J 4 19.93 42.15 -14.37
C TRP J 4 20.69 41.04 -15.06
N GLY J 5 21.65 41.40 -15.91
CA GLY J 5 22.44 40.44 -16.65
C GLY J 5 23.79 40.07 -16.08
N ILE J 6 23.99 40.33 -14.78
CA ILE J 6 25.24 40.26 -14.02
C ILE J 6 26.26 41.17 -14.70
N ARG J 7 27.00 40.65 -15.67
CA ARG J 7 27.90 41.46 -16.49
C ARG J 7 27.93 40.83 -17.88
N GLN J 8 27.89 41.68 -18.91
CA GLN J 8 27.84 41.26 -20.30
C GLN J 8 29.11 40.53 -20.73
N SER J 9 30.28 40.99 -20.28
CA SER J 9 31.54 40.34 -20.65
C SER J 9 31.70 39.00 -19.94
N TYR J 10 31.07 38.85 -18.78
CA TYR J 10 31.04 37.54 -18.13
C TYR J 10 30.09 36.60 -18.85
N ARG J 11 28.94 37.14 -19.33
CA ARG J 11 27.98 36.31 -20.07
C ARG J 11 28.53 35.84 -21.41
N HIS J 12 29.35 36.68 -22.06
CA HIS J 12 30.03 36.26 -23.28
C HIS J 12 31.11 35.23 -23.00
N TYR J 13 31.75 35.32 -21.83
CA TYR J 13 32.79 34.39 -21.45
C TYR J 13 32.23 33.00 -21.18
N ILE J 14 31.05 32.92 -20.57
CA ILE J 14 30.43 31.65 -20.26
C ILE J 14 29.90 30.98 -21.52
N LEU J 15 29.38 31.75 -22.48
CA LEU J 15 28.84 31.05 -23.66
C LEU J 15 29.78 31.04 -24.88
N LYS J 16 30.57 32.10 -25.13
CA LYS J 16 31.45 32.15 -26.29
C LYS J 16 32.91 32.44 -25.99
N GLY J 17 33.28 32.84 -24.77
CA GLY J 17 34.65 33.14 -24.44
C GLY J 17 35.46 31.89 -24.13
N ALA J 18 36.43 32.02 -23.21
CA ALA J 18 37.32 30.90 -22.91
C ALA J 18 36.61 29.78 -22.14
N ALA J 19 35.63 30.12 -21.29
CA ALA J 19 34.81 29.08 -20.68
C ALA J 19 33.83 28.48 -21.68
N GLY J 20 33.34 29.29 -22.61
CA GLY J 20 32.36 28.86 -23.60
C GLY J 20 32.87 27.91 -24.66
N LYS J 21 34.17 27.90 -24.88
CA LYS J 21 34.79 26.95 -25.79
C LYS J 21 35.03 25.60 -25.13
N THR J 22 34.76 25.48 -23.84
CA THR J 22 35.01 24.28 -23.05
C THR J 22 33.77 23.87 -22.28
N GLY J 23 32.59 23.96 -22.90
CA GLY J 23 31.37 23.46 -22.32
C GLY J 23 30.55 24.40 -21.46
N GLY J 24 30.63 25.71 -21.68
CA GLY J 24 29.94 26.64 -20.82
C GLY J 24 28.45 26.78 -21.08
N GLN J 25 27.70 27.06 -20.02
CA GLN J 25 26.24 26.98 -19.99
C GLN J 25 25.69 27.67 -18.75
N TRP J 26 24.37 27.87 -18.73
CA TRP J 26 23.63 28.12 -17.49
C TRP J 26 22.23 27.51 -17.53
N ALA J 27 21.62 27.33 -16.34
CA ALA J 27 20.20 26.95 -16.23
C ALA J 27 19.58 27.55 -14.97
N THR J 28 18.32 28.04 -15.06
CA THR J 28 17.56 28.64 -13.96
C THR J 28 16.11 28.15 -13.89
N GLN J 29 15.48 28.28 -12.68
CA GLN J 29 14.01 28.30 -12.47
C GLN J 29 13.65 29.49 -11.62
N GLY J 30 12.57 30.21 -11.99
CA GLY J 30 12.10 31.36 -11.28
C GLY J 30 12.80 32.63 -11.70
N ILE J 31 13.92 32.49 -12.39
CA ILE J 31 14.71 33.55 -12.96
C ILE J 31 14.66 33.30 -14.46
N GLY J 32 14.24 34.29 -15.23
CA GLY J 32 14.11 34.15 -16.66
C GLY J 32 15.33 34.68 -17.38
N PHE J 33 15.20 34.81 -18.69
CA PHE J 33 16.21 35.53 -19.45
C PHE J 33 15.51 36.15 -20.64
N SER J 34 15.80 37.42 -20.88
CA SER J 34 15.28 38.14 -22.02
C SER J 34 16.44 38.88 -22.66
N GLY J 35 16.41 38.99 -23.98
CA GLY J 35 17.43 39.70 -24.73
C GLY J 35 18.45 38.76 -25.31
N ASP J 36 19.51 39.34 -25.87
CA ASP J 36 20.61 38.56 -26.39
C ASP J 36 21.45 38.01 -25.23
N LYS J 37 21.82 36.72 -25.33
CA LYS J 37 22.53 36.04 -24.24
C LYS J 37 23.94 36.58 -24.02
N THR J 38 24.61 36.97 -25.10
CA THR J 38 25.94 37.57 -25.05
C THR J 38 25.91 39.03 -25.49
N GLY J 39 24.73 39.65 -25.46
CA GLY J 39 24.53 41.01 -25.90
C GLY J 39 24.25 41.98 -24.76
N ILE J 40 24.15 43.25 -25.14
CA ILE J 40 24.06 44.35 -24.18
C ILE J 40 22.69 44.39 -23.51
N ASP J 41 21.65 44.00 -24.25
CA ASP J 41 20.27 44.04 -23.76
C ASP J 41 19.90 42.86 -22.89
N GLY J 42 20.77 41.87 -22.73
CA GLY J 42 20.39 40.66 -22.02
C GLY J 42 20.40 40.82 -20.51
N ALA J 43 19.35 40.29 -19.89
CA ALA J 43 19.16 40.40 -18.46
C ALA J 43 18.40 39.18 -17.97
N PHE J 44 18.82 38.64 -16.82
CA PHE J 44 18.03 37.64 -16.13
C PHE J 44 16.84 38.32 -15.48
N ASN J 45 15.68 37.65 -15.46
CA ASN J 45 14.44 38.27 -14.98
C ASN J 45 14.08 37.67 -13.63
N PHE J 46 14.19 38.47 -12.58
CA PHE J 46 14.06 37.98 -11.20
C PHE J 46 12.66 38.30 -10.70
N THR J 47 12.01 37.31 -10.12
CA THR J 47 10.62 37.38 -9.65
C THR J 47 10.58 37.76 -8.17
N PRO J 48 9.86 38.82 -7.79
CA PRO J 48 9.89 39.30 -6.41
C PRO J 48 9.07 38.44 -5.45
N GLY J 49 9.54 38.38 -4.21
CA GLY J 49 8.79 37.80 -3.12
C GLY J 49 8.12 38.85 -2.24
N LYS J 50 7.60 38.38 -1.11
CA LYS J 50 6.93 39.23 -0.13
C LYS J 50 7.98 40.01 0.65
N ALA J 51 7.98 41.34 0.48
CA ALA J 51 9.06 42.18 0.98
C ALA J 51 8.91 42.45 2.47
N ARG J 52 9.97 43.02 3.05
CA ARG J 52 10.06 43.32 4.48
C ARG J 52 10.49 44.76 4.64
N ILE J 53 9.91 45.45 5.63
CA ILE J 53 10.13 46.89 5.86
C ILE J 53 10.80 47.06 7.21
N ASP J 54 11.97 47.72 7.23
CA ASP J 54 12.64 48.11 8.47
C ASP J 54 12.93 49.60 8.39
N GLY J 55 11.98 50.41 8.83
CA GLY J 55 12.17 51.84 8.80
C GLY J 55 12.07 52.41 7.40
N ASN J 56 13.19 52.92 6.89
CA ASN J 56 13.27 53.44 5.54
C ASN J 56 14.00 52.47 4.60
N SER J 57 14.13 51.20 4.98
CA SER J 57 14.89 50.21 4.21
C SER J 57 14.03 49.00 3.90
N ALA J 58 13.80 48.74 2.62
CA ALA J 58 13.05 47.58 2.17
C ALA J 58 13.99 46.45 1.71
N THR J 59 13.71 45.24 2.19
CA THR J 59 14.42 44.02 1.80
C THR J 59 13.51 43.15 0.95
N ILE J 60 13.83 43.02 -0.33
CA ILE J 60 12.97 42.35 -1.30
C ILE J 60 13.57 40.98 -1.61
N PRO J 61 12.87 39.88 -1.33
CA PRO J 61 13.39 38.54 -1.66
C PRO J 61 13.06 38.08 -3.08
N PHE J 62 13.91 37.18 -3.60
CA PHE J 62 13.76 36.63 -4.95
C PHE J 62 14.00 35.12 -4.97
N PRO J 63 13.00 34.29 -5.29
CA PRO J 63 13.25 32.84 -5.37
C PRO J 63 14.01 32.43 -6.62
N GLY J 64 14.82 31.38 -6.48
CA GLY J 64 15.46 30.69 -7.58
C GLY J 64 16.97 30.76 -7.52
N PHE J 65 17.61 30.12 -8.50
CA PHE J 65 19.07 30.25 -8.62
C PHE J 65 19.50 30.44 -10.08
N ILE J 66 20.74 30.88 -10.25
CA ILE J 66 21.45 30.84 -11.53
C ILE J 66 22.74 30.06 -11.29
N HIS J 67 22.99 29.05 -12.12
CA HIS J 67 24.16 28.19 -11.99
C HIS J 67 25.02 28.39 -13.23
N PHE J 68 26.25 28.86 -13.03
CA PHE J 68 27.23 29.01 -14.10
C PHE J 68 28.24 27.87 -14.06
N LYS J 69 28.57 27.33 -15.24
CA LYS J 69 29.58 26.29 -15.36
C LYS J 69 30.47 26.51 -16.58
N GLY J 70 31.68 25.96 -16.52
CA GLY J 70 32.59 26.08 -17.64
C GLY J 70 33.92 25.41 -17.33
N HIS J 71 34.79 25.43 -18.36
CA HIS J 71 36.21 24.99 -18.32
C HIS J 71 36.40 23.52 -17.99
N ASP J 72 35.75 22.66 -18.75
CA ASP J 72 36.14 21.25 -18.87
C ASP J 72 37.01 21.13 -20.12
N HIS J 73 38.27 20.80 -19.92
CA HIS J 73 39.24 20.70 -21.00
C HIS J 73 39.46 19.25 -21.41
N GLY J 74 38.38 18.47 -21.45
CA GLY J 74 38.42 17.09 -21.87
C GLY J 74 38.56 16.09 -20.75
N SER J 75 38.79 16.55 -19.52
CA SER J 75 38.96 15.68 -18.36
C SER J 75 37.64 15.24 -17.73
N GLY J 76 36.51 15.74 -18.23
CA GLY J 76 35.20 15.38 -17.72
C GLY J 76 34.70 16.19 -16.55
N VAL J 77 35.48 17.14 -16.04
CA VAL J 77 35.12 17.87 -14.83
C VAL J 77 35.16 19.37 -15.13
N TYR J 78 34.13 20.09 -14.66
CA TYR J 78 34.07 21.55 -14.80
C TYR J 78 34.90 22.22 -13.72
N LEU J 79 35.91 22.97 -14.14
CA LEU J 79 36.77 23.70 -13.21
C LEU J 79 36.13 25.01 -12.75
N LEU J 80 35.23 25.56 -13.56
CA LEU J 80 34.33 26.65 -13.18
C LEU J 80 32.96 26.04 -12.90
N ASP J 81 32.42 26.33 -11.73
CA ASP J 81 31.16 25.73 -11.28
C ASP J 81 30.60 26.72 -10.25
N MET J 82 29.74 27.62 -10.71
CA MET J 82 29.38 28.78 -9.91
C MET J 82 27.87 28.89 -9.77
N THR J 83 27.37 28.76 -8.53
CA THR J 83 25.95 28.81 -8.21
C THR J 83 25.64 30.11 -7.47
N PHE J 84 24.56 30.79 -7.85
CA PHE J 84 24.07 31.97 -7.14
C PHE J 84 22.64 31.72 -6.68
N SER J 85 22.42 31.56 -5.38
CA SER J 85 21.06 31.38 -4.85
C SER J 85 20.81 32.39 -3.74
N ASP J 86 19.58 32.36 -3.18
CA ASP J 86 19.07 33.26 -2.12
C ASP J 86 19.21 34.73 -2.53
N TRP J 87 18.66 35.04 -3.71
CA TRP J 87 18.74 36.38 -4.26
C TRP J 87 17.90 37.34 -3.45
N LYS J 88 18.51 38.46 -3.08
CA LYS J 88 17.87 39.52 -2.32
C LYS J 88 18.37 40.87 -2.80
N VAL J 89 17.51 41.88 -2.67
CA VAL J 89 17.88 43.28 -2.87
C VAL J 89 17.48 44.04 -1.61
N VAL J 90 18.45 44.65 -0.94
CA VAL J 90 18.23 45.53 0.20
C VAL J 90 18.45 46.97 -0.23
N THR J 91 17.41 47.79 -0.14
CA THR J 91 17.47 49.19 -0.53
C THR J 91 17.85 50.05 0.68
N HIS J 92 18.64 51.09 0.42
CA HIS J 92 19.12 52.01 1.47
C HIS J 92 18.96 53.46 1.03
N GLY J 93 17.80 53.79 0.49
CA GLY J 93 17.56 55.14 0.02
C GLY J 93 18.04 55.39 -1.39
N SER J 94 19.19 56.03 -1.53
CA SER J 94 19.73 56.33 -2.85
C SER J 94 20.57 55.20 -3.43
N THR J 95 20.94 54.20 -2.63
CA THR J 95 21.65 53.02 -3.13
C THR J 95 20.93 51.74 -2.69
N ALA J 96 21.20 50.64 -3.40
CA ALA J 96 20.66 49.33 -3.05
C ALA J 96 21.71 48.24 -3.25
N ASP J 97 21.75 47.27 -2.34
CA ASP J 97 22.72 46.17 -2.41
C ASP J 97 22.07 44.88 -2.91
N ILE J 98 22.79 44.18 -3.80
CA ILE J 98 22.36 42.87 -4.34
C ILE J 98 23.04 41.76 -3.55
N LEU J 99 22.24 40.88 -2.94
CA LEU J 99 22.74 39.82 -2.06
C LEU J 99 22.45 38.42 -2.61
N VAL J 100 23.44 37.52 -2.47
CA VAL J 100 23.34 36.13 -2.93
C VAL J 100 23.93 35.17 -1.88
N ASP J 101 23.61 33.88 -2.05
CA ASP J 101 24.37 32.77 -1.49
C ASP J 101 25.12 32.09 -2.62
N TYR J 102 26.44 31.99 -2.49
CA TYR J 102 27.23 31.40 -3.55
C TYR J 102 27.90 30.09 -3.15
N VAL J 103 28.14 29.25 -4.16
CA VAL J 103 29.06 28.12 -4.13
C VAL J 103 29.90 28.21 -5.40
N SER J 104 31.21 28.31 -5.24
CA SER J 104 32.11 28.41 -6.38
C SER J 104 33.42 27.72 -6.03
N TYR J 105 34.37 27.80 -6.97
CA TYR J 105 35.66 27.15 -6.83
C TYR J 105 36.73 28.12 -7.27
N ASP J 106 37.80 28.17 -6.50
CA ASP J 106 38.92 29.07 -6.77
C ASP J 106 39.76 28.57 -7.94
N SER J 107 40.56 29.48 -8.50
CA SER J 107 41.38 29.15 -9.66
C SER J 107 42.59 30.07 -9.76
N ASP J 108 43.67 29.50 -10.31
CA ASP J 108 44.84 30.24 -10.75
C ASP J 108 44.76 30.63 -12.22
N MET J 109 43.74 30.11 -12.91
CA MET J 109 43.50 30.26 -14.36
C MET J 109 44.69 29.76 -15.18
N SER J 110 45.34 28.70 -14.69
CA SER J 110 46.49 28.08 -15.34
C SER J 110 46.38 26.57 -15.27
N ASN J 111 46.05 26.05 -14.10
CA ASN J 111 45.87 24.61 -13.91
C ASN J 111 44.56 24.22 -14.56
N THR J 112 44.66 23.56 -15.72
CA THR J 112 43.51 23.13 -16.49
C THR J 112 43.21 21.65 -16.27
N LYS J 113 43.90 21.02 -15.32
CA LYS J 113 43.53 19.70 -14.83
C LYS J 113 42.78 19.76 -13.51
N ASP J 114 43.33 20.41 -12.49
CA ASP J 114 42.87 20.24 -11.12
C ASP J 114 41.94 21.37 -10.69
N ARG J 115 40.81 21.01 -10.09
CA ARG J 115 39.84 22.00 -9.61
C ARG J 115 40.30 22.57 -8.28
N GLY J 116 40.12 23.88 -8.10
CA GLY J 116 40.59 24.56 -6.91
C GLY J 116 39.64 24.36 -5.74
N PRO J 117 39.97 25.02 -4.62
CA PRO J 117 39.16 24.85 -3.41
C PRO J 117 37.81 25.54 -3.51
N LYS J 118 36.82 24.91 -2.89
CA LYS J 118 35.45 25.41 -2.82
C LYS J 118 35.42 26.69 -2.01
N ILE J 119 34.69 27.69 -2.50
CA ILE J 119 34.37 28.88 -1.72
C ILE J 119 32.85 29.00 -1.62
N THR J 120 32.36 29.29 -0.42
CA THR J 120 30.95 29.58 -0.19
C THR J 120 30.82 30.96 0.44
N GLY J 121 29.63 31.52 0.35
CA GLY J 121 29.31 32.75 1.07
C GLY J 121 27.81 32.82 1.27
N ASP J 122 27.33 33.06 2.47
CA ASP J 122 25.89 33.13 2.74
C ASP J 122 25.56 34.53 3.20
N ASP J 123 24.47 35.11 2.65
CA ASP J 123 23.98 36.49 2.89
C ASP J 123 25.08 37.53 2.62
N VAL J 124 25.84 37.31 1.56
CA VAL J 124 26.95 38.17 1.19
C VAL J 124 26.47 39.19 0.16
N VAL J 125 27.00 40.41 0.20
CA VAL J 125 26.70 41.43 -0.80
C VAL J 125 27.46 41.09 -2.08
N LEU J 126 26.74 40.96 -3.18
CA LEU J 126 27.36 40.70 -4.47
C LEU J 126 27.62 41.98 -5.26
N ALA J 127 26.70 42.94 -5.22
CA ALA J 127 26.81 44.16 -6.01
C ALA J 127 26.04 45.27 -5.32
N THR J 128 26.33 46.51 -5.72
CA THR J 128 25.67 47.69 -5.18
C THR J 128 25.07 48.48 -6.33
N ILE J 129 23.76 48.75 -6.25
CA ILE J 129 23.05 49.51 -7.29
C ILE J 129 23.10 50.98 -6.93
N ASN J 130 23.67 51.80 -7.81
CA ASN J 130 23.52 53.25 -7.72
C ASN J 130 22.24 53.62 -8.46
N LEU J 131 21.16 53.87 -7.71
CA LEU J 131 19.83 54.04 -8.28
C LEU J 131 19.66 55.38 -9.01
N ASN J 132 18.87 55.36 -10.09
CA ASN J 132 18.61 56.57 -10.87
C ASN J 132 17.71 57.56 -10.10
N THR J 133 16.69 57.05 -9.42
CA THR J 133 15.82 57.79 -8.52
C THR J 133 15.88 57.12 -7.15
N PRO J 134 15.78 57.89 -6.04
CA PRO J 134 15.92 57.29 -4.71
C PRO J 134 14.74 56.38 -4.33
N ALA J 135 15.08 55.31 -3.61
CA ALA J 135 14.12 54.24 -3.33
C ALA J 135 13.26 54.61 -2.13
N ASP J 136 11.95 54.61 -2.30
CA ASP J 136 11.02 54.93 -1.24
C ASP J 136 10.18 53.70 -0.92
N PRO J 137 10.41 53.04 0.23
CA PRO J 137 9.58 51.88 0.59
C PRO J 137 8.17 52.24 1.02
N ALA J 138 7.94 53.48 1.45
CA ALA J 138 6.62 53.91 1.92
C ALA J 138 5.61 54.13 0.80
N SER J 139 6.07 54.27 -0.45
CA SER J 139 5.13 54.46 -1.55
C SER J 139 4.54 53.16 -2.08
N GLY J 140 5.05 52.00 -1.66
CA GLY J 140 4.57 50.72 -2.17
C GLY J 140 5.24 50.25 -3.44
N SER J 141 6.03 51.11 -4.09
CA SER J 141 6.72 50.81 -5.33
C SER J 141 8.13 51.34 -5.23
N ILE J 142 9.10 50.59 -5.74
CA ILE J 142 10.51 50.95 -5.70
C ILE J 142 11.11 50.76 -7.08
N ASP J 143 11.70 51.83 -7.62
CA ASP J 143 12.46 51.77 -8.87
C ASP J 143 13.83 51.17 -8.59
N LEU J 144 14.14 50.08 -9.30
CA LEU J 144 15.39 49.37 -9.10
C LEU J 144 16.36 49.59 -10.26
N SER J 145 16.10 50.58 -11.10
CA SER J 145 16.97 50.88 -12.23
C SER J 145 18.18 51.70 -11.78
N GLY J 146 19.31 51.43 -12.40
CA GLY J 146 20.52 52.15 -12.08
C GLY J 146 21.75 51.40 -12.55
N SER J 147 22.90 51.98 -12.25
CA SER J 147 24.18 51.37 -12.57
C SER J 147 24.69 50.57 -11.37
N THR J 148 25.50 49.56 -11.65
CA THR J 148 25.94 48.61 -10.64
C THR J 148 27.46 48.55 -10.57
N THR J 149 27.98 48.32 -9.38
CA THR J 149 29.40 48.17 -9.14
C THR J 149 29.66 46.92 -8.32
N LEU J 150 30.86 46.36 -8.49
CA LEU J 150 31.23 45.10 -7.88
C LEU J 150 31.69 45.25 -6.43
N SER J 151 31.25 44.32 -5.58
CA SER J 151 31.58 44.28 -4.16
C SER J 151 32.98 43.67 -3.99
N PRO J 152 33.60 43.77 -2.79
CA PRO J 152 34.86 43.03 -2.59
C PRO J 152 34.73 41.53 -2.61
N GLU J 153 33.63 40.98 -2.09
CA GLU J 153 33.51 39.53 -2.06
C GLU J 153 33.13 38.95 -3.42
N GLY J 154 32.45 39.73 -4.26
CA GLY J 154 32.21 39.30 -5.63
C GLY J 154 33.46 39.31 -6.49
N ALA J 155 34.39 40.22 -6.20
CA ALA J 155 35.65 40.25 -6.95
C ALA J 155 36.56 39.11 -6.56
N LYS J 156 36.50 38.67 -5.30
CA LYS J 156 37.16 37.42 -4.89
C LYS J 156 36.51 36.23 -5.57
N LEU J 157 35.20 36.30 -5.72
CA LEU J 157 34.41 35.24 -6.33
C LEU J 157 34.64 35.16 -7.83
N PHE J 158 34.66 36.29 -8.52
CA PHE J 158 34.87 36.32 -9.97
C PHE J 158 36.34 36.30 -10.36
N ILE J 159 37.26 36.54 -9.41
CA ILE J 159 38.74 36.47 -9.50
C ILE J 159 39.33 37.55 -10.43
N ALA J 160 38.91 37.60 -11.70
CA ALA J 160 39.56 38.41 -12.72
C ALA J 160 39.24 39.90 -12.68
N TYR J 161 38.22 40.35 -11.95
CA TYR J 161 37.83 41.76 -11.96
C TYR J 161 38.32 42.53 -10.75
N ASP J 162 38.47 43.84 -10.93
CA ASP J 162 38.82 44.72 -9.83
C ASP J 162 37.59 44.93 -8.93
N VAL J 163 37.86 45.27 -7.67
CA VAL J 163 36.80 45.67 -6.75
C VAL J 163 36.23 47.01 -7.20
N GLY J 164 34.90 47.08 -7.34
CA GLY J 164 34.28 48.28 -7.84
C GLY J 164 34.18 48.36 -9.35
N SER J 165 34.37 47.24 -10.04
CA SER J 165 34.23 47.19 -11.48
C SER J 165 32.77 47.40 -11.88
N PRO J 166 32.51 48.09 -13.00
CA PRO J 166 31.12 48.28 -13.43
C PRO J 166 30.55 46.99 -14.00
N LEU J 167 29.30 46.74 -13.66
CA LEU J 167 28.57 45.57 -14.10
C LEU J 167 27.44 46.03 -15.02
N ASP J 168 26.52 45.12 -15.31
CA ASP J 168 25.36 45.43 -16.14
C ASP J 168 24.42 46.36 -15.39
N PRO J 169 23.77 47.30 -16.09
CA PRO J 169 22.75 48.11 -15.43
C PRO J 169 21.48 47.29 -15.19
N THR J 170 20.75 47.68 -14.15
CA THR J 170 19.51 47.00 -13.80
C THR J 170 18.31 47.74 -14.38
N SER J 171 17.16 47.06 -14.35
CA SER J 171 15.90 47.67 -14.74
C SER J 171 14.77 46.97 -13.98
N GLY J 172 13.60 47.55 -14.06
CA GLY J 172 12.39 46.95 -13.53
C GLY J 172 11.93 47.61 -12.24
N THR J 173 10.62 47.79 -12.12
CA THR J 173 9.99 48.32 -10.91
C THR J 173 9.14 47.21 -10.29
N VAL J 174 9.43 46.89 -9.03
CA VAL J 174 8.73 45.83 -8.32
C VAL J 174 7.82 46.44 -7.27
N ALA J 175 6.75 45.71 -6.94
CA ALA J 175 5.90 46.04 -5.82
C ALA J 175 6.37 45.26 -4.60
N LEU J 176 5.97 45.74 -3.42
CA LEU J 176 6.53 45.22 -2.17
C LEU J 176 5.59 44.26 -1.45
N ASP J 177 4.54 43.77 -2.12
CA ASP J 177 3.59 42.86 -1.50
C ASP J 177 3.66 41.43 -2.04
N GLY J 178 4.15 41.24 -3.26
CA GLY J 178 4.27 39.91 -3.83
C GLY J 178 5.23 39.86 -5.01
#